data_8USS
# 
_entry.id   8USS 
# 
_audit_conform.dict_name       mmcif_pdbx.dic 
_audit_conform.dict_version    5.397 
_audit_conform.dict_location   http://mmcif.pdb.org/dictionaries/ascii/mmcif_pdbx.dic 
# 
loop_
_database_2.database_id 
_database_2.database_code 
_database_2.pdbx_database_accession 
_database_2.pdbx_DOI 
PDB   8USS         pdb_00008uss 10.2210/pdb8uss/pdb 
WWPDB D_1000278569 ?            ?                   
# 
loop_
_pdbx_audit_revision_history.ordinal 
_pdbx_audit_revision_history.data_content_type 
_pdbx_audit_revision_history.major_revision 
_pdbx_audit_revision_history.minor_revision 
_pdbx_audit_revision_history.revision_date 
1 'Structure model' 1 0 2024-04-03 
2 'Structure model' 1 1 2024-04-17 
3 'Structure model' 1 2 2024-05-01 
4 'Structure model' 1 3 2024-10-09 
# 
_pdbx_audit_revision_details.ordinal             1 
_pdbx_audit_revision_details.revision_ordinal    1 
_pdbx_audit_revision_details.data_content_type   'Structure model' 
_pdbx_audit_revision_details.provider            repository 
_pdbx_audit_revision_details.type                'Initial release' 
_pdbx_audit_revision_details.description         ? 
_pdbx_audit_revision_details.details             ? 
# 
loop_
_pdbx_audit_revision_group.ordinal 
_pdbx_audit_revision_group.revision_ordinal 
_pdbx_audit_revision_group.data_content_type 
_pdbx_audit_revision_group.group 
1 2 'Structure model' 'Database references' 
2 3 'Structure model' 'Database references' 
3 4 'Structure model' 'Structure summary'   
# 
loop_
_pdbx_audit_revision_category.ordinal 
_pdbx_audit_revision_category.revision_ordinal 
_pdbx_audit_revision_category.data_content_type 
_pdbx_audit_revision_category.category 
1 2 'Structure model' citation                  
2 2 'Structure model' citation_author           
3 3 'Structure model' citation                  
4 3 'Structure model' citation_author           
5 4 'Structure model' pdbx_entry_details        
6 4 'Structure model' pdbx_modification_feature 
# 
loop_
_pdbx_audit_revision_item.ordinal 
_pdbx_audit_revision_item.revision_ordinal 
_pdbx_audit_revision_item.data_content_type 
_pdbx_audit_revision_item.item 
1 2 'Structure model' '_citation.pdbx_database_id_PubMed'            
2 2 'Structure model' '_citation.title'                              
3 3 'Structure model' '_citation.journal_volume'                     
4 3 'Structure model' '_citation.page_first'                         
5 3 'Structure model' '_citation.page_last'                          
6 3 'Structure model' '_citation_author.identifier_ORCID'            
7 4 'Structure model' '_pdbx_entry_details.has_protein_modification' 
# 
_pdbx_database_status.status_code                     REL 
_pdbx_database_status.status_code_sf                  REL 
_pdbx_database_status.status_code_mr                  ? 
_pdbx_database_status.entry_id                        8USS 
_pdbx_database_status.recvd_initial_deposition_date   2023-10-29 
_pdbx_database_status.SG_entry                        N 
_pdbx_database_status.deposit_site                    RCSB 
_pdbx_database_status.process_site                    RCSB 
_pdbx_database_status.status_code_cs                  ? 
_pdbx_database_status.status_code_nmr_data            ? 
_pdbx_database_status.methods_development_category    ? 
_pdbx_database_status.pdb_format_compatible           Y 
# 
_pdbx_contact_author.id                 3 
_pdbx_contact_author.email              maria.argiriadi@abbvie.com 
_pdbx_contact_author.name_first         Maria 
_pdbx_contact_author.name_last          Argiriadi 
_pdbx_contact_author.name_mi            ? 
_pdbx_contact_author.role               'principal investigator/group leader' 
_pdbx_contact_author.identifier_ORCID   0000-0001-5813-5758 
# 
loop_
_audit_author.name 
_audit_author.pdbx_ordinal 
_audit_author.identifier_ORCID 
'Argiriadi, M.A.' 1 0000-0001-5813-5758 
'Ramos, A.L.'     2 0009-0009-8824-9807 
# 
_citation.abstract                  ? 
_citation.abstract_id_CAS           ? 
_citation.book_id_ISBN              ? 
_citation.book_publisher            ? 
_citation.book_publisher_city       ? 
_citation.book_title                ? 
_citation.coordinate_linkage        ? 
_citation.country                   US 
_citation.database_id_Medline       ? 
_citation.details                   ? 
_citation.id                        primary 
_citation.journal_abbrev            J.Med.Chem. 
_citation.journal_id_ASTM           JMCMAR 
_citation.journal_id_CSD            0151 
_citation.journal_id_ISSN           0022-2623 
_citation.journal_full              ? 
_citation.journal_issue             ? 
_citation.journal_volume            67 
_citation.language                  ? 
_citation.page_first                6456 
_citation.page_last                 6494 
_citation.title                     
;Discovery of Small Molecule Interleukin 17A Inhibitors with Novel Binding Mode and Stoichiometry: Optimization of DNA-Encoded Chemical Library Hits to In Vivo Active Compounds.
;
_citation.year                      2024 
_citation.database_id_CSD           ? 
_citation.pdbx_database_id_DOI      10.1021/acs.jmedchem.3c02397 
_citation.pdbx_database_id_PubMed   38574366 
_citation.pdbx_database_id_patent   ? 
_citation.unpublished_flag          ? 
# 
loop_
_citation_author.citation_id 
_citation_author.name 
_citation_author.ordinal 
_citation_author.identifier_ORCID 
primary 'Ramos, A.L.'         1  0009-0009-8824-9807 
primary 'Goedken, E.R.'       2  ?                   
primary 'Frank, K.E.'         3  0000-0001-7915-8334 
primary 'Argiriadi, M.A.'     4  ?                   
primary 'Bazzaz, S.'          5  ?                   
primary 'Bian, Z.'            6  ?                   
primary 'Brown, J.T.C.'       7  ?                   
primary 'Centrella, P.A.'     8  ?                   
primary 'Chen, H.J.'          9  ?                   
primary 'Disch, J.S.'         10 0000-0002-0357-1672 
primary 'Donner, P.L.'        11 ?                   
primary 'Duignan, D.B.'       12 ?                   
primary 'Gikunju, D.'         13 ?                   
primary 'Greszler, S.N.'      14 0000-0003-1993-2417 
primary 'Guie, M.A.'          15 ?                   
primary 'Habeshian, S.'       16 ?                   
primary 'Hartl, H.E.'         17 ?                   
primary 'Hein, C.D.'          18 ?                   
primary 'Hutchins, C.W.'      19 ?                   
primary 'Jetson, R.'          20 ?                   
primary 'Keefe, A.D.'         21 ?                   
primary 'Khan, H.'            22 ?                   
primary 'Li, H.Q.'            23 ?                   
primary 'Olszewski, A.'       24 ?                   
primary 'Ortiz Cardona, B.J.' 25 0000-0001-5016-9427 
primary 'Osuma, A.'           26 ?                   
primary 'Panchal, S.C.'       27 ?                   
primary 'Phelan, R.'          28 0000-0002-7462-8787 
primary 'Qiu, W.'             29 ?                   
primary 'Shotwell, J.B.'      30 0000-0002-7758-146X 
primary 'Shrestha, A.'        31 ?                   
primary 'Srikumaran, M.'      32 ?                   
primary 'Su, Z.'              33 ?                   
primary 'Sun, C.'             34 ?                   
primary 'Upadhyay, A.K.'      35 ?                   
primary 'Wood, M.D.'          36 ?                   
primary 'Wu, H.'              37 ?                   
primary 'Zhang, R.'           38 0000-0002-7251-5527 
primary 'Zhang, Y.'           39 ?                   
primary 'Zhao, G.'            40 ?                   
primary 'Zhu, H.'             41 ?                   
primary 'Webster, M.P.'       42 0000-0002-0205-1819 
# 
loop_
_entity.id 
_entity.type 
_entity.src_method 
_entity.pdbx_description 
_entity.formula_weight 
_entity.pdbx_number_of_molecules 
_entity.pdbx_ec 
_entity.pdbx_mutation 
_entity.pdbx_fragment 
_entity.details 
1 polymer     man Interleukin-17A 14537.343 1  ? ? ? ? 
2 non-polymer syn 
;4,5-dichloro-N-[(1S)-1-cyclohexyl-2-{[(3S)-5-methyl-4-oxo-2,3,4,5-tetrahydro-1,5-benzoxazepin-3-yl]amino}-2-oxoethyl]-1H-pyrrole-2-carboxamide
;
493.383   1  ? ? ? ? 
3 non-polymer syn 'CHLORIDE ION' 35.453    1  ? ? ? ? 
4 water       nat water 18.015    72 ? ? ? ? 
# 
_entity_name_com.entity_id   1 
_entity_name_com.name        'IL-17,IL-17A,Cytotoxic T-lymphocyte-associated antigen 8,CTLA-8' 
# 
_entity_poly.entity_id                      1 
_entity_poly.type                           'polypeptide(L)' 
_entity_poly.nstd_linkage                   no 
_entity_poly.nstd_monomer                   no 
_entity_poly.pdbx_seq_one_letter_code       
;GSAMAPNSEDKNFPRTVMVNLNIHNRNTNTNPKRSSDYYNRSTSPWNLHRNEDPERYPSVIWEAKCRHLGCINADGNVDY
HMNSVPIQQEILVLRREPPHSPNSFRLEKILVSVGCTCVTPIVHHVA
;
_entity_poly.pdbx_seq_one_letter_code_can   
;GSAMAPNSEDKNFPRTVMVNLNIHNRNTNTNPKRSSDYYNRSTSPWNLHRNEDPERYPSVIWEAKCRHLGCINADGNVDY
HMNSVPIQQEILVLRREPPHSPNSFRLEKILVSVGCTCVTPIVHHVA
;
_entity_poly.pdbx_strand_id                 A 
_entity_poly.pdbx_target_identifier         ? 
# 
loop_
_pdbx_entity_nonpoly.entity_id 
_pdbx_entity_nonpoly.name 
_pdbx_entity_nonpoly.comp_id 
2 
;4,5-dichloro-N-[(1S)-1-cyclohexyl-2-{[(3S)-5-methyl-4-oxo-2,3,4,5-tetrahydro-1,5-benzoxazepin-3-yl]amino}-2-oxoethyl]-1H-pyrrole-2-carboxamide
;
XCW 
3 'CHLORIDE ION' CL  
4 water HOH 
# 
loop_
_entity_poly_seq.entity_id 
_entity_poly_seq.num 
_entity_poly_seq.mon_id 
_entity_poly_seq.hetero 
1 1   GLY n 
1 2   SER n 
1 3   ALA n 
1 4   MET n 
1 5   ALA n 
1 6   PRO n 
1 7   ASN n 
1 8   SER n 
1 9   GLU n 
1 10  ASP n 
1 11  LYS n 
1 12  ASN n 
1 13  PHE n 
1 14  PRO n 
1 15  ARG n 
1 16  THR n 
1 17  VAL n 
1 18  MET n 
1 19  VAL n 
1 20  ASN n 
1 21  LEU n 
1 22  ASN n 
1 23  ILE n 
1 24  HIS n 
1 25  ASN n 
1 26  ARG n 
1 27  ASN n 
1 28  THR n 
1 29  ASN n 
1 30  THR n 
1 31  ASN n 
1 32  PRO n 
1 33  LYS n 
1 34  ARG n 
1 35  SER n 
1 36  SER n 
1 37  ASP n 
1 38  TYR n 
1 39  TYR n 
1 40  ASN n 
1 41  ARG n 
1 42  SER n 
1 43  THR n 
1 44  SER n 
1 45  PRO n 
1 46  TRP n 
1 47  ASN n 
1 48  LEU n 
1 49  HIS n 
1 50  ARG n 
1 51  ASN n 
1 52  GLU n 
1 53  ASP n 
1 54  PRO n 
1 55  GLU n 
1 56  ARG n 
1 57  TYR n 
1 58  PRO n 
1 59  SER n 
1 60  VAL n 
1 61  ILE n 
1 62  TRP n 
1 63  GLU n 
1 64  ALA n 
1 65  LYS n 
1 66  CYS n 
1 67  ARG n 
1 68  HIS n 
1 69  LEU n 
1 70  GLY n 
1 71  CYS n 
1 72  ILE n 
1 73  ASN n 
1 74  ALA n 
1 75  ASP n 
1 76  GLY n 
1 77  ASN n 
1 78  VAL n 
1 79  ASP n 
1 80  TYR n 
1 81  HIS n 
1 82  MET n 
1 83  ASN n 
1 84  SER n 
1 85  VAL n 
1 86  PRO n 
1 87  ILE n 
1 88  GLN n 
1 89  GLN n 
1 90  GLU n 
1 91  ILE n 
1 92  LEU n 
1 93  VAL n 
1 94  LEU n 
1 95  ARG n 
1 96  ARG n 
1 97  GLU n 
1 98  PRO n 
1 99  PRO n 
1 100 HIS n 
1 101 SER n 
1 102 PRO n 
1 103 ASN n 
1 104 SER n 
1 105 PHE n 
1 106 ARG n 
1 107 LEU n 
1 108 GLU n 
1 109 LYS n 
1 110 ILE n 
1 111 LEU n 
1 112 VAL n 
1 113 SER n 
1 114 VAL n 
1 115 GLY n 
1 116 CYS n 
1 117 THR n 
1 118 CYS n 
1 119 VAL n 
1 120 THR n 
1 121 PRO n 
1 122 ILE n 
1 123 VAL n 
1 124 HIS n 
1 125 HIS n 
1 126 VAL n 
1 127 ALA n 
# 
_entity_src_gen.entity_id                          1 
_entity_src_gen.pdbx_src_id                        1 
_entity_src_gen.pdbx_alt_source_flag               sample 
_entity_src_gen.pdbx_seq_type                      'Biological sequence' 
_entity_src_gen.pdbx_beg_seq_num                   1 
_entity_src_gen.pdbx_end_seq_num                   127 
_entity_src_gen.gene_src_common_name               human 
_entity_src_gen.gene_src_genus                     ? 
_entity_src_gen.pdbx_gene_src_gene                 'IL17A, CTLA8, IL17' 
_entity_src_gen.gene_src_species                   ? 
_entity_src_gen.gene_src_strain                    ? 
_entity_src_gen.gene_src_tissue                    ? 
_entity_src_gen.gene_src_tissue_fraction           ? 
_entity_src_gen.gene_src_details                   ? 
_entity_src_gen.pdbx_gene_src_fragment             ? 
_entity_src_gen.pdbx_gene_src_scientific_name      'Homo sapiens' 
_entity_src_gen.pdbx_gene_src_ncbi_taxonomy_id     9606 
_entity_src_gen.pdbx_gene_src_variant              ? 
_entity_src_gen.pdbx_gene_src_cell_line            ? 
_entity_src_gen.pdbx_gene_src_atcc                 ? 
_entity_src_gen.pdbx_gene_src_organ                ? 
_entity_src_gen.pdbx_gene_src_organelle            ? 
_entity_src_gen.pdbx_gene_src_cell                 ? 
_entity_src_gen.pdbx_gene_src_cellular_location    ? 
_entity_src_gen.host_org_common_name               ? 
_entity_src_gen.pdbx_host_org_scientific_name      'Escherichia coli' 
_entity_src_gen.pdbx_host_org_ncbi_taxonomy_id     562 
_entity_src_gen.host_org_genus                     ? 
_entity_src_gen.pdbx_host_org_gene                 ? 
_entity_src_gen.pdbx_host_org_organ                ? 
_entity_src_gen.host_org_species                   ? 
_entity_src_gen.pdbx_host_org_tissue               ? 
_entity_src_gen.pdbx_host_org_tissue_fraction      ? 
_entity_src_gen.pdbx_host_org_strain               ? 
_entity_src_gen.pdbx_host_org_variant              ? 
_entity_src_gen.pdbx_host_org_cell_line            ? 
_entity_src_gen.pdbx_host_org_atcc                 ? 
_entity_src_gen.pdbx_host_org_culture_collection   ? 
_entity_src_gen.pdbx_host_org_cell                 ? 
_entity_src_gen.pdbx_host_org_organelle            ? 
_entity_src_gen.pdbx_host_org_cellular_location    ? 
_entity_src_gen.pdbx_host_org_vector_type          ? 
_entity_src_gen.pdbx_host_org_vector               ? 
_entity_src_gen.host_org_details                   ? 
_entity_src_gen.expression_system_id               ? 
_entity_src_gen.plasmid_name                       ? 
_entity_src_gen.plasmid_details                    ? 
_entity_src_gen.pdbx_description                   ? 
# 
loop_
_chem_comp.id 
_chem_comp.type 
_chem_comp.mon_nstd_flag 
_chem_comp.name 
_chem_comp.pdbx_synonyms 
_chem_comp.formula 
_chem_comp.formula_weight 
ALA 'L-peptide linking' y ALANINE ? 'C3 H7 N O2'        89.093  
ARG 'L-peptide linking' y ARGININE ? 'C6 H15 N4 O2 1'    175.209 
ASN 'L-peptide linking' y ASPARAGINE ? 'C4 H8 N2 O3'       132.118 
ASP 'L-peptide linking' y 'ASPARTIC ACID' ? 'C4 H7 N O4'        133.103 
CL  non-polymer         . 'CHLORIDE ION' ? 'Cl -1'             35.453  
CYS 'L-peptide linking' y CYSTEINE ? 'C3 H7 N O2 S'      121.158 
GLN 'L-peptide linking' y GLUTAMINE ? 'C5 H10 N2 O3'      146.144 
GLU 'L-peptide linking' y 'GLUTAMIC ACID' ? 'C5 H9 N O4'        147.129 
GLY 'peptide linking'   y GLYCINE ? 'C2 H5 N O2'        75.067  
HIS 'L-peptide linking' y HISTIDINE ? 'C6 H10 N3 O2 1'    156.162 
HOH non-polymer         . WATER ? 'H2 O'              18.015  
ILE 'L-peptide linking' y ISOLEUCINE ? 'C6 H13 N O2'       131.173 
LEU 'L-peptide linking' y LEUCINE ? 'C6 H13 N O2'       131.173 
LYS 'L-peptide linking' y LYSINE ? 'C6 H15 N2 O2 1'    147.195 
MET 'L-peptide linking' y METHIONINE ? 'C5 H11 N O2 S'     149.211 
PHE 'L-peptide linking' y PHENYLALANINE ? 'C9 H11 N O2'       165.189 
PRO 'L-peptide linking' y PROLINE ? 'C5 H9 N O2'        115.130 
SER 'L-peptide linking' y SERINE ? 'C3 H7 N O3'        105.093 
THR 'L-peptide linking' y THREONINE ? 'C4 H9 N O3'        119.119 
TRP 'L-peptide linking' y TRYPTOPHAN ? 'C11 H12 N2 O2'     204.225 
TYR 'L-peptide linking' y TYROSINE ? 'C9 H11 N O3'       181.189 
VAL 'L-peptide linking' y VALINE ? 'C5 H11 N O2'       117.146 
XCW non-polymer         . 
;4,5-dichloro-N-[(1S)-1-cyclohexyl-2-{[(3S)-5-methyl-4-oxo-2,3,4,5-tetrahydro-1,5-benzoxazepin-3-yl]amino}-2-oxoethyl]-1H-pyrrole-2-carboxamide
;
? 'C23 H26 Cl2 N4 O4' 493.383 
# 
loop_
_pdbx_poly_seq_scheme.asym_id 
_pdbx_poly_seq_scheme.entity_id 
_pdbx_poly_seq_scheme.seq_id 
_pdbx_poly_seq_scheme.mon_id 
_pdbx_poly_seq_scheme.ndb_seq_num 
_pdbx_poly_seq_scheme.pdb_seq_num 
_pdbx_poly_seq_scheme.auth_seq_num 
_pdbx_poly_seq_scheme.pdb_mon_id 
_pdbx_poly_seq_scheme.auth_mon_id 
_pdbx_poly_seq_scheme.pdb_strand_id 
_pdbx_poly_seq_scheme.pdb_ins_code 
_pdbx_poly_seq_scheme.hetero 
A 1 1   GLY 1   29  ?   ?   ?   A . n 
A 1 2   SER 2   30  ?   ?   ?   A . n 
A 1 3   ALA 3   31  ?   ?   ?   A . n 
A 1 4   MET 4   32  ?   ?   ?   A . n 
A 1 5   ALA 5   33  ?   ?   ?   A . n 
A 1 6   PRO 6   34  ?   ?   ?   A . n 
A 1 7   ASN 7   35  ?   ?   ?   A . n 
A 1 8   SER 8   36  ?   ?   ?   A . n 
A 1 9   GLU 9   37  ?   ?   ?   A . n 
A 1 10  ASP 10  38  ?   ?   ?   A . n 
A 1 11  LYS 11  39  ?   ?   ?   A . n 
A 1 12  ASN 12  40  ?   ?   ?   A . n 
A 1 13  PHE 13  41  ?   ?   ?   A . n 
A 1 14  PRO 14  42  ?   ?   ?   A . n 
A 1 15  ARG 15  43  43  ARG ARG A . n 
A 1 16  THR 16  44  44  THR THR A . n 
A 1 17  VAL 17  45  45  VAL VAL A . n 
A 1 18  MET 18  46  46  MET MET A . n 
A 1 19  VAL 19  47  47  VAL VAL A . n 
A 1 20  ASN 20  48  48  ASN ASN A . n 
A 1 21  LEU 21  49  49  LEU LEU A . n 
A 1 22  ASN 22  50  50  ASN ASN A . n 
A 1 23  ILE 23  51  51  ILE ILE A . n 
A 1 24  HIS 24  52  52  HIS HIS A . n 
A 1 25  ASN 25  53  53  ASN ASN A . n 
A 1 26  ARG 26  54  54  ARG ARG A . n 
A 1 27  ASN 27  55  55  ASN ASN A . n 
A 1 28  THR 28  56  56  THR THR A . n 
A 1 29  ASN 29  57  57  ASN ASN A . n 
A 1 30  THR 30  58  58  THR THR A . n 
A 1 31  ASN 31  59  59  ASN ASN A . n 
A 1 32  PRO 32  60  60  PRO PRO A . n 
A 1 33  LYS 33  61  61  LYS LYS A . n 
A 1 34  ARG 34  62  62  ARG ARG A . n 
A 1 35  SER 35  63  63  SER SER A . n 
A 1 36  SER 36  64  64  SER SER A . n 
A 1 37  ASP 37  65  65  ASP ASP A . n 
A 1 38  TYR 38  66  66  TYR TYR A . n 
A 1 39  TYR 39  67  67  TYR TYR A . n 
A 1 40  ASN 40  68  68  ASN ASN A . n 
A 1 41  ARG 41  69  69  ARG ARG A . n 
A 1 42  SER 42  70  70  SER SER A . n 
A 1 43  THR 43  71  71  THR THR A . n 
A 1 44  SER 44  72  72  SER SER A . n 
A 1 45  PRO 45  73  73  PRO PRO A . n 
A 1 46  TRP 46  74  74  TRP TRP A . n 
A 1 47  ASN 47  75  75  ASN ASN A . n 
A 1 48  LEU 48  76  76  LEU LEU A . n 
A 1 49  HIS 49  77  77  HIS HIS A . n 
A 1 50  ARG 50  78  78  ARG ARG A . n 
A 1 51  ASN 51  79  79  ASN ASN A . n 
A 1 52  GLU 52  80  80  GLU GLU A . n 
A 1 53  ASP 53  81  81  ASP ASP A . n 
A 1 54  PRO 54  82  82  PRO PRO A . n 
A 1 55  GLU 55  83  83  GLU GLU A . n 
A 1 56  ARG 56  84  84  ARG ARG A . n 
A 1 57  TYR 57  85  85  TYR TYR A . n 
A 1 58  PRO 58  86  86  PRO PRO A . n 
A 1 59  SER 59  87  87  SER SER A . n 
A 1 60  VAL 60  88  88  VAL VAL A . n 
A 1 61  ILE 61  89  89  ILE ILE A . n 
A 1 62  TRP 62  90  90  TRP TRP A . n 
A 1 63  GLU 63  91  91  GLU GLU A . n 
A 1 64  ALA 64  92  92  ALA ALA A . n 
A 1 65  LYS 65  93  93  LYS LYS A . n 
A 1 66  CYS 66  94  94  CYS CYS A . n 
A 1 67  ARG 67  95  95  ARG ARG A . n 
A 1 68  HIS 68  96  96  HIS HIS A . n 
A 1 69  LEU 69  97  97  LEU LEU A . n 
A 1 70  GLY 70  98  98  GLY GLY A . n 
A 1 71  CYS 71  99  99  CYS CYS A . n 
A 1 72  ILE 72  100 100 ILE ILE A . n 
A 1 73  ASN 73  101 101 ASN ASN A . n 
A 1 74  ALA 74  102 102 ALA ALA A . n 
A 1 75  ASP 75  103 103 ASP ASP A . n 
A 1 76  GLY 76  104 104 GLY GLY A . n 
A 1 77  ASN 77  105 105 ASN ASN A . n 
A 1 78  VAL 78  106 106 VAL VAL A . n 
A 1 79  ASP 79  107 107 ASP ASP A . n 
A 1 80  TYR 80  108 108 TYR TYR A . n 
A 1 81  HIS 81  109 109 HIS HIS A . n 
A 1 82  MET 82  110 110 MET MET A . n 
A 1 83  ASN 83  111 111 ASN ASN A . n 
A 1 84  SER 84  112 112 SER SER A . n 
A 1 85  VAL 85  113 113 VAL VAL A . n 
A 1 86  PRO 86  114 114 PRO PRO A . n 
A 1 87  ILE 87  115 115 ILE ILE A . n 
A 1 88  GLN 88  116 116 GLN GLN A . n 
A 1 89  GLN 89  117 117 GLN GLN A . n 
A 1 90  GLU 90  118 118 GLU GLU A . n 
A 1 91  ILE 91  119 119 ILE ILE A . n 
A 1 92  LEU 92  120 120 LEU LEU A . n 
A 1 93  VAL 93  121 121 VAL VAL A . n 
A 1 94  LEU 94  122 122 LEU LEU A . n 
A 1 95  ARG 95  123 123 ARG ARG A . n 
A 1 96  ARG 96  124 124 ARG ARG A . n 
A 1 97  GLU 97  125 125 GLU GLU A . n 
A 1 98  PRO 98  126 126 PRO PRO A . n 
A 1 99  PRO 99  127 127 PRO PRO A . n 
A 1 100 HIS 100 128 ?   ?   ?   A . n 
A 1 101 SER 101 129 ?   ?   ?   A . n 
A 1 102 PRO 102 130 ?   ?   ?   A . n 
A 1 103 ASN 103 131 ?   ?   ?   A . n 
A 1 104 SER 104 132 ?   ?   ?   A . n 
A 1 105 PHE 105 133 ?   ?   ?   A . n 
A 1 106 ARG 106 134 134 ARG ARG A . n 
A 1 107 LEU 107 135 135 LEU LEU A . n 
A 1 108 GLU 108 136 136 GLU GLU A . n 
A 1 109 LYS 109 137 137 LYS LYS A . n 
A 1 110 ILE 110 138 138 ILE ILE A . n 
A 1 111 LEU 111 139 139 LEU LEU A . n 
A 1 112 VAL 112 140 140 VAL VAL A . n 
A 1 113 SER 113 141 141 SER SER A . n 
A 1 114 VAL 114 142 142 VAL VAL A . n 
A 1 115 GLY 115 143 143 GLY GLY A . n 
A 1 116 CYS 116 144 144 CYS CYS A . n 
A 1 117 THR 117 145 145 THR THR A . n 
A 1 118 CYS 118 146 146 CYS CYS A . n 
A 1 119 VAL 119 147 147 VAL VAL A . n 
A 1 120 THR 120 148 148 THR THR A . n 
A 1 121 PRO 121 149 149 PRO PRO A . n 
A 1 122 ILE 122 150 150 ILE ILE A . n 
A 1 123 VAL 123 151 151 VAL VAL A . n 
A 1 124 HIS 124 152 152 HIS HIS A . n 
A 1 125 HIS 125 153 153 HIS HIS A . n 
A 1 126 VAL 126 154 154 VAL VAL A . n 
A 1 127 ALA 127 155 155 ALA ALA A . n 
# 
_pdbx_entity_instance_feature.ordinal        1 
_pdbx_entity_instance_feature.comp_id        XCW 
_pdbx_entity_instance_feature.asym_id        ? 
_pdbx_entity_instance_feature.seq_num        ? 
_pdbx_entity_instance_feature.auth_comp_id   XCW 
_pdbx_entity_instance_feature.auth_asym_id   ? 
_pdbx_entity_instance_feature.auth_seq_num   ? 
_pdbx_entity_instance_feature.feature_type   'SUBJECT OF INVESTIGATION' 
_pdbx_entity_instance_feature.details        ? 
# 
loop_
_pdbx_nonpoly_scheme.asym_id 
_pdbx_nonpoly_scheme.entity_id 
_pdbx_nonpoly_scheme.mon_id 
_pdbx_nonpoly_scheme.ndb_seq_num 
_pdbx_nonpoly_scheme.pdb_seq_num 
_pdbx_nonpoly_scheme.auth_seq_num 
_pdbx_nonpoly_scheme.pdb_mon_id 
_pdbx_nonpoly_scheme.auth_mon_id 
_pdbx_nonpoly_scheme.pdb_strand_id 
_pdbx_nonpoly_scheme.pdb_ins_code 
B 2 XCW 1  201 1  XCW UNL A . 
C 3 CL  1  202 1  CL  CL  A . 
D 4 HOH 1  301 50 HOH HOH A . 
D 4 HOH 2  302 73 HOH HOH A . 
D 4 HOH 3  303 65 HOH HOH A . 
D 4 HOH 4  304 66 HOH HOH A . 
D 4 HOH 5  305 60 HOH HOH A . 
D 4 HOH 6  306 69 HOH HOH A . 
D 4 HOH 7  307 42 HOH HOH A . 
D 4 HOH 8  308 45 HOH HOH A . 
D 4 HOH 9  309 43 HOH HOH A . 
D 4 HOH 10 310 71 HOH HOH A . 
D 4 HOH 11 311 44 HOH HOH A . 
D 4 HOH 12 312 28 HOH HOH A . 
D 4 HOH 13 313 19 HOH HOH A . 
D 4 HOH 14 314 70 HOH HOH A . 
D 4 HOH 15 315 7  HOH HOH A . 
D 4 HOH 16 316 10 HOH HOH A . 
D 4 HOH 17 317 6  HOH HOH A . 
D 4 HOH 18 318 30 HOH HOH A . 
D 4 HOH 19 319 24 HOH HOH A . 
D 4 HOH 20 320 61 HOH HOH A . 
D 4 HOH 21 321 54 HOH HOH A . 
D 4 HOH 22 322 72 HOH HOH A . 
D 4 HOH 23 323 63 HOH HOH A . 
D 4 HOH 24 324 14 HOH HOH A . 
D 4 HOH 25 325 2  HOH HOH A . 
D 4 HOH 26 326 1  HOH HOH A . 
D 4 HOH 27 327 15 HOH HOH A . 
D 4 HOH 28 328 46 HOH HOH A . 
D 4 HOH 29 329 3  HOH HOH A . 
D 4 HOH 30 330 62 HOH HOH A . 
D 4 HOH 31 331 4  HOH HOH A . 
D 4 HOH 32 332 67 HOH HOH A . 
D 4 HOH 33 333 8  HOH HOH A . 
D 4 HOH 34 334 23 HOH HOH A . 
D 4 HOH 35 335 49 HOH HOH A . 
D 4 HOH 36 336 34 HOH HOH A . 
D 4 HOH 37 337 17 HOH HOH A . 
D 4 HOH 38 338 47 HOH HOH A . 
D 4 HOH 39 339 22 HOH HOH A . 
D 4 HOH 40 340 12 HOH HOH A . 
D 4 HOH 41 341 38 HOH HOH A . 
D 4 HOH 42 342 40 HOH HOH A . 
D 4 HOH 43 343 36 HOH HOH A . 
D 4 HOH 44 344 21 HOH HOH A . 
D 4 HOH 45 345 37 HOH HOH A . 
D 4 HOH 46 346 27 HOH HOH A . 
D 4 HOH 47 347 51 HOH HOH A . 
D 4 HOH 48 348 41 HOH HOH A . 
D 4 HOH 49 349 5  HOH HOH A . 
D 4 HOH 50 350 20 HOH HOH A . 
D 4 HOH 51 351 25 HOH HOH A . 
D 4 HOH 52 352 9  HOH HOH A . 
D 4 HOH 53 353 11 HOH HOH A . 
D 4 HOH 54 354 57 HOH HOH A . 
D 4 HOH 55 355 33 HOH HOH A . 
D 4 HOH 56 356 13 HOH HOH A . 
D 4 HOH 57 357 48 HOH HOH A . 
D 4 HOH 58 358 53 HOH HOH A . 
D 4 HOH 59 359 18 HOH HOH A . 
D 4 HOH 60 360 16 HOH HOH A . 
D 4 HOH 61 361 39 HOH HOH A . 
D 4 HOH 62 362 55 HOH HOH A . 
D 4 HOH 63 363 59 HOH HOH A . 
D 4 HOH 64 364 52 HOH HOH A . 
D 4 HOH 65 365 35 HOH HOH A . 
D 4 HOH 66 366 56 HOH HOH A . 
D 4 HOH 67 367 32 HOH HOH A . 
D 4 HOH 68 368 26 HOH HOH A . 
D 4 HOH 69 369 31 HOH HOH A . 
D 4 HOH 70 370 29 HOH HOH A . 
D 4 HOH 71 371 58 HOH HOH A . 
D 4 HOH 72 372 68 HOH HOH A . 
# 
loop_
_pdbx_unobs_or_zero_occ_atoms.id 
_pdbx_unobs_or_zero_occ_atoms.PDB_model_num 
_pdbx_unobs_or_zero_occ_atoms.polymer_flag 
_pdbx_unobs_or_zero_occ_atoms.occupancy_flag 
_pdbx_unobs_or_zero_occ_atoms.auth_asym_id 
_pdbx_unobs_or_zero_occ_atoms.auth_comp_id 
_pdbx_unobs_or_zero_occ_atoms.auth_seq_id 
_pdbx_unobs_or_zero_occ_atoms.PDB_ins_code 
_pdbx_unobs_or_zero_occ_atoms.auth_atom_id 
_pdbx_unobs_or_zero_occ_atoms.label_alt_id 
_pdbx_unobs_or_zero_occ_atoms.label_asym_id 
_pdbx_unobs_or_zero_occ_atoms.label_comp_id 
_pdbx_unobs_or_zero_occ_atoms.label_seq_id 
_pdbx_unobs_or_zero_occ_atoms.label_atom_id 
1  1 Y 1 A ARG 43  ? CG  ? A ARG 15 CG  
2  1 Y 1 A ARG 43  ? CD  ? A ARG 15 CD  
3  1 Y 1 A ARG 43  ? NE  ? A ARG 15 NE  
4  1 Y 1 A ARG 43  ? CZ  ? A ARG 15 CZ  
5  1 Y 1 A ARG 43  ? NH1 ? A ARG 15 NH1 
6  1 Y 1 A ARG 43  ? NH2 ? A ARG 15 NH2 
7  1 Y 1 A THR 44  ? OG1 ? A THR 16 OG1 
8  1 Y 1 A THR 44  ? CG2 ? A THR 16 CG2 
9  1 Y 1 A VAL 45  ? CG1 ? A VAL 17 CG1 
10 1 Y 1 A VAL 45  ? CG2 ? A VAL 17 CG2 
11 1 Y 1 A HIS 52  ? CG  ? A HIS 24 CG  
12 1 Y 1 A HIS 52  ? ND1 ? A HIS 24 ND1 
13 1 Y 1 A HIS 52  ? CD2 ? A HIS 24 CD2 
14 1 Y 1 A HIS 52  ? CE1 ? A HIS 24 CE1 
15 1 Y 1 A HIS 52  ? NE2 ? A HIS 24 NE2 
16 1 Y 1 A ARG 62  ? CG  ? A ARG 34 CG  
17 1 Y 1 A ARG 62  ? CD  ? A ARG 34 CD  
18 1 Y 1 A ARG 62  ? NE  ? A ARG 34 NE  
19 1 Y 1 A ARG 62  ? CZ  ? A ARG 34 CZ  
20 1 Y 1 A ARG 62  ? NH1 ? A ARG 34 NH1 
21 1 Y 1 A ARG 62  ? NH2 ? A ARG 34 NH2 
22 1 Y 1 A GLU 125 ? CG  ? A GLU 97 CG  
23 1 Y 1 A GLU 125 ? CD  ? A GLU 97 CD  
24 1 Y 1 A GLU 125 ? OE1 ? A GLU 97 OE1 
25 1 Y 1 A GLU 125 ? OE2 ? A GLU 97 OE2 
# 
loop_
_software.citation_id 
_software.classification 
_software.compiler_name 
_software.compiler_version 
_software.contact_author 
_software.contact_author_email 
_software.date 
_software.description 
_software.dependencies 
_software.hardware 
_software.language 
_software.location 
_software.mods 
_software.name 
_software.os 
_software.os_version 
_software.type 
_software.version 
_software.pdbx_ordinal 
? refinement       ? ? ? ? ? ? ? ? ? ? ? PHENIX   ? ? ? 1.20.1_4487 1 
? refinement       ? ? ? ? ? ? ? ? ? ? ? REFMAC   ? ? ? v7.0        2 
? phasing          ? ? ? ? ? ? ? ? ? ? ? PHASER   ? ? ? .           3 
? 'data reduction' ? ? ? ? ? ? ? ? ? ? ? autoPROC ? ? ? .           4 
? 'data scaling'   ? ? ? ? ? ? ? ? ? ? ? autoPROC ? ? ? .           5 
# 
_cell.angle_alpha                  90.000 
_cell.angle_alpha_esd              ? 
_cell.angle_beta                   90.000 
_cell.angle_beta_esd               ? 
_cell.angle_gamma                  90.000 
_cell.angle_gamma_esd              ? 
_cell.entry_id                     8USS 
_cell.details                      ? 
_cell.formula_units_Z              ? 
_cell.length_a                     36.600 
_cell.length_a_esd                 ? 
_cell.length_b                     50.380 
_cell.length_b_esd                 ? 
_cell.length_c                     157.360 
_cell.length_c_esd                 ? 
_cell.volume                       290157.363 
_cell.volume_esd                   ? 
_cell.Z_PDB                        8 
_cell.reciprocal_angle_alpha       ? 
_cell.reciprocal_angle_beta        ? 
_cell.reciprocal_angle_gamma       ? 
_cell.reciprocal_angle_alpha_esd   ? 
_cell.reciprocal_angle_beta_esd    ? 
_cell.reciprocal_angle_gamma_esd   ? 
_cell.reciprocal_length_a          ? 
_cell.reciprocal_length_b          ? 
_cell.reciprocal_length_c          ? 
_cell.reciprocal_length_a_esd      ? 
_cell.reciprocal_length_b_esd      ? 
_cell.reciprocal_length_c_esd      ? 
_cell.pdbx_unique_axis             ? 
_cell.pdbx_esd_method              ? 
# 
_symmetry.entry_id                         8USS 
_symmetry.cell_setting                     ? 
_symmetry.Int_Tables_number                23 
_symmetry.space_group_name_Hall            'I 2 2' 
_symmetry.space_group_name_H-M             'I 2 2 2' 
_symmetry.pdbx_full_space_group_name_H-M   ? 
# 
_exptl.absorpt_coefficient_mu     ? 
_exptl.absorpt_correction_T_max   ? 
_exptl.absorpt_correction_T_min   ? 
_exptl.absorpt_correction_type    ? 
_exptl.absorpt_process_details    ? 
_exptl.entry_id                   8USS 
_exptl.crystals_number            1 
_exptl.details                    ? 
_exptl.method                     'X-RAY DIFFRACTION' 
_exptl.method_details             ? 
# 
_exptl_crystal.colour                       ? 
_exptl_crystal.density_diffrn               ? 
_exptl_crystal.density_Matthews             2.48 
_exptl_crystal.density_method               ? 
_exptl_crystal.density_percent_sol          50.46 
_exptl_crystal.description                  ? 
_exptl_crystal.F_000                        ? 
_exptl_crystal.id                           1 
_exptl_crystal.preparation                  ? 
_exptl_crystal.size_max                     ? 
_exptl_crystal.size_mid                     ? 
_exptl_crystal.size_min                     ? 
_exptl_crystal.size_rad                     ? 
_exptl_crystal.colour_lustre                ? 
_exptl_crystal.colour_modifier              ? 
_exptl_crystal.colour_primary               ? 
_exptl_crystal.density_meas                 ? 
_exptl_crystal.density_meas_esd             ? 
_exptl_crystal.density_meas_gt              ? 
_exptl_crystal.density_meas_lt              ? 
_exptl_crystal.density_meas_temp            ? 
_exptl_crystal.density_meas_temp_esd        ? 
_exptl_crystal.density_meas_temp_gt         ? 
_exptl_crystal.density_meas_temp_lt         ? 
_exptl_crystal.pdbx_crystal_image_url       ? 
_exptl_crystal.pdbx_crystal_image_format    ? 
_exptl_crystal.pdbx_mosaicity               ? 
_exptl_crystal.pdbx_mosaicity_esd           ? 
_exptl_crystal.pdbx_mosaic_method           ? 
_exptl_crystal.pdbx_mosaic_block_size       ? 
_exptl_crystal.pdbx_mosaic_block_size_esd   ? 
# 
_exptl_crystal_grow.apparatus       ? 
_exptl_crystal_grow.atmosphere      ? 
_exptl_crystal_grow.crystal_id      1 
_exptl_crystal_grow.details         ? 
_exptl_crystal_grow.method          'VAPOR DIFFUSION, SITTING DROP' 
_exptl_crystal_grow.method_ref      ? 
_exptl_crystal_grow.pH              ? 
_exptl_crystal_grow.pressure        ? 
_exptl_crystal_grow.pressure_esd    ? 
_exptl_crystal_grow.seeding         ? 
_exptl_crystal_grow.seeding_ref     ? 
_exptl_crystal_grow.temp_details    ? 
_exptl_crystal_grow.temp_esd        ? 
_exptl_crystal_grow.time            ? 
_exptl_crystal_grow.pdbx_details    '15% w/v PEG 8K, 0.2 M MgCl2, 0.1 M Tris pH 8.5' 
_exptl_crystal_grow.pdbx_pH_range   ? 
_exptl_crystal_grow.temp            296 
# 
_diffrn.ambient_environment              ? 
_diffrn.ambient_temp                     100 
_diffrn.ambient_temp_details             ? 
_diffrn.ambient_temp_esd                 ? 
_diffrn.crystal_id                       1 
_diffrn.crystal_support                  ? 
_diffrn.crystal_treatment                ? 
_diffrn.details                          ? 
_diffrn.id                               1 
_diffrn.ambient_pressure                 ? 
_diffrn.ambient_pressure_esd             ? 
_diffrn.ambient_pressure_gt              ? 
_diffrn.ambient_pressure_lt              ? 
_diffrn.ambient_temp_gt                  ? 
_diffrn.ambient_temp_lt                  ? 
_diffrn.pdbx_serial_crystal_experiment   N 
# 
_diffrn_detector.details                      ? 
_diffrn_detector.detector                     PIXEL 
_diffrn_detector.diffrn_id                    1 
_diffrn_detector.type                         'DECTRIS PILATUS 6M' 
_diffrn_detector.area_resol_mean              ? 
_diffrn_detector.dtime                        ? 
_diffrn_detector.pdbx_frames_total            ? 
_diffrn_detector.pdbx_collection_time_total   ? 
_diffrn_detector.pdbx_collection_date         2018-02-14 
_diffrn_detector.pdbx_frequency               ? 
_diffrn_detector.id                           ? 
_diffrn_detector.number_of_axes               ? 
# 
_diffrn_radiation.collimation                      ? 
_diffrn_radiation.diffrn_id                        1 
_diffrn_radiation.filter_edge                      ? 
_diffrn_radiation.inhomogeneity                    ? 
_diffrn_radiation.monochromator                    ? 
_diffrn_radiation.polarisn_norm                    ? 
_diffrn_radiation.polarisn_ratio                   ? 
_diffrn_radiation.probe                            ? 
_diffrn_radiation.type                             ? 
_diffrn_radiation.xray_symbol                      ? 
_diffrn_radiation.wavelength_id                    1 
_diffrn_radiation.pdbx_monochromatic_or_laue_m_l   M 
_diffrn_radiation.pdbx_wavelength_list             ? 
_diffrn_radiation.pdbx_wavelength                  ? 
_diffrn_radiation.pdbx_diffrn_protocol             'SINGLE WAVELENGTH' 
_diffrn_radiation.pdbx_analyzer                    ? 
_diffrn_radiation.pdbx_scattering_type             x-ray 
# 
_diffrn_radiation_wavelength.id           1 
_diffrn_radiation_wavelength.wavelength   1.00 
_diffrn_radiation_wavelength.wt           1.0 
# 
_diffrn_source.current                     ? 
_diffrn_source.details                     ? 
_diffrn_source.diffrn_id                   1 
_diffrn_source.power                       ? 
_diffrn_source.size                        ? 
_diffrn_source.source                      SYNCHROTRON 
_diffrn_source.target                      ? 
_diffrn_source.type                        'APS BEAMLINE 17-ID' 
_diffrn_source.voltage                     ? 
_diffrn_source.take-off_angle              ? 
_diffrn_source.pdbx_wavelength_list        1.00 
_diffrn_source.pdbx_wavelength             ? 
_diffrn_source.pdbx_synchrotron_beamline   17-ID 
_diffrn_source.pdbx_synchrotron_site       APS 
# 
_reflns.B_iso_Wilson_estimate                          20.53 
_reflns.entry_id                                       8USS 
_reflns.data_reduction_details                         ? 
_reflns.data_reduction_method                          ? 
_reflns.d_resolution_high                              1.465 
_reflns.d_resolution_low                               78.7 
_reflns.details                                        ? 
_reflns.limit_h_max                                    ? 
_reflns.limit_h_min                                    ? 
_reflns.limit_k_max                                    ? 
_reflns.limit_k_min                                    ? 
_reflns.limit_l_max                                    ? 
_reflns.limit_l_min                                    ? 
_reflns.number_all                                     ? 
_reflns.number_obs                                     21942 
_reflns.observed_criterion                             ? 
_reflns.observed_criterion_F_max                       ? 
_reflns.observed_criterion_F_min                       ? 
_reflns.observed_criterion_I_max                       ? 
_reflns.observed_criterion_I_min                       ? 
_reflns.observed_criterion_sigma_F                     ? 
_reflns.observed_criterion_sigma_I                     ? 
_reflns.percent_possible_obs                           85.6 
_reflns.R_free_details                                 ? 
_reflns.Rmerge_F_all                                   ? 
_reflns.Rmerge_F_obs                                   ? 
_reflns.Friedel_coverage                               ? 
_reflns.number_gt                                      ? 
_reflns.threshold_expression                           ? 
_reflns.pdbx_redundancy                                5.1 
_reflns.pdbx_netI_over_av_sigmaI                       ? 
_reflns.pdbx_netI_over_sigmaI                          21.9 
_reflns.pdbx_res_netI_over_av_sigmaI_2                 ? 
_reflns.pdbx_res_netI_over_sigmaI_2                    ? 
_reflns.pdbx_chi_squared                               ? 
_reflns.pdbx_scaling_rejects                           ? 
_reflns.pdbx_d_res_high_opt                            ? 
_reflns.pdbx_d_res_low_opt                             ? 
_reflns.pdbx_d_res_opt_method                          ? 
_reflns.phase_calculation_details                      ? 
_reflns.pdbx_Rrim_I_all                                ? 
_reflns.pdbx_Rpim_I_all                                ? 
_reflns.pdbx_d_opt                                     ? 
_reflns.pdbx_number_measured_all                       ? 
_reflns.pdbx_diffrn_id                                 1 
_reflns.pdbx_ordinal                                   1 
_reflns.pdbx_CC_half                                   1.0 
_reflns.pdbx_CC_star                                   ? 
_reflns.pdbx_R_split                                   ? 
_reflns.pdbx_Rmerge_I_obs                              ? 
_reflns.pdbx_Rmerge_I_all                              ? 
_reflns.pdbx_Rsym_value                                0.04 
_reflns.pdbx_CC_split_method                           ? 
_reflns.pdbx_aniso_diffraction_limit_axis_1_ortho[1]   ? 
_reflns.pdbx_aniso_diffraction_limit_axis_1_ortho[2]   ? 
_reflns.pdbx_aniso_diffraction_limit_axis_1_ortho[3]   ? 
_reflns.pdbx_aniso_diffraction_limit_axis_2_ortho[1]   ? 
_reflns.pdbx_aniso_diffraction_limit_axis_2_ortho[2]   ? 
_reflns.pdbx_aniso_diffraction_limit_axis_2_ortho[3]   ? 
_reflns.pdbx_aniso_diffraction_limit_axis_3_ortho[1]   ? 
_reflns.pdbx_aniso_diffraction_limit_axis_3_ortho[2]   ? 
_reflns.pdbx_aniso_diffraction_limit_axis_3_ortho[3]   ? 
_reflns.pdbx_aniso_diffraction_limit_1                 ? 
_reflns.pdbx_aniso_diffraction_limit_2                 ? 
_reflns.pdbx_aniso_diffraction_limit_3                 ? 
_reflns.pdbx_aniso_B_tensor_eigenvector_1_ortho[1]     ? 
_reflns.pdbx_aniso_B_tensor_eigenvector_1_ortho[2]     ? 
_reflns.pdbx_aniso_B_tensor_eigenvector_1_ortho[3]     ? 
_reflns.pdbx_aniso_B_tensor_eigenvector_2_ortho[1]     ? 
_reflns.pdbx_aniso_B_tensor_eigenvector_2_ortho[2]     ? 
_reflns.pdbx_aniso_B_tensor_eigenvector_2_ortho[3]     ? 
_reflns.pdbx_aniso_B_tensor_eigenvector_3_ortho[1]     ? 
_reflns.pdbx_aniso_B_tensor_eigenvector_3_ortho[2]     ? 
_reflns.pdbx_aniso_B_tensor_eigenvector_3_ortho[3]     ? 
_reflns.pdbx_aniso_B_tensor_eigenvalue_1               ? 
_reflns.pdbx_aniso_B_tensor_eigenvalue_2               ? 
_reflns.pdbx_aniso_B_tensor_eigenvalue_3               ? 
_reflns.pdbx_orthogonalization_convention              ? 
_reflns.pdbx_percent_possible_ellipsoidal              ? 
_reflns.pdbx_percent_possible_spherical                ? 
_reflns.pdbx_percent_possible_ellipsoidal_anomalous    ? 
_reflns.pdbx_percent_possible_spherical_anomalous      ? 
_reflns.pdbx_redundancy_anomalous                      ? 
_reflns.pdbx_CC_half_anomalous                         ? 
_reflns.pdbx_absDiff_over_sigma_anomalous              ? 
_reflns.pdbx_percent_possible_anomalous                ? 
_reflns.pdbx_observed_signal_threshold                 ? 
_reflns.pdbx_signal_type                               ? 
_reflns.pdbx_signal_details                            ? 
_reflns.pdbx_signal_software_id                        ? 
# 
_reflns_shell.d_res_high                                    1.465 
_reflns_shell.d_res_low                                     1.526 
_reflns_shell.meanI_over_sigI_all                           ? 
_reflns_shell.meanI_over_sigI_obs                           ? 
_reflns_shell.number_measured_all                           ? 
_reflns_shell.number_measured_obs                           ? 
_reflns_shell.number_possible                               ? 
_reflns_shell.number_unique_all                             ? 
_reflns_shell.number_unique_obs                             1098 
_reflns_shell.percent_possible_obs                          ? 
_reflns_shell.Rmerge_F_all                                  ? 
_reflns_shell.Rmerge_F_obs                                  ? 
_reflns_shell.meanI_over_sigI_gt                            ? 
_reflns_shell.meanI_over_uI_all                             ? 
_reflns_shell.meanI_over_uI_gt                              ? 
_reflns_shell.number_measured_gt                            ? 
_reflns_shell.number_unique_gt                              ? 
_reflns_shell.percent_possible_gt                           ? 
_reflns_shell.Rmerge_F_gt                                   ? 
_reflns_shell.Rmerge_I_gt                                   ? 
_reflns_shell.pdbx_redundancy                               ? 
_reflns_shell.pdbx_chi_squared                              ? 
_reflns_shell.pdbx_netI_over_sigmaI_all                     ? 
_reflns_shell.pdbx_netI_over_sigmaI_obs                     ? 
_reflns_shell.pdbx_Rrim_I_all                               ? 
_reflns_shell.pdbx_Rpim_I_all                               ? 
_reflns_shell.pdbx_rejects                                  ? 
_reflns_shell.pdbx_ordinal                                  1 
_reflns_shell.pdbx_diffrn_id                                1 
_reflns_shell.pdbx_CC_half                                  0.88 
_reflns_shell.pdbx_CC_star                                  ? 
_reflns_shell.pdbx_R_split                                  ? 
_reflns_shell.percent_possible_all                          ? 
_reflns_shell.Rmerge_I_all                                  ? 
_reflns_shell.Rmerge_I_obs                                  ? 
_reflns_shell.pdbx_Rsym_value                               0.269 
_reflns_shell.pdbx_percent_possible_ellipsoidal             ? 
_reflns_shell.pdbx_percent_possible_spherical               ? 
_reflns_shell.pdbx_percent_possible_ellipsoidal_anomalous   ? 
_reflns_shell.pdbx_percent_possible_spherical_anomalous     ? 
_reflns_shell.pdbx_redundancy_anomalous                     ? 
_reflns_shell.pdbx_CC_half_anomalous                        ? 
_reflns_shell.pdbx_absDiff_over_sigma_anomalous             ? 
_reflns_shell.pdbx_percent_possible_anomalous               ? 
# 
_refine.aniso_B[1][1]                            ? 
_refine.aniso_B[1][2]                            ? 
_refine.aniso_B[1][3]                            ? 
_refine.aniso_B[2][2]                            ? 
_refine.aniso_B[2][3]                            ? 
_refine.aniso_B[3][3]                            ? 
_refine.B_iso_max                                ? 
_refine.B_iso_mean                               29.22 
_refine.B_iso_min                                ? 
_refine.correlation_coeff_Fo_to_Fc               ? 
_refine.correlation_coeff_Fo_to_Fc_free          ? 
_refine.details                                  ? 
_refine.diff_density_max                         ? 
_refine.diff_density_max_esd                     ? 
_refine.diff_density_min                         ? 
_refine.diff_density_min_esd                     ? 
_refine.diff_density_rms                         ? 
_refine.diff_density_rms_esd                     ? 
_refine.entry_id                                 8USS 
_refine.pdbx_refine_id                           'X-RAY DIFFRACTION' 
_refine.ls_abs_structure_details                 ? 
_refine.ls_abs_structure_Flack                   ? 
_refine.ls_abs_structure_Flack_esd               ? 
_refine.ls_abs_structure_Rogers                  ? 
_refine.ls_abs_structure_Rogers_esd              ? 
_refine.ls_d_res_high                            1.47 
_refine.ls_d_res_low                             15.78 
_refine.ls_extinction_coef                       ? 
_refine.ls_extinction_coef_esd                   ? 
_refine.ls_extinction_expression                 ? 
_refine.ls_extinction_method                     ? 
_refine.ls_goodness_of_fit_all                   ? 
_refine.ls_goodness_of_fit_all_esd               ? 
_refine.ls_goodness_of_fit_obs                   ? 
_refine.ls_goodness_of_fit_obs_esd               ? 
_refine.ls_hydrogen_treatment                    ? 
_refine.ls_matrix_type                           ? 
_refine.ls_number_constraints                    ? 
_refine.ls_number_parameters                     ? 
_refine.ls_number_reflns_all                     ? 
_refine.ls_number_reflns_obs                     21830 
_refine.ls_number_reflns_R_free                  1053 
_refine.ls_number_reflns_R_work                  20777 
_refine.ls_number_restraints                     ? 
_refine.ls_percent_reflns_obs                    86.33 
_refine.ls_percent_reflns_R_free                 4.82 
_refine.ls_R_factor_all                          ? 
_refine.ls_R_factor_obs                          0.2220 
_refine.ls_R_factor_R_free                       0.2355 
_refine.ls_R_factor_R_free_error                 ? 
_refine.ls_R_factor_R_free_error_details         ? 
_refine.ls_R_factor_R_work                       0.2214 
_refine.ls_R_Fsqd_factor_obs                     ? 
_refine.ls_R_I_factor_obs                        ? 
_refine.ls_redundancy_reflns_all                 ? 
_refine.ls_redundancy_reflns_obs                 ? 
_refine.ls_restrained_S_all                      ? 
_refine.ls_restrained_S_obs                      ? 
_refine.ls_shift_over_esd_max                    ? 
_refine.ls_shift_over_esd_mean                   ? 
_refine.ls_structure_factor_coef                 ? 
_refine.ls_weighting_details                     ? 
_refine.ls_weighting_scheme                      ? 
_refine.ls_wR_factor_all                         ? 
_refine.ls_wR_factor_obs                         ? 
_refine.ls_wR_factor_R_free                      ? 
_refine.ls_wR_factor_R_work                      ? 
_refine.occupancy_max                            ? 
_refine.occupancy_min                            ? 
_refine.solvent_model_details                    'FLAT BULK SOLVENT MODEL' 
_refine.solvent_model_param_bsol                 ? 
_refine.solvent_model_param_ksol                 ? 
_refine.pdbx_R_complete                          ? 
_refine.ls_R_factor_gt                           ? 
_refine.ls_goodness_of_fit_gt                    ? 
_refine.ls_goodness_of_fit_ref                   ? 
_refine.ls_shift_over_su_max                     ? 
_refine.ls_shift_over_su_max_lt                  ? 
_refine.ls_shift_over_su_mean                    ? 
_refine.ls_shift_over_su_mean_lt                 ? 
_refine.pdbx_ls_sigma_I                          ? 
_refine.pdbx_ls_sigma_F                          0.32 
_refine.pdbx_ls_sigma_Fsqd                       ? 
_refine.pdbx_data_cutoff_high_absF               ? 
_refine.pdbx_data_cutoff_high_rms_absF           ? 
_refine.pdbx_data_cutoff_low_absF                ? 
_refine.pdbx_isotropic_thermal_model             ? 
_refine.pdbx_ls_cross_valid_method               'FREE R-VALUE' 
_refine.pdbx_method_to_determine_struct          'MOLECULAR REPLACEMENT' 
_refine.pdbx_starting_model                      ? 
_refine.pdbx_stereochemistry_target_values       'GeoStd + Monomer Library + CDL v1.2' 
_refine.pdbx_R_Free_selection_details            ? 
_refine.pdbx_stereochem_target_val_spec_case     ? 
_refine.pdbx_overall_ESU_R                       ? 
_refine.pdbx_overall_ESU_R_Free                  ? 
_refine.pdbx_solvent_vdw_probe_radii             1.1000 
_refine.pdbx_solvent_ion_probe_radii             ? 
_refine.pdbx_solvent_shrinkage_radii             0.9000 
_refine.pdbx_real_space_R                        ? 
_refine.pdbx_density_correlation                 ? 
_refine.pdbx_pd_number_of_powder_patterns        ? 
_refine.pdbx_pd_number_of_points                 ? 
_refine.pdbx_pd_meas_number_of_points            ? 
_refine.pdbx_pd_proc_ls_prof_R_factor            ? 
_refine.pdbx_pd_proc_ls_prof_wR_factor           ? 
_refine.pdbx_pd_Marquardt_correlation_coeff      ? 
_refine.pdbx_pd_Fsqrd_R_factor                   ? 
_refine.pdbx_pd_ls_matrix_band_width             ? 
_refine.pdbx_overall_phase_error                 27.7431 
_refine.pdbx_overall_SU_R_free_Cruickshank_DPI   ? 
_refine.pdbx_overall_SU_R_free_Blow_DPI          ? 
_refine.pdbx_overall_SU_R_Blow_DPI               ? 
_refine.pdbx_TLS_residual_ADP_flag               ? 
_refine.pdbx_diffrn_id                           1 
_refine.overall_SU_B                             ? 
_refine.overall_SU_ML                            0.1811 
_refine.overall_SU_R_Cruickshank_DPI             ? 
_refine.overall_SU_R_free                        ? 
_refine.overall_FOM_free_R_set                   ? 
_refine.overall_FOM_work_R_set                   ? 
_refine.pdbx_average_fsc_overall                 ? 
_refine.pdbx_average_fsc_work                    ? 
_refine.pdbx_average_fsc_free                    ? 
# 
_refine_hist.pdbx_refine_id                   'X-RAY DIFFRACTION' 
_refine_hist.cycle_id                         LAST 
_refine_hist.details                          ? 
_refine_hist.d_res_high                       1.47 
_refine_hist.d_res_low                        15.78 
_refine_hist.number_atoms_solvent             72 
_refine_hist.number_atoms_total               950 
_refine_hist.number_reflns_all                ? 
_refine_hist.number_reflns_obs                ? 
_refine_hist.number_reflns_R_free             ? 
_refine_hist.number_reflns_R_work             ? 
_refine_hist.R_factor_all                     ? 
_refine_hist.R_factor_obs                     ? 
_refine_hist.R_factor_R_free                  ? 
_refine_hist.R_factor_R_work                  ? 
_refine_hist.pdbx_number_residues_total       ? 
_refine_hist.pdbx_B_iso_mean_ligand           ? 
_refine_hist.pdbx_B_iso_mean_solvent          ? 
_refine_hist.pdbx_number_atoms_protein        844 
_refine_hist.pdbx_number_atoms_nucleic_acid   0 
_refine_hist.pdbx_number_atoms_ligand         34 
_refine_hist.pdbx_number_atoms_lipid          ? 
_refine_hist.pdbx_number_atoms_carb           ? 
_refine_hist.pdbx_pseudo_atom_details         ? 
# 
loop_
_refine_ls_restr.pdbx_refine_id 
_refine_ls_restr.criterion 
_refine_ls_restr.dev_ideal 
_refine_ls_restr.dev_ideal_target 
_refine_ls_restr.number 
_refine_ls_restr.rejects 
_refine_ls_restr.type 
_refine_ls_restr.weight 
_refine_ls_restr.pdbx_restraint_function 
'X-RAY DIFFRACTION' ? 0.0227  ? 914  ? f_bond_d           ? ? 
'X-RAY DIFFRACTION' ? 2.0923  ? 1254 ? f_angle_d          ? ? 
'X-RAY DIFFRACTION' ? 0.1503  ? 136  ? f_chiral_restr     ? ? 
'X-RAY DIFFRACTION' ? 0.0148  ? 170  ? f_plane_restr      ? ? 
'X-RAY DIFFRACTION' ? 15.2871 ? 327  ? f_dihedral_angle_d ? ? 
# 
loop_
_refine_ls_shell.pdbx_refine_id 
_refine_ls_shell.d_res_high 
_refine_ls_shell.d_res_low 
_refine_ls_shell.number_reflns_all 
_refine_ls_shell.number_reflns_obs 
_refine_ls_shell.number_reflns_R_free 
_refine_ls_shell.number_reflns_R_work 
_refine_ls_shell.percent_reflns_obs 
_refine_ls_shell.percent_reflns_R_free 
_refine_ls_shell.R_factor_all 
_refine_ls_shell.R_factor_obs 
_refine_ls_shell.R_factor_R_free_error 
_refine_ls_shell.R_factor_R_work 
_refine_ls_shell.redundancy_reflns_all 
_refine_ls_shell.redundancy_reflns_obs 
_refine_ls_shell.wR_factor_all 
_refine_ls_shell.wR_factor_obs 
_refine_ls_shell.wR_factor_R_free 
_refine_ls_shell.wR_factor_R_work 
_refine_ls_shell.pdbx_R_complete 
_refine_ls_shell.pdbx_total_number_of_bins_used 
_refine_ls_shell.pdbx_phase_error 
_refine_ls_shell.pdbx_fsc_work 
_refine_ls_shell.pdbx_fsc_free 
_refine_ls_shell.R_factor_R_free 
'X-RAY DIFFRACTION' 1.47 1.54  . . 55  1230 41.32  . . . . 0.3343 . . . . . . . . . . . 0.3407 
'X-RAY DIFFRACTION' 1.54 1.62  . . 99  1972 66.66  . . . . 0.2605 . . . . . . . . . . . 0.3017 
'X-RAY DIFFRACTION' 1.62 1.72  . . 120 2509 84.51  . . . . 0.2452 . . . . . . . . . . . 0.2830 
'X-RAY DIFFRACTION' 1.72 1.85  . . 164 2871 97.03  . . . . 0.2469 . . . . . . . . . . . 0.2828 
'X-RAY DIFFRACTION' 1.85 2.04  . . 144 2988 100.00 . . . . 0.2327 . . . . . . . . . . . 0.2509 
'X-RAY DIFFRACTION' 2.04 2.33  . . 153 3004 99.91  . . . . 0.2214 . . . . . . . . . . . 0.2319 
'X-RAY DIFFRACTION' 2.33 2.94  . . 159 3038 99.88  . . . . 0.2211 . . . . . . . . . . . 0.2475 
'X-RAY DIFFRACTION' 2.94 15.78 . . 159 3165 99.67  . . . . 0.2080 . . . . . . . . . . . 0.2107 
# 
_struct.entry_id                     8USS 
_struct.title                        'IL17A complexed to Compound 7' 
_struct.pdbx_model_details           ? 
_struct.pdbx_formula_weight          ? 
_struct.pdbx_formula_weight_method   ? 
_struct.pdbx_model_type_details      ? 
_struct.pdbx_CASP_flag               N 
# 
_struct_keywords.entry_id        8USS 
_struct_keywords.text            'Homodimer, inhibitor, DEL, CYTOKINE' 
_struct_keywords.pdbx_keywords   CYTOKINE 
# 
loop_
_struct_asym.id 
_struct_asym.pdbx_blank_PDB_chainid_flag 
_struct_asym.pdbx_modified 
_struct_asym.entity_id 
_struct_asym.details 
A N N 1 ? 
B N N 2 ? 
C N N 3 ? 
D N N 4 ? 
# 
_struct_ref.id                         1 
_struct_ref.db_name                    UNP 
_struct_ref.db_code                    IL17_HUMAN 
_struct_ref.pdbx_db_accession          Q16552 
_struct_ref.pdbx_db_isoform            ? 
_struct_ref.entity_id                  1 
_struct_ref.pdbx_seq_one_letter_code   
;PNSEDKNFPRTVMVNLNIHNRNTNTNPKRSSDYYNRSTSPWNLHRNEDPERYPSVIWEAKCRHLGCINADGNVDYHMNSV
PIQQEILVLRREPPHCPNSFRLEKILVSVGCTCVTPIVHHVA
;
_struct_ref.pdbx_align_begin           34 
# 
_struct_ref_seq.align_id                      1 
_struct_ref_seq.ref_id                        1 
_struct_ref_seq.pdbx_PDB_id_code              8USS 
_struct_ref_seq.pdbx_strand_id                A 
_struct_ref_seq.seq_align_beg                 6 
_struct_ref_seq.pdbx_seq_align_beg_ins_code   ? 
_struct_ref_seq.seq_align_end                 127 
_struct_ref_seq.pdbx_seq_align_end_ins_code   ? 
_struct_ref_seq.pdbx_db_accession             Q16552 
_struct_ref_seq.db_align_beg                  34 
_struct_ref_seq.pdbx_db_align_beg_ins_code    ? 
_struct_ref_seq.db_align_end                  155 
_struct_ref_seq.pdbx_db_align_end_ins_code    ? 
_struct_ref_seq.pdbx_auth_seq_align_beg       34 
_struct_ref_seq.pdbx_auth_seq_align_end       155 
# 
loop_
_struct_ref_seq_dif.align_id 
_struct_ref_seq_dif.pdbx_pdb_id_code 
_struct_ref_seq_dif.mon_id 
_struct_ref_seq_dif.pdbx_pdb_strand_id 
_struct_ref_seq_dif.seq_num 
_struct_ref_seq_dif.pdbx_pdb_ins_code 
_struct_ref_seq_dif.pdbx_seq_db_name 
_struct_ref_seq_dif.pdbx_seq_db_accession_code 
_struct_ref_seq_dif.db_mon_id 
_struct_ref_seq_dif.pdbx_seq_db_seq_num 
_struct_ref_seq_dif.details 
_struct_ref_seq_dif.pdbx_auth_seq_num 
_struct_ref_seq_dif.pdbx_ordinal 
1 8USS GLY A 1   ? UNP Q16552 ?   ?   'expression tag'      29  1 
1 8USS SER A 2   ? UNP Q16552 ?   ?   'expression tag'      30  2 
1 8USS ALA A 3   ? UNP Q16552 ?   ?   'expression tag'      31  3 
1 8USS MET A 4   ? UNP Q16552 ?   ?   'expression tag'      32  4 
1 8USS ALA A 5   ? UNP Q16552 ?   ?   'expression tag'      33  5 
1 8USS SER A 101 ? UNP Q16552 CYS 129 'engineered mutation' 129 6 
# 
_pdbx_struct_assembly.id                   1 
_pdbx_struct_assembly.details              author_defined_assembly 
_pdbx_struct_assembly.method_details       ? 
_pdbx_struct_assembly.oligomeric_details   monomeric 
_pdbx_struct_assembly.oligomeric_count     1 
# 
_pdbx_struct_assembly_gen.assembly_id       1 
_pdbx_struct_assembly_gen.oper_expression   1 
_pdbx_struct_assembly_gen.asym_id_list      A,B,C,D 
# 
_pdbx_struct_oper_list.id                   1 
_pdbx_struct_oper_list.type                 'identity operation' 
_pdbx_struct_oper_list.name                 1_555 
_pdbx_struct_oper_list.symmetry_operation   x,y,z 
_pdbx_struct_oper_list.matrix[1][1]         1.0000000000 
_pdbx_struct_oper_list.matrix[1][2]         0.0000000000 
_pdbx_struct_oper_list.matrix[1][3]         0.0000000000 
_pdbx_struct_oper_list.vector[1]            0.0000000000 
_pdbx_struct_oper_list.matrix[2][1]         0.0000000000 
_pdbx_struct_oper_list.matrix[2][2]         1.0000000000 
_pdbx_struct_oper_list.matrix[2][3]         0.0000000000 
_pdbx_struct_oper_list.vector[2]            0.0000000000 
_pdbx_struct_oper_list.matrix[3][1]         0.0000000000 
_pdbx_struct_oper_list.matrix[3][2]         0.0000000000 
_pdbx_struct_oper_list.matrix[3][3]         1.0000000000 
_pdbx_struct_oper_list.vector[3]            0.0000000000 
# 
loop_
_struct_conf.conf_type_id 
_struct_conf.id 
_struct_conf.pdbx_PDB_helix_id 
_struct_conf.beg_label_comp_id 
_struct_conf.beg_label_asym_id 
_struct_conf.beg_label_seq_id 
_struct_conf.pdbx_beg_PDB_ins_code 
_struct_conf.end_label_comp_id 
_struct_conf.end_label_asym_id 
_struct_conf.end_label_seq_id 
_struct_conf.pdbx_end_PDB_ins_code 
_struct_conf.beg_auth_comp_id 
_struct_conf.beg_auth_asym_id 
_struct_conf.beg_auth_seq_id 
_struct_conf.end_auth_comp_id 
_struct_conf.end_auth_asym_id 
_struct_conf.end_auth_seq_id 
_struct_conf.pdbx_PDB_helix_class 
_struct_conf.details 
_struct_conf.pdbx_PDB_helix_length 
HELX_P HELX_P1 AA1 ASN A 22 ? ARG A 26 ? ASN A 50 ARG A 54 5 ? 5  
HELX_P HELX_P2 AA2 ASN A 31 ? ASN A 40 ? ASN A 59 ASN A 68 1 ? 10 
# 
_struct_conf_type.id          HELX_P 
_struct_conf_type.criteria    ? 
_struct_conf_type.reference   ? 
# 
loop_
_struct_conn.id 
_struct_conn.conn_type_id 
_struct_conn.pdbx_leaving_atom_flag 
_struct_conn.pdbx_PDB_id 
_struct_conn.ptnr1_label_asym_id 
_struct_conn.ptnr1_label_comp_id 
_struct_conn.ptnr1_label_seq_id 
_struct_conn.ptnr1_label_atom_id 
_struct_conn.pdbx_ptnr1_label_alt_id 
_struct_conn.pdbx_ptnr1_PDB_ins_code 
_struct_conn.pdbx_ptnr1_standard_comp_id 
_struct_conn.ptnr1_symmetry 
_struct_conn.ptnr2_label_asym_id 
_struct_conn.ptnr2_label_comp_id 
_struct_conn.ptnr2_label_seq_id 
_struct_conn.ptnr2_label_atom_id 
_struct_conn.pdbx_ptnr2_label_alt_id 
_struct_conn.pdbx_ptnr2_PDB_ins_code 
_struct_conn.ptnr1_auth_asym_id 
_struct_conn.ptnr1_auth_comp_id 
_struct_conn.ptnr1_auth_seq_id 
_struct_conn.ptnr2_auth_asym_id 
_struct_conn.ptnr2_auth_comp_id 
_struct_conn.ptnr2_auth_seq_id 
_struct_conn.ptnr2_symmetry 
_struct_conn.pdbx_ptnr3_label_atom_id 
_struct_conn.pdbx_ptnr3_label_seq_id 
_struct_conn.pdbx_ptnr3_label_comp_id 
_struct_conn.pdbx_ptnr3_label_asym_id 
_struct_conn.pdbx_ptnr3_label_alt_id 
_struct_conn.pdbx_ptnr3_PDB_ins_code 
_struct_conn.details 
_struct_conn.pdbx_dist_value 
_struct_conn.pdbx_value_order 
_struct_conn.pdbx_role 
disulf1 disulf ? ? A CYS 66 SG ? ? ? 1_555 A CYS 116 SG ? ? A CYS 94 A CYS 144 1_555 ? ? ? ? ? ? ? 2.160 ? ? 
disulf2 disulf ? ? A CYS 71 SG ? ? ? 1_555 A CYS 118 SG ? ? A CYS 99 A CYS 146 1_555 ? ? ? ? ? ? ? 2.118 ? ? 
# 
_struct_conn_type.id          disulf 
_struct_conn_type.criteria    ? 
_struct_conn_type.reference   ? 
# 
loop_
_pdbx_modification_feature.ordinal 
_pdbx_modification_feature.label_comp_id 
_pdbx_modification_feature.label_asym_id 
_pdbx_modification_feature.label_seq_id 
_pdbx_modification_feature.label_alt_id 
_pdbx_modification_feature.modified_residue_label_comp_id 
_pdbx_modification_feature.modified_residue_label_asym_id 
_pdbx_modification_feature.modified_residue_label_seq_id 
_pdbx_modification_feature.modified_residue_label_alt_id 
_pdbx_modification_feature.auth_comp_id 
_pdbx_modification_feature.auth_asym_id 
_pdbx_modification_feature.auth_seq_id 
_pdbx_modification_feature.PDB_ins_code 
_pdbx_modification_feature.symmetry 
_pdbx_modification_feature.modified_residue_auth_comp_id 
_pdbx_modification_feature.modified_residue_auth_asym_id 
_pdbx_modification_feature.modified_residue_auth_seq_id 
_pdbx_modification_feature.modified_residue_PDB_ins_code 
_pdbx_modification_feature.modified_residue_symmetry 
_pdbx_modification_feature.comp_id_linking_atom 
_pdbx_modification_feature.modified_residue_id_linking_atom 
_pdbx_modification_feature.modified_residue_id 
_pdbx_modification_feature.ref_pcm_id 
_pdbx_modification_feature.ref_comp_id 
_pdbx_modification_feature.type 
_pdbx_modification_feature.category 
1 CYS A 66 ? CYS A 116 ? CYS A 94 ? 1_555 CYS A 144 ? 1_555 SG SG . . . None 'Disulfide bridge' 
2 CYS A 71 ? CYS A 118 ? CYS A 99 ? 1_555 CYS A 146 ? 1_555 SG SG . . . None 'Disulfide bridge' 
# 
loop_
_struct_mon_prot_cis.pdbx_id 
_struct_mon_prot_cis.label_comp_id 
_struct_mon_prot_cis.label_seq_id 
_struct_mon_prot_cis.label_asym_id 
_struct_mon_prot_cis.label_alt_id 
_struct_mon_prot_cis.pdbx_PDB_ins_code 
_struct_mon_prot_cis.auth_comp_id 
_struct_mon_prot_cis.auth_seq_id 
_struct_mon_prot_cis.auth_asym_id 
_struct_mon_prot_cis.pdbx_label_comp_id_2 
_struct_mon_prot_cis.pdbx_label_seq_id_2 
_struct_mon_prot_cis.pdbx_label_asym_id_2 
_struct_mon_prot_cis.pdbx_PDB_ins_code_2 
_struct_mon_prot_cis.pdbx_auth_comp_id_2 
_struct_mon_prot_cis.pdbx_auth_seq_id_2 
_struct_mon_prot_cis.pdbx_auth_asym_id_2 
_struct_mon_prot_cis.pdbx_PDB_model_num 
_struct_mon_prot_cis.pdbx_omega_angle 
1 TYR 57 A . ? TYR 85  A PRO 58 A ? PRO 86  A 1 3.33  
2 GLU 97 A . ? GLU 125 A PRO 98 A ? PRO 126 A 1 -0.79 
# 
loop_
_struct_sheet.id 
_struct_sheet.type 
_struct_sheet.number_strands 
_struct_sheet.details 
AA1 ? 2 ? 
AA2 ? 3 ? 
AA3 ? 2 ? 
# 
loop_
_struct_sheet_order.sheet_id 
_struct_sheet_order.range_id_1 
_struct_sheet_order.range_id_2 
_struct_sheet_order.offset 
_struct_sheet_order.sense 
AA1 1 2 ? anti-parallel 
AA2 1 2 ? anti-parallel 
AA2 2 3 ? anti-parallel 
AA3 1 2 ? anti-parallel 
# 
loop_
_struct_sheet_range.sheet_id 
_struct_sheet_range.id 
_struct_sheet_range.beg_label_comp_id 
_struct_sheet_range.beg_label_asym_id 
_struct_sheet_range.beg_label_seq_id 
_struct_sheet_range.pdbx_beg_PDB_ins_code 
_struct_sheet_range.end_label_comp_id 
_struct_sheet_range.end_label_asym_id 
_struct_sheet_range.end_label_seq_id 
_struct_sheet_range.pdbx_end_PDB_ins_code 
_struct_sheet_range.beg_auth_comp_id 
_struct_sheet_range.beg_auth_asym_id 
_struct_sheet_range.beg_auth_seq_id 
_struct_sheet_range.end_auth_comp_id 
_struct_sheet_range.end_auth_asym_id 
_struct_sheet_range.end_auth_seq_id 
AA1 1 TRP A 46  ? GLU A 52  ? TRP A 74  GLU A 80  
AA1 2 VAL A 60  ? CYS A 66  ? VAL A 88  CYS A 94  
AA2 1 ARG A 56  ? TYR A 57  ? ARG A 84  TYR A 85  
AA2 2 ASN A 83  ? ARG A 95  ? ASN A 111 ARG A 123 
AA2 3 LEU A 107 ? VAL A 119 ? LEU A 135 VAL A 147 
AA3 1 CYS A 71  ? ILE A 72  ? CYS A 99  ILE A 100 
AA3 2 VAL A 78  ? ASP A 79  ? VAL A 106 ASP A 107 
# 
loop_
_pdbx_struct_sheet_hbond.sheet_id 
_pdbx_struct_sheet_hbond.range_id_1 
_pdbx_struct_sheet_hbond.range_id_2 
_pdbx_struct_sheet_hbond.range_1_label_atom_id 
_pdbx_struct_sheet_hbond.range_1_label_comp_id 
_pdbx_struct_sheet_hbond.range_1_label_asym_id 
_pdbx_struct_sheet_hbond.range_1_label_seq_id 
_pdbx_struct_sheet_hbond.range_1_PDB_ins_code 
_pdbx_struct_sheet_hbond.range_1_auth_atom_id 
_pdbx_struct_sheet_hbond.range_1_auth_comp_id 
_pdbx_struct_sheet_hbond.range_1_auth_asym_id 
_pdbx_struct_sheet_hbond.range_1_auth_seq_id 
_pdbx_struct_sheet_hbond.range_2_label_atom_id 
_pdbx_struct_sheet_hbond.range_2_label_comp_id 
_pdbx_struct_sheet_hbond.range_2_label_asym_id 
_pdbx_struct_sheet_hbond.range_2_label_seq_id 
_pdbx_struct_sheet_hbond.range_2_PDB_ins_code 
_pdbx_struct_sheet_hbond.range_2_auth_atom_id 
_pdbx_struct_sheet_hbond.range_2_auth_comp_id 
_pdbx_struct_sheet_hbond.range_2_auth_asym_id 
_pdbx_struct_sheet_hbond.range_2_auth_seq_id 
AA1 1 2 N ASN A 47 ? N ASN A 75  O LYS A 65  ? O LYS A 93  
AA2 1 2 N TYR A 57 ? N TYR A 85  O LEU A 94  ? O LEU A 122 
AA2 2 3 N VAL A 93 ? N VAL A 121 O GLU A 108 ? O GLU A 136 
AA3 1 2 N CYS A 71 ? N CYS A 99  O ASP A 79  ? O ASP A 107 
# 
_pdbx_entry_details.entry_id                   8USS 
_pdbx_entry_details.nonpolymer_details         ? 
_pdbx_entry_details.sequence_details           ? 
_pdbx_entry_details.compound_details           ? 
_pdbx_entry_details.source_details             ? 
_pdbx_entry_details.has_ligand_of_interest     Y 
_pdbx_entry_details.has_protein_modification   Y 
# 
loop_
_pdbx_validate_rmsd_bond.id 
_pdbx_validate_rmsd_bond.PDB_model_num 
_pdbx_validate_rmsd_bond.auth_atom_id_1 
_pdbx_validate_rmsd_bond.auth_asym_id_1 
_pdbx_validate_rmsd_bond.auth_comp_id_1 
_pdbx_validate_rmsd_bond.auth_seq_id_1 
_pdbx_validate_rmsd_bond.PDB_ins_code_1 
_pdbx_validate_rmsd_bond.label_alt_id_1 
_pdbx_validate_rmsd_bond.auth_atom_id_2 
_pdbx_validate_rmsd_bond.auth_asym_id_2 
_pdbx_validate_rmsd_bond.auth_comp_id_2 
_pdbx_validate_rmsd_bond.auth_seq_id_2 
_pdbx_validate_rmsd_bond.PDB_ins_code_2 
_pdbx_validate_rmsd_bond.label_alt_id_2 
_pdbx_validate_rmsd_bond.bond_value 
_pdbx_validate_rmsd_bond.bond_target_value 
_pdbx_validate_rmsd_bond.bond_deviation 
_pdbx_validate_rmsd_bond.bond_standard_deviation 
_pdbx_validate_rmsd_bond.linker_flag 
1 1 C A ASP 81  ? ? N  A PRO 82  ? ? 1.476 1.338 0.138 0.019 Y 
2 1 N A PRO 86  ? ? CA A PRO 86  ? ? 1.667 1.468 0.199 0.017 N 
3 1 N A PRO 114 ? ? CA A PRO 114 ? ? 1.643 1.468 0.175 0.017 N 
4 1 C A GLU 125 ? ? N  A PRO 126 ? ? 1.488 1.338 0.150 0.019 Y 
# 
loop_
_pdbx_validate_rmsd_angle.id 
_pdbx_validate_rmsd_angle.PDB_model_num 
_pdbx_validate_rmsd_angle.auth_atom_id_1 
_pdbx_validate_rmsd_angle.auth_asym_id_1 
_pdbx_validate_rmsd_angle.auth_comp_id_1 
_pdbx_validate_rmsd_angle.auth_seq_id_1 
_pdbx_validate_rmsd_angle.PDB_ins_code_1 
_pdbx_validate_rmsd_angle.label_alt_id_1 
_pdbx_validate_rmsd_angle.auth_atom_id_2 
_pdbx_validate_rmsd_angle.auth_asym_id_2 
_pdbx_validate_rmsd_angle.auth_comp_id_2 
_pdbx_validate_rmsd_angle.auth_seq_id_2 
_pdbx_validate_rmsd_angle.PDB_ins_code_2 
_pdbx_validate_rmsd_angle.label_alt_id_2 
_pdbx_validate_rmsd_angle.auth_atom_id_3 
_pdbx_validate_rmsd_angle.auth_asym_id_3 
_pdbx_validate_rmsd_angle.auth_comp_id_3 
_pdbx_validate_rmsd_angle.auth_seq_id_3 
_pdbx_validate_rmsd_angle.PDB_ins_code_3 
_pdbx_validate_rmsd_angle.label_alt_id_3 
_pdbx_validate_rmsd_angle.angle_value 
_pdbx_validate_rmsd_angle.angle_target_value 
_pdbx_validate_rmsd_angle.angle_deviation 
_pdbx_validate_rmsd_angle.angle_standard_deviation 
_pdbx_validate_rmsd_angle.linker_flag 
1 1 C A ASP 81  ? ? N A PRO 82  ? ? CA A PRO 82  ? ? 129.74 119.30 10.44 1.50 Y 
2 1 C A VAL 113 ? ? N A PRO 114 ? ? CA A PRO 114 ? ? 132.46 119.30 13.16 1.50 Y 
# 
loop_
_pdbx_validate_torsion.id 
_pdbx_validate_torsion.PDB_model_num 
_pdbx_validate_torsion.auth_comp_id 
_pdbx_validate_torsion.auth_asym_id 
_pdbx_validate_torsion.auth_seq_id 
_pdbx_validate_torsion.PDB_ins_code 
_pdbx_validate_torsion.label_alt_id 
_pdbx_validate_torsion.phi 
_pdbx_validate_torsion.psi 
1 1 VAL A 45 ? ? -110.03 -125.34 
2 1 ASN A 50 ? ? -151.83 -157.49 
# 
loop_
_pdbx_validate_main_chain_plane.id 
_pdbx_validate_main_chain_plane.PDB_model_num 
_pdbx_validate_main_chain_plane.auth_comp_id 
_pdbx_validate_main_chain_plane.auth_asym_id 
_pdbx_validate_main_chain_plane.auth_seq_id 
_pdbx_validate_main_chain_plane.PDB_ins_code 
_pdbx_validate_main_chain_plane.label_alt_id 
_pdbx_validate_main_chain_plane.improper_torsion_angle 
1 1 THR A 148 ? A 11.62 
2 1 THR A 148 ? B 13.34 
# 
loop_
_pdbx_struct_special_symmetry.id 
_pdbx_struct_special_symmetry.PDB_model_num 
_pdbx_struct_special_symmetry.auth_asym_id 
_pdbx_struct_special_symmetry.auth_comp_id 
_pdbx_struct_special_symmetry.auth_seq_id 
_pdbx_struct_special_symmetry.PDB_ins_code 
_pdbx_struct_special_symmetry.label_asym_id 
_pdbx_struct_special_symmetry.label_comp_id 
_pdbx_struct_special_symmetry.label_seq_id 
1 1 A HOH 310 ? D HOH . 
2 1 A HOH 322 ? D HOH . 
# 
loop_
_space_group_symop.id 
_space_group_symop.operation_xyz 
1 x,y,z               
2 x,-y,-z             
3 -x,y,-z             
4 -x,-y,z             
5 x+1/2,y+1/2,z+1/2   
6 x+1/2,-y+1/2,-z+1/2 
7 -x+1/2,y+1/2,-z+1/2 
8 -x+1/2,-y+1/2,z+1/2 
# 
loop_
_pdbx_unobs_or_zero_occ_residues.id 
_pdbx_unobs_or_zero_occ_residues.PDB_model_num 
_pdbx_unobs_or_zero_occ_residues.polymer_flag 
_pdbx_unobs_or_zero_occ_residues.occupancy_flag 
_pdbx_unobs_or_zero_occ_residues.auth_asym_id 
_pdbx_unobs_or_zero_occ_residues.auth_comp_id 
_pdbx_unobs_or_zero_occ_residues.auth_seq_id 
_pdbx_unobs_or_zero_occ_residues.PDB_ins_code 
_pdbx_unobs_or_zero_occ_residues.label_asym_id 
_pdbx_unobs_or_zero_occ_residues.label_comp_id 
_pdbx_unobs_or_zero_occ_residues.label_seq_id 
1  1 Y 1 A GLY 29  ? A GLY 1   
2  1 Y 1 A SER 30  ? A SER 2   
3  1 Y 1 A ALA 31  ? A ALA 3   
4  1 Y 1 A MET 32  ? A MET 4   
5  1 Y 1 A ALA 33  ? A ALA 5   
6  1 Y 1 A PRO 34  ? A PRO 6   
7  1 Y 1 A ASN 35  ? A ASN 7   
8  1 Y 1 A SER 36  ? A SER 8   
9  1 Y 1 A GLU 37  ? A GLU 9   
10 1 Y 1 A ASP 38  ? A ASP 10  
11 1 Y 1 A LYS 39  ? A LYS 11  
12 1 Y 1 A ASN 40  ? A ASN 12  
13 1 Y 1 A PHE 41  ? A PHE 13  
14 1 Y 1 A PRO 42  ? A PRO 14  
15 1 Y 1 A HIS 128 ? A HIS 100 
16 1 Y 1 A SER 129 ? A SER 101 
17 1 Y 1 A PRO 130 ? A PRO 102 
18 1 Y 1 A ASN 131 ? A ASN 103 
19 1 Y 1 A SER 132 ? A SER 104 
20 1 Y 1 A PHE 133 ? A PHE 105 
# 
loop_
_chem_comp_atom.comp_id 
_chem_comp_atom.atom_id 
_chem_comp_atom.type_symbol 
_chem_comp_atom.pdbx_aromatic_flag 
_chem_comp_atom.pdbx_stereo_config 
_chem_comp_atom.pdbx_ordinal 
ALA N    N  N N 1   
ALA CA   C  N S 2   
ALA C    C  N N 3   
ALA O    O  N N 4   
ALA CB   C  N N 5   
ALA OXT  O  N N 6   
ALA H    H  N N 7   
ALA H2   H  N N 8   
ALA HA   H  N N 9   
ALA HB1  H  N N 10  
ALA HB2  H  N N 11  
ALA HB3  H  N N 12  
ALA HXT  H  N N 13  
ARG N    N  N N 14  
ARG CA   C  N S 15  
ARG C    C  N N 16  
ARG O    O  N N 17  
ARG CB   C  N N 18  
ARG CG   C  N N 19  
ARG CD   C  N N 20  
ARG NE   N  N N 21  
ARG CZ   C  N N 22  
ARG NH1  N  N N 23  
ARG NH2  N  N N 24  
ARG OXT  O  N N 25  
ARG H    H  N N 26  
ARG H2   H  N N 27  
ARG HA   H  N N 28  
ARG HB2  H  N N 29  
ARG HB3  H  N N 30  
ARG HG2  H  N N 31  
ARG HG3  H  N N 32  
ARG HD2  H  N N 33  
ARG HD3  H  N N 34  
ARG HE   H  N N 35  
ARG HH11 H  N N 36  
ARG HH12 H  N N 37  
ARG HH21 H  N N 38  
ARG HH22 H  N N 39  
ARG HXT  H  N N 40  
ASN N    N  N N 41  
ASN CA   C  N S 42  
ASN C    C  N N 43  
ASN O    O  N N 44  
ASN CB   C  N N 45  
ASN CG   C  N N 46  
ASN OD1  O  N N 47  
ASN ND2  N  N N 48  
ASN OXT  O  N N 49  
ASN H    H  N N 50  
ASN H2   H  N N 51  
ASN HA   H  N N 52  
ASN HB2  H  N N 53  
ASN HB3  H  N N 54  
ASN HD21 H  N N 55  
ASN HD22 H  N N 56  
ASN HXT  H  N N 57  
ASP N    N  N N 58  
ASP CA   C  N S 59  
ASP C    C  N N 60  
ASP O    O  N N 61  
ASP CB   C  N N 62  
ASP CG   C  N N 63  
ASP OD1  O  N N 64  
ASP OD2  O  N N 65  
ASP OXT  O  N N 66  
ASP H    H  N N 67  
ASP H2   H  N N 68  
ASP HA   H  N N 69  
ASP HB2  H  N N 70  
ASP HB3  H  N N 71  
ASP HD2  H  N N 72  
ASP HXT  H  N N 73  
CL  CL   CL N N 74  
CYS N    N  N N 75  
CYS CA   C  N R 76  
CYS C    C  N N 77  
CYS O    O  N N 78  
CYS CB   C  N N 79  
CYS SG   S  N N 80  
CYS OXT  O  N N 81  
CYS H    H  N N 82  
CYS H2   H  N N 83  
CYS HA   H  N N 84  
CYS HB2  H  N N 85  
CYS HB3  H  N N 86  
CYS HG   H  N N 87  
CYS HXT  H  N N 88  
GLN N    N  N N 89  
GLN CA   C  N S 90  
GLN C    C  N N 91  
GLN O    O  N N 92  
GLN CB   C  N N 93  
GLN CG   C  N N 94  
GLN CD   C  N N 95  
GLN OE1  O  N N 96  
GLN NE2  N  N N 97  
GLN OXT  O  N N 98  
GLN H    H  N N 99  
GLN H2   H  N N 100 
GLN HA   H  N N 101 
GLN HB2  H  N N 102 
GLN HB3  H  N N 103 
GLN HG2  H  N N 104 
GLN HG3  H  N N 105 
GLN HE21 H  N N 106 
GLN HE22 H  N N 107 
GLN HXT  H  N N 108 
GLU N    N  N N 109 
GLU CA   C  N S 110 
GLU C    C  N N 111 
GLU O    O  N N 112 
GLU CB   C  N N 113 
GLU CG   C  N N 114 
GLU CD   C  N N 115 
GLU OE1  O  N N 116 
GLU OE2  O  N N 117 
GLU OXT  O  N N 118 
GLU H    H  N N 119 
GLU H2   H  N N 120 
GLU HA   H  N N 121 
GLU HB2  H  N N 122 
GLU HB3  H  N N 123 
GLU HG2  H  N N 124 
GLU HG3  H  N N 125 
GLU HE2  H  N N 126 
GLU HXT  H  N N 127 
GLY N    N  N N 128 
GLY CA   C  N N 129 
GLY C    C  N N 130 
GLY O    O  N N 131 
GLY OXT  O  N N 132 
GLY H    H  N N 133 
GLY H2   H  N N 134 
GLY HA2  H  N N 135 
GLY HA3  H  N N 136 
GLY HXT  H  N N 137 
HIS N    N  N N 138 
HIS CA   C  N S 139 
HIS C    C  N N 140 
HIS O    O  N N 141 
HIS CB   C  N N 142 
HIS CG   C  Y N 143 
HIS ND1  N  Y N 144 
HIS CD2  C  Y N 145 
HIS CE1  C  Y N 146 
HIS NE2  N  Y N 147 
HIS OXT  O  N N 148 
HIS H    H  N N 149 
HIS H2   H  N N 150 
HIS HA   H  N N 151 
HIS HB2  H  N N 152 
HIS HB3  H  N N 153 
HIS HD1  H  N N 154 
HIS HD2  H  N N 155 
HIS HE1  H  N N 156 
HIS HE2  H  N N 157 
HIS HXT  H  N N 158 
HOH O    O  N N 159 
HOH H1   H  N N 160 
HOH H2   H  N N 161 
ILE N    N  N N 162 
ILE CA   C  N S 163 
ILE C    C  N N 164 
ILE O    O  N N 165 
ILE CB   C  N S 166 
ILE CG1  C  N N 167 
ILE CG2  C  N N 168 
ILE CD1  C  N N 169 
ILE OXT  O  N N 170 
ILE H    H  N N 171 
ILE H2   H  N N 172 
ILE HA   H  N N 173 
ILE HB   H  N N 174 
ILE HG12 H  N N 175 
ILE HG13 H  N N 176 
ILE HG21 H  N N 177 
ILE HG22 H  N N 178 
ILE HG23 H  N N 179 
ILE HD11 H  N N 180 
ILE HD12 H  N N 181 
ILE HD13 H  N N 182 
ILE HXT  H  N N 183 
LEU N    N  N N 184 
LEU CA   C  N S 185 
LEU C    C  N N 186 
LEU O    O  N N 187 
LEU CB   C  N N 188 
LEU CG   C  N N 189 
LEU CD1  C  N N 190 
LEU CD2  C  N N 191 
LEU OXT  O  N N 192 
LEU H    H  N N 193 
LEU H2   H  N N 194 
LEU HA   H  N N 195 
LEU HB2  H  N N 196 
LEU HB3  H  N N 197 
LEU HG   H  N N 198 
LEU HD11 H  N N 199 
LEU HD12 H  N N 200 
LEU HD13 H  N N 201 
LEU HD21 H  N N 202 
LEU HD22 H  N N 203 
LEU HD23 H  N N 204 
LEU HXT  H  N N 205 
LYS N    N  N N 206 
LYS CA   C  N S 207 
LYS C    C  N N 208 
LYS O    O  N N 209 
LYS CB   C  N N 210 
LYS CG   C  N N 211 
LYS CD   C  N N 212 
LYS CE   C  N N 213 
LYS NZ   N  N N 214 
LYS OXT  O  N N 215 
LYS H    H  N N 216 
LYS H2   H  N N 217 
LYS HA   H  N N 218 
LYS HB2  H  N N 219 
LYS HB3  H  N N 220 
LYS HG2  H  N N 221 
LYS HG3  H  N N 222 
LYS HD2  H  N N 223 
LYS HD3  H  N N 224 
LYS HE2  H  N N 225 
LYS HE3  H  N N 226 
LYS HZ1  H  N N 227 
LYS HZ2  H  N N 228 
LYS HZ3  H  N N 229 
LYS HXT  H  N N 230 
MET N    N  N N 231 
MET CA   C  N S 232 
MET C    C  N N 233 
MET O    O  N N 234 
MET CB   C  N N 235 
MET CG   C  N N 236 
MET SD   S  N N 237 
MET CE   C  N N 238 
MET OXT  O  N N 239 
MET H    H  N N 240 
MET H2   H  N N 241 
MET HA   H  N N 242 
MET HB2  H  N N 243 
MET HB3  H  N N 244 
MET HG2  H  N N 245 
MET HG3  H  N N 246 
MET HE1  H  N N 247 
MET HE2  H  N N 248 
MET HE3  H  N N 249 
MET HXT  H  N N 250 
PHE N    N  N N 251 
PHE CA   C  N S 252 
PHE C    C  N N 253 
PHE O    O  N N 254 
PHE CB   C  N N 255 
PHE CG   C  Y N 256 
PHE CD1  C  Y N 257 
PHE CD2  C  Y N 258 
PHE CE1  C  Y N 259 
PHE CE2  C  Y N 260 
PHE CZ   C  Y N 261 
PHE OXT  O  N N 262 
PHE H    H  N N 263 
PHE H2   H  N N 264 
PHE HA   H  N N 265 
PHE HB2  H  N N 266 
PHE HB3  H  N N 267 
PHE HD1  H  N N 268 
PHE HD2  H  N N 269 
PHE HE1  H  N N 270 
PHE HE2  H  N N 271 
PHE HZ   H  N N 272 
PHE HXT  H  N N 273 
PRO N    N  N N 274 
PRO CA   C  N S 275 
PRO C    C  N N 276 
PRO O    O  N N 277 
PRO CB   C  N N 278 
PRO CG   C  N N 279 
PRO CD   C  N N 280 
PRO OXT  O  N N 281 
PRO H    H  N N 282 
PRO HA   H  N N 283 
PRO HB2  H  N N 284 
PRO HB3  H  N N 285 
PRO HG2  H  N N 286 
PRO HG3  H  N N 287 
PRO HD2  H  N N 288 
PRO HD3  H  N N 289 
PRO HXT  H  N N 290 
SER N    N  N N 291 
SER CA   C  N S 292 
SER C    C  N N 293 
SER O    O  N N 294 
SER CB   C  N N 295 
SER OG   O  N N 296 
SER OXT  O  N N 297 
SER H    H  N N 298 
SER H2   H  N N 299 
SER HA   H  N N 300 
SER HB2  H  N N 301 
SER HB3  H  N N 302 
SER HG   H  N N 303 
SER HXT  H  N N 304 
THR N    N  N N 305 
THR CA   C  N S 306 
THR C    C  N N 307 
THR O    O  N N 308 
THR CB   C  N R 309 
THR OG1  O  N N 310 
THR CG2  C  N N 311 
THR OXT  O  N N 312 
THR H    H  N N 313 
THR H2   H  N N 314 
THR HA   H  N N 315 
THR HB   H  N N 316 
THR HG1  H  N N 317 
THR HG21 H  N N 318 
THR HG22 H  N N 319 
THR HG23 H  N N 320 
THR HXT  H  N N 321 
TRP N    N  N N 322 
TRP CA   C  N S 323 
TRP C    C  N N 324 
TRP O    O  N N 325 
TRP CB   C  N N 326 
TRP CG   C  Y N 327 
TRP CD1  C  Y N 328 
TRP CD2  C  Y N 329 
TRP NE1  N  Y N 330 
TRP CE2  C  Y N 331 
TRP CE3  C  Y N 332 
TRP CZ2  C  Y N 333 
TRP CZ3  C  Y N 334 
TRP CH2  C  Y N 335 
TRP OXT  O  N N 336 
TRP H    H  N N 337 
TRP H2   H  N N 338 
TRP HA   H  N N 339 
TRP HB2  H  N N 340 
TRP HB3  H  N N 341 
TRP HD1  H  N N 342 
TRP HE1  H  N N 343 
TRP HE3  H  N N 344 
TRP HZ2  H  N N 345 
TRP HZ3  H  N N 346 
TRP HH2  H  N N 347 
TRP HXT  H  N N 348 
TYR N    N  N N 349 
TYR CA   C  N S 350 
TYR C    C  N N 351 
TYR O    O  N N 352 
TYR CB   C  N N 353 
TYR CG   C  Y N 354 
TYR CD1  C  Y N 355 
TYR CD2  C  Y N 356 
TYR CE1  C  Y N 357 
TYR CE2  C  Y N 358 
TYR CZ   C  Y N 359 
TYR OH   O  N N 360 
TYR OXT  O  N N 361 
TYR H    H  N N 362 
TYR H2   H  N N 363 
TYR HA   H  N N 364 
TYR HB2  H  N N 365 
TYR HB3  H  N N 366 
TYR HD1  H  N N 367 
TYR HD2  H  N N 368 
TYR HE1  H  N N 369 
TYR HE2  H  N N 370 
TYR HH   H  N N 371 
TYR HXT  H  N N 372 
VAL N    N  N N 373 
VAL CA   C  N S 374 
VAL C    C  N N 375 
VAL O    O  N N 376 
VAL CB   C  N N 377 
VAL CG1  C  N N 378 
VAL CG2  C  N N 379 
VAL OXT  O  N N 380 
VAL H    H  N N 381 
VAL H2   H  N N 382 
VAL HA   H  N N 383 
VAL HB   H  N N 384 
VAL HG11 H  N N 385 
VAL HG12 H  N N 386 
VAL HG13 H  N N 387 
VAL HG21 H  N N 388 
VAL HG22 H  N N 389 
VAL HG23 H  N N 390 
VAL HXT  H  N N 391 
XCW C1   C  N N 392 
XCW C11  C  N S 393 
XCW C13  C  N N 394 
XCW C15  C  Y N 395 
XCW C16  C  Y N 396 
XCW C17  C  Y N 397 
XCW C19  C  Y N 398 
XCW C22  C  N N 399 
XCW C23  C  N N 400 
XCW C24  C  N N 401 
XCW C25  C  N N 402 
XCW C26  C  N N 403 
XCW C27  C  N N 404 
XCW C28  C  N N 405 
XCW C3   C  Y N 406 
XCW C30  C  Y N 407 
XCW C31  C  Y N 408 
XCW C32  C  Y N 409 
XCW C33  C  Y N 410 
XCW C4   C  Y N 411 
XCW C6   C  N N 412 
XCW C7   C  N S 413 
XCW C9   C  N N 414 
XCW N12  N  N N 415 
XCW N2   N  N N 416 
XCW N21  N  Y N 417 
XCW N8   N  N N 418 
XCW O10  O  N N 419 
XCW O14  O  N N 420 
XCW O29  O  N N 421 
XCW O5   O  N N 422 
XCW CL18 CL N N 423 
XCW CL20 CL N N 424 
XCW H36  H  N N 425 
XCW H34  H  N N 426 
XCW H35  H  N N 427 
XCW H41  H  N N 428 
XCW H43  H  N N 429 
XCW H45  H  N N 430 
XCW H47  H  N N 431 
XCW H46  H  N N 432 
XCW H49  H  N N 433 
XCW H48  H  N N 434 
XCW H50  H  N N 435 
XCW H51  H  N N 436 
XCW H53  H  N N 437 
XCW H52  H  N N 438 
XCW H55  H  N N 439 
XCW H54  H  N N 440 
XCW H56  H  N N 441 
XCW H57  H  N N 442 
XCW H58  H  N N 443 
XCW H59  H  N N 444 
XCW H38  H  N N 445 
XCW H37  H  N N 446 
XCW H39  H  N N 447 
XCW H42  H  N N 448 
XCW H44  H  N N 449 
XCW H40  H  N N 450 
# 
loop_
_chem_comp_bond.comp_id 
_chem_comp_bond.atom_id_1 
_chem_comp_bond.atom_id_2 
_chem_comp_bond.value_order 
_chem_comp_bond.pdbx_aromatic_flag 
_chem_comp_bond.pdbx_stereo_config 
_chem_comp_bond.pdbx_ordinal 
ALA N   CA   sing N N 1   
ALA N   H    sing N N 2   
ALA N   H2   sing N N 3   
ALA CA  C    sing N N 4   
ALA CA  CB   sing N N 5   
ALA CA  HA   sing N N 6   
ALA C   O    doub N N 7   
ALA C   OXT  sing N N 8   
ALA CB  HB1  sing N N 9   
ALA CB  HB2  sing N N 10  
ALA CB  HB3  sing N N 11  
ALA OXT HXT  sing N N 12  
ARG N   CA   sing N N 13  
ARG N   H    sing N N 14  
ARG N   H2   sing N N 15  
ARG CA  C    sing N N 16  
ARG CA  CB   sing N N 17  
ARG CA  HA   sing N N 18  
ARG C   O    doub N N 19  
ARG C   OXT  sing N N 20  
ARG CB  CG   sing N N 21  
ARG CB  HB2  sing N N 22  
ARG CB  HB3  sing N N 23  
ARG CG  CD   sing N N 24  
ARG CG  HG2  sing N N 25  
ARG CG  HG3  sing N N 26  
ARG CD  NE   sing N N 27  
ARG CD  HD2  sing N N 28  
ARG CD  HD3  sing N N 29  
ARG NE  CZ   sing N N 30  
ARG NE  HE   sing N N 31  
ARG CZ  NH1  sing N N 32  
ARG CZ  NH2  doub N N 33  
ARG NH1 HH11 sing N N 34  
ARG NH1 HH12 sing N N 35  
ARG NH2 HH21 sing N N 36  
ARG NH2 HH22 sing N N 37  
ARG OXT HXT  sing N N 38  
ASN N   CA   sing N N 39  
ASN N   H    sing N N 40  
ASN N   H2   sing N N 41  
ASN CA  C    sing N N 42  
ASN CA  CB   sing N N 43  
ASN CA  HA   sing N N 44  
ASN C   O    doub N N 45  
ASN C   OXT  sing N N 46  
ASN CB  CG   sing N N 47  
ASN CB  HB2  sing N N 48  
ASN CB  HB3  sing N N 49  
ASN CG  OD1  doub N N 50  
ASN CG  ND2  sing N N 51  
ASN ND2 HD21 sing N N 52  
ASN ND2 HD22 sing N N 53  
ASN OXT HXT  sing N N 54  
ASP N   CA   sing N N 55  
ASP N   H    sing N N 56  
ASP N   H2   sing N N 57  
ASP CA  C    sing N N 58  
ASP CA  CB   sing N N 59  
ASP CA  HA   sing N N 60  
ASP C   O    doub N N 61  
ASP C   OXT  sing N N 62  
ASP CB  CG   sing N N 63  
ASP CB  HB2  sing N N 64  
ASP CB  HB3  sing N N 65  
ASP CG  OD1  doub N N 66  
ASP CG  OD2  sing N N 67  
ASP OD2 HD2  sing N N 68  
ASP OXT HXT  sing N N 69  
CYS N   CA   sing N N 70  
CYS N   H    sing N N 71  
CYS N   H2   sing N N 72  
CYS CA  C    sing N N 73  
CYS CA  CB   sing N N 74  
CYS CA  HA   sing N N 75  
CYS C   O    doub N N 76  
CYS C   OXT  sing N N 77  
CYS CB  SG   sing N N 78  
CYS CB  HB2  sing N N 79  
CYS CB  HB3  sing N N 80  
CYS SG  HG   sing N N 81  
CYS OXT HXT  sing N N 82  
GLN N   CA   sing N N 83  
GLN N   H    sing N N 84  
GLN N   H2   sing N N 85  
GLN CA  C    sing N N 86  
GLN CA  CB   sing N N 87  
GLN CA  HA   sing N N 88  
GLN C   O    doub N N 89  
GLN C   OXT  sing N N 90  
GLN CB  CG   sing N N 91  
GLN CB  HB2  sing N N 92  
GLN CB  HB3  sing N N 93  
GLN CG  CD   sing N N 94  
GLN CG  HG2  sing N N 95  
GLN CG  HG3  sing N N 96  
GLN CD  OE1  doub N N 97  
GLN CD  NE2  sing N N 98  
GLN NE2 HE21 sing N N 99  
GLN NE2 HE22 sing N N 100 
GLN OXT HXT  sing N N 101 
GLU N   CA   sing N N 102 
GLU N   H    sing N N 103 
GLU N   H2   sing N N 104 
GLU CA  C    sing N N 105 
GLU CA  CB   sing N N 106 
GLU CA  HA   sing N N 107 
GLU C   O    doub N N 108 
GLU C   OXT  sing N N 109 
GLU CB  CG   sing N N 110 
GLU CB  HB2  sing N N 111 
GLU CB  HB3  sing N N 112 
GLU CG  CD   sing N N 113 
GLU CG  HG2  sing N N 114 
GLU CG  HG3  sing N N 115 
GLU CD  OE1  doub N N 116 
GLU CD  OE2  sing N N 117 
GLU OE2 HE2  sing N N 118 
GLU OXT HXT  sing N N 119 
GLY N   CA   sing N N 120 
GLY N   H    sing N N 121 
GLY N   H2   sing N N 122 
GLY CA  C    sing N N 123 
GLY CA  HA2  sing N N 124 
GLY CA  HA3  sing N N 125 
GLY C   O    doub N N 126 
GLY C   OXT  sing N N 127 
GLY OXT HXT  sing N N 128 
HIS N   CA   sing N N 129 
HIS N   H    sing N N 130 
HIS N   H2   sing N N 131 
HIS CA  C    sing N N 132 
HIS CA  CB   sing N N 133 
HIS CA  HA   sing N N 134 
HIS C   O    doub N N 135 
HIS C   OXT  sing N N 136 
HIS CB  CG   sing N N 137 
HIS CB  HB2  sing N N 138 
HIS CB  HB3  sing N N 139 
HIS CG  ND1  sing Y N 140 
HIS CG  CD2  doub Y N 141 
HIS ND1 CE1  doub Y N 142 
HIS ND1 HD1  sing N N 143 
HIS CD2 NE2  sing Y N 144 
HIS CD2 HD2  sing N N 145 
HIS CE1 NE2  sing Y N 146 
HIS CE1 HE1  sing N N 147 
HIS NE2 HE2  sing N N 148 
HIS OXT HXT  sing N N 149 
HOH O   H1   sing N N 150 
HOH O   H2   sing N N 151 
ILE N   CA   sing N N 152 
ILE N   H    sing N N 153 
ILE N   H2   sing N N 154 
ILE CA  C    sing N N 155 
ILE CA  CB   sing N N 156 
ILE CA  HA   sing N N 157 
ILE C   O    doub N N 158 
ILE C   OXT  sing N N 159 
ILE CB  CG1  sing N N 160 
ILE CB  CG2  sing N N 161 
ILE CB  HB   sing N N 162 
ILE CG1 CD1  sing N N 163 
ILE CG1 HG12 sing N N 164 
ILE CG1 HG13 sing N N 165 
ILE CG2 HG21 sing N N 166 
ILE CG2 HG22 sing N N 167 
ILE CG2 HG23 sing N N 168 
ILE CD1 HD11 sing N N 169 
ILE CD1 HD12 sing N N 170 
ILE CD1 HD13 sing N N 171 
ILE OXT HXT  sing N N 172 
LEU N   CA   sing N N 173 
LEU N   H    sing N N 174 
LEU N   H2   sing N N 175 
LEU CA  C    sing N N 176 
LEU CA  CB   sing N N 177 
LEU CA  HA   sing N N 178 
LEU C   O    doub N N 179 
LEU C   OXT  sing N N 180 
LEU CB  CG   sing N N 181 
LEU CB  HB2  sing N N 182 
LEU CB  HB3  sing N N 183 
LEU CG  CD1  sing N N 184 
LEU CG  CD2  sing N N 185 
LEU CG  HG   sing N N 186 
LEU CD1 HD11 sing N N 187 
LEU CD1 HD12 sing N N 188 
LEU CD1 HD13 sing N N 189 
LEU CD2 HD21 sing N N 190 
LEU CD2 HD22 sing N N 191 
LEU CD2 HD23 sing N N 192 
LEU OXT HXT  sing N N 193 
LYS N   CA   sing N N 194 
LYS N   H    sing N N 195 
LYS N   H2   sing N N 196 
LYS CA  C    sing N N 197 
LYS CA  CB   sing N N 198 
LYS CA  HA   sing N N 199 
LYS C   O    doub N N 200 
LYS C   OXT  sing N N 201 
LYS CB  CG   sing N N 202 
LYS CB  HB2  sing N N 203 
LYS CB  HB3  sing N N 204 
LYS CG  CD   sing N N 205 
LYS CG  HG2  sing N N 206 
LYS CG  HG3  sing N N 207 
LYS CD  CE   sing N N 208 
LYS CD  HD2  sing N N 209 
LYS CD  HD3  sing N N 210 
LYS CE  NZ   sing N N 211 
LYS CE  HE2  sing N N 212 
LYS CE  HE3  sing N N 213 
LYS NZ  HZ1  sing N N 214 
LYS NZ  HZ2  sing N N 215 
LYS NZ  HZ3  sing N N 216 
LYS OXT HXT  sing N N 217 
MET N   CA   sing N N 218 
MET N   H    sing N N 219 
MET N   H2   sing N N 220 
MET CA  C    sing N N 221 
MET CA  CB   sing N N 222 
MET CA  HA   sing N N 223 
MET C   O    doub N N 224 
MET C   OXT  sing N N 225 
MET CB  CG   sing N N 226 
MET CB  HB2  sing N N 227 
MET CB  HB3  sing N N 228 
MET CG  SD   sing N N 229 
MET CG  HG2  sing N N 230 
MET CG  HG3  sing N N 231 
MET SD  CE   sing N N 232 
MET CE  HE1  sing N N 233 
MET CE  HE2  sing N N 234 
MET CE  HE3  sing N N 235 
MET OXT HXT  sing N N 236 
PHE N   CA   sing N N 237 
PHE N   H    sing N N 238 
PHE N   H2   sing N N 239 
PHE CA  C    sing N N 240 
PHE CA  CB   sing N N 241 
PHE CA  HA   sing N N 242 
PHE C   O    doub N N 243 
PHE C   OXT  sing N N 244 
PHE CB  CG   sing N N 245 
PHE CB  HB2  sing N N 246 
PHE CB  HB3  sing N N 247 
PHE CG  CD1  doub Y N 248 
PHE CG  CD2  sing Y N 249 
PHE CD1 CE1  sing Y N 250 
PHE CD1 HD1  sing N N 251 
PHE CD2 CE2  doub Y N 252 
PHE CD2 HD2  sing N N 253 
PHE CE1 CZ   doub Y N 254 
PHE CE1 HE1  sing N N 255 
PHE CE2 CZ   sing Y N 256 
PHE CE2 HE2  sing N N 257 
PHE CZ  HZ   sing N N 258 
PHE OXT HXT  sing N N 259 
PRO N   CA   sing N N 260 
PRO N   CD   sing N N 261 
PRO N   H    sing N N 262 
PRO CA  C    sing N N 263 
PRO CA  CB   sing N N 264 
PRO CA  HA   sing N N 265 
PRO C   O    doub N N 266 
PRO C   OXT  sing N N 267 
PRO CB  CG   sing N N 268 
PRO CB  HB2  sing N N 269 
PRO CB  HB3  sing N N 270 
PRO CG  CD   sing N N 271 
PRO CG  HG2  sing N N 272 
PRO CG  HG3  sing N N 273 
PRO CD  HD2  sing N N 274 
PRO CD  HD3  sing N N 275 
PRO OXT HXT  sing N N 276 
SER N   CA   sing N N 277 
SER N   H    sing N N 278 
SER N   H2   sing N N 279 
SER CA  C    sing N N 280 
SER CA  CB   sing N N 281 
SER CA  HA   sing N N 282 
SER C   O    doub N N 283 
SER C   OXT  sing N N 284 
SER CB  OG   sing N N 285 
SER CB  HB2  sing N N 286 
SER CB  HB3  sing N N 287 
SER OG  HG   sing N N 288 
SER OXT HXT  sing N N 289 
THR N   CA   sing N N 290 
THR N   H    sing N N 291 
THR N   H2   sing N N 292 
THR CA  C    sing N N 293 
THR CA  CB   sing N N 294 
THR CA  HA   sing N N 295 
THR C   O    doub N N 296 
THR C   OXT  sing N N 297 
THR CB  OG1  sing N N 298 
THR CB  CG2  sing N N 299 
THR CB  HB   sing N N 300 
THR OG1 HG1  sing N N 301 
THR CG2 HG21 sing N N 302 
THR CG2 HG22 sing N N 303 
THR CG2 HG23 sing N N 304 
THR OXT HXT  sing N N 305 
TRP N   CA   sing N N 306 
TRP N   H    sing N N 307 
TRP N   H2   sing N N 308 
TRP CA  C    sing N N 309 
TRP CA  CB   sing N N 310 
TRP CA  HA   sing N N 311 
TRP C   O    doub N N 312 
TRP C   OXT  sing N N 313 
TRP CB  CG   sing N N 314 
TRP CB  HB2  sing N N 315 
TRP CB  HB3  sing N N 316 
TRP CG  CD1  doub Y N 317 
TRP CG  CD2  sing Y N 318 
TRP CD1 NE1  sing Y N 319 
TRP CD1 HD1  sing N N 320 
TRP CD2 CE2  doub Y N 321 
TRP CD2 CE3  sing Y N 322 
TRP NE1 CE2  sing Y N 323 
TRP NE1 HE1  sing N N 324 
TRP CE2 CZ2  sing Y N 325 
TRP CE3 CZ3  doub Y N 326 
TRP CE3 HE3  sing N N 327 
TRP CZ2 CH2  doub Y N 328 
TRP CZ2 HZ2  sing N N 329 
TRP CZ3 CH2  sing Y N 330 
TRP CZ3 HZ3  sing N N 331 
TRP CH2 HH2  sing N N 332 
TRP OXT HXT  sing N N 333 
TYR N   CA   sing N N 334 
TYR N   H    sing N N 335 
TYR N   H2   sing N N 336 
TYR CA  C    sing N N 337 
TYR CA  CB   sing N N 338 
TYR CA  HA   sing N N 339 
TYR C   O    doub N N 340 
TYR C   OXT  sing N N 341 
TYR CB  CG   sing N N 342 
TYR CB  HB2  sing N N 343 
TYR CB  HB3  sing N N 344 
TYR CG  CD1  doub Y N 345 
TYR CG  CD2  sing Y N 346 
TYR CD1 CE1  sing Y N 347 
TYR CD1 HD1  sing N N 348 
TYR CD2 CE2  doub Y N 349 
TYR CD2 HD2  sing N N 350 
TYR CE1 CZ   doub Y N 351 
TYR CE1 HE1  sing N N 352 
TYR CE2 CZ   sing Y N 353 
TYR CE2 HE2  sing N N 354 
TYR CZ  OH   sing N N 355 
TYR OH  HH   sing N N 356 
TYR OXT HXT  sing N N 357 
VAL N   CA   sing N N 358 
VAL N   H    sing N N 359 
VAL N   H2   sing N N 360 
VAL CA  C    sing N N 361 
VAL CA  CB   sing N N 362 
VAL CA  HA   sing N N 363 
VAL C   O    doub N N 364 
VAL C   OXT  sing N N 365 
VAL CB  CG1  sing N N 366 
VAL CB  CG2  sing N N 367 
VAL CB  HB   sing N N 368 
VAL CG1 HG11 sing N N 369 
VAL CG1 HG12 sing N N 370 
VAL CG1 HG13 sing N N 371 
VAL CG2 HG21 sing N N 372 
VAL CG2 HG22 sing N N 373 
VAL CG2 HG23 sing N N 374 
VAL OXT HXT  sing N N 375 
XCW C25 C26  sing N N 376 
XCW C25 C24  sing N N 377 
XCW C26 C27  sing N N 378 
XCW C24 C23  sing N N 379 
XCW C27 C22  sing N N 380 
XCW C23 C22  sing N N 381 
XCW C22 C11  sing N N 382 
XCW C11 C9   sing N N 383 
XCW C11 N12  sing N N 384 
XCW O10 C9   doub N N 385 
XCW C9  N8   sing N N 386 
XCW N12 C13  sing N N 387 
XCW C13 O14  doub N N 388 
XCW C13 C15  sing N N 389 
XCW N8  C7   sing N N 390 
XCW C16 C15  doub Y N 391 
XCW C16 C17  sing Y N 392 
XCW C15 N21  sing Y N 393 
XCW C7  C6   sing N N 394 
XCW C7  C28  sing N N 395 
XCW C6  O5   sing N N 396 
XCW C17 CL18 sing N N 397 
XCW C17 C19  doub Y N 398 
XCW N21 C19  sing Y N 399 
XCW C31 C30  doub Y N 400 
XCW C31 C32  sing Y N 401 
XCW C30 C4   sing Y N 402 
XCW C19 CL20 sing N N 403 
XCW C32 C33  doub Y N 404 
XCW C4  O5   sing N N 405 
XCW C4  C3   doub Y N 406 
XCW C28 O29  doub N N 407 
XCW C28 N2   sing N N 408 
XCW C33 C3   sing Y N 409 
XCW C3  N2   sing N N 410 
XCW N2  C1   sing N N 411 
XCW C1  H36  sing N N 412 
XCW C1  H34  sing N N 413 
XCW C1  H35  sing N N 414 
XCW C11 H41  sing N N 415 
XCW C16 H43  sing N N 416 
XCW C22 H45  sing N N 417 
XCW C23 H47  sing N N 418 
XCW C23 H46  sing N N 419 
XCW C24 H49  sing N N 420 
XCW C24 H48  sing N N 421 
XCW C25 H50  sing N N 422 
XCW C25 H51  sing N N 423 
XCW C26 H53  sing N N 424 
XCW C26 H52  sing N N 425 
XCW C27 H55  sing N N 426 
XCW C27 H54  sing N N 427 
XCW C30 H56  sing N N 428 
XCW C31 H57  sing N N 429 
XCW C32 H58  sing N N 430 
XCW C33 H59  sing N N 431 
XCW C6  H38  sing N N 432 
XCW C6  H37  sing N N 433 
XCW C7  H39  sing N N 434 
XCW N12 H42  sing N N 435 
XCW N21 H44  sing N N 436 
XCW N8  H40  sing N N 437 
# 
_pdbx_audit_support.funding_organization   'Not funded' 
_pdbx_audit_support.country                ? 
_pdbx_audit_support.grant_number           ? 
_pdbx_audit_support.ordinal                1 
# 
_pdbx_initial_refinement_model.id               1 
_pdbx_initial_refinement_model.entity_id_list   ? 
_pdbx_initial_refinement_model.type             'experimental model' 
_pdbx_initial_refinement_model.source_name      PDB 
_pdbx_initial_refinement_model.accession_code   4HR9 
_pdbx_initial_refinement_model.details          ? 
# 
_space_group.name_H-M_alt     'I 2 2 2' 
_space_group.name_Hall        'I 2 2' 
_space_group.IT_number        23 
_space_group.crystal_system   orthorhombic 
_space_group.id               1 
# 
_atom_sites.entry_id                    8USS 
_atom_sites.Cartn_transf_matrix[1][1]   ? 
_atom_sites.Cartn_transf_matrix[1][2]   ? 
_atom_sites.Cartn_transf_matrix[1][3]   ? 
_atom_sites.Cartn_transf_matrix[2][1]   ? 
_atom_sites.Cartn_transf_matrix[2][2]   ? 
_atom_sites.Cartn_transf_matrix[2][3]   ? 
_atom_sites.Cartn_transf_matrix[3][1]   ? 
_atom_sites.Cartn_transf_matrix[3][2]   ? 
_atom_sites.Cartn_transf_matrix[3][3]   ? 
_atom_sites.Cartn_transf_vector[1]      ? 
_atom_sites.Cartn_transf_vector[2]      ? 
_atom_sites.Cartn_transf_vector[3]      ? 
_atom_sites.Cartn_transform_axes        ? 
_atom_sites.fract_transf_matrix[1][1]   -0.00156530 
_atom_sites.fract_transf_matrix[1][2]   0.02685313 
_atom_sites.fract_transf_matrix[1][3]   0.00479074 
_atom_sites.fract_transf_matrix[2][1]   0.01375293 
_atom_sites.fract_transf_matrix[2][2]   -0.00173292 
_atom_sites.fract_transf_matrix[2][3]   0.01420693 
_atom_sites.fract_transf_matrix[3][1]   0.00456782 
_atom_sites.fract_transf_matrix[3][2]   0.00103267 
_atom_sites.fract_transf_matrix[3][3]   -0.00429589 
_atom_sites.fract_transf_vector[1]      -0.020137 
_atom_sites.fract_transf_vector[2]      1.119768 
_atom_sites.fract_transf_vector[3]      0.197566 
_atom_sites.solution_primary            ? 
_atom_sites.solution_secondary          ? 
_atom_sites.solution_hydrogens          ? 
_atom_sites.special_details             ? 
# 
loop_
_atom_type.symbol 
_atom_type.scat_dispersion_real 
_atom_type.scat_dispersion_imag 
_atom_type.scat_Cromer_Mann_a1 
_atom_type.scat_Cromer_Mann_a2 
_atom_type.scat_Cromer_Mann_a3 
_atom_type.scat_Cromer_Mann_a4 
_atom_type.scat_Cromer_Mann_b1 
_atom_type.scat_Cromer_Mann_b2 
_atom_type.scat_Cromer_Mann_b3 
_atom_type.scat_Cromer_Mann_b4 
_atom_type.scat_Cromer_Mann_c 
_atom_type.scat_source 
_atom_type.scat_dispersion_source 
C  ? ? 3.54356 2.42580 ? ? 25.62398 1.50364  ? ? 0.0 
;2-Gaussian fit: Grosse-Kunstleve RW, Sauter NK, Adams PD: Newsletter of the IUCr Commission on Crystallographic Computing 2004, 3, 22-31.
;
? 
CL ? ? 9.50761 7.44341 ? ? 1.04373  23.83732 ? ? 0.0 
;2-Gaussian fit: Grosse-Kunstleve RW, Sauter NK, Adams PD: Newsletter of the IUCr Commission on Crystallographic Computing 2004, 3, 22-31.
;
? 
H  ? ? 0.51345 0.48472 ? ? 24.73122 6.32584  ? ? 0.0 
;2-Gaussian fit: Grosse-Kunstleve RW, Sauter NK, Adams PD: Newsletter of the IUCr Commission on Crystallographic Computing 2004, 3, 22-31.
;
? 
N  ? ? 4.01032 2.96436 ? ? 19.97189 1.75589  ? ? 0.0 
;2-Gaussian fit: Grosse-Kunstleve RW, Sauter NK, Adams PD: Newsletter of the IUCr Commission on Crystallographic Computing 2004, 3, 22-31.
;
? 
O  ? ? 4.49882 3.47563 ? ? 15.80542 1.70748  ? ? 0.0 
;2-Gaussian fit: Grosse-Kunstleve RW, Sauter NK, Adams PD: Newsletter of the IUCr Commission on Crystallographic Computing 2004, 3, 22-31.
;
? 
S  ? ? 9.55732 6.39887 ? ? 1.23737  29.19336 ? ? 0.0 
;2-Gaussian fit: Grosse-Kunstleve RW, Sauter NK, Adams PD: Newsletter of the IUCr Commission on Crystallographic Computing 2004, 3, 22-31.
;
? 
# 
loop_
_atom_site.group_PDB 
_atom_site.id 
_atom_site.type_symbol 
_atom_site.label_atom_id 
_atom_site.label_alt_id 
_atom_site.label_comp_id 
_atom_site.label_asym_id 
_atom_site.label_entity_id 
_atom_site.label_seq_id 
_atom_site.pdbx_PDB_ins_code 
_atom_site.Cartn_x 
_atom_site.Cartn_y 
_atom_site.Cartn_z 
_atom_site.occupancy 
_atom_site.B_iso_or_equiv 
_atom_site.pdbx_formal_charge 
_atom_site.auth_seq_id 
_atom_site.auth_comp_id 
_atom_site.auth_asym_id 
_atom_site.auth_atom_id 
_atom_site.pdbx_PDB_model_num 
ATOM   1   N  N    . ARG A 1 15  ? -25.02134 4.53675   14.60353  0.980 67.90293 ? 43  ARG A N    1 
ATOM   2   C  CA   . ARG A 1 15  ? -26.40749 4.50706   14.10034  0.980 49.06519 ? 43  ARG A CA   1 
ATOM   3   C  C    . ARG A 1 15  ? -26.59179 3.26352   13.23709  0.980 52.71767 ? 43  ARG A C    1 
ATOM   4   O  O    . ARG A 1 15  ? -27.72606 3.02038   12.87200  0.980 56.49002 ? 43  ARG A O    1 
ATOM   5   C  CB   . ARG A 1 15  ? -26.67813 5.75332   13.25413  0.980 42.92985 ? 43  ARG A CB   1 
ATOM   6   N  N    . THR A 1 16  ? -25.52455 2.50363   12.97470  1.000 47.43096 ? 44  THR A N    1 
ATOM   7   C  CA   . THR A 1 16  ? -25.57221 1.32933   12.05888  1.000 51.29062 ? 44  THR A CA   1 
ATOM   8   C  C    . THR A 1 16  ? -25.55952 -0.00585  12.80025  1.000 43.52464 ? 44  THR A C    1 
ATOM   9   O  O    . THR A 1 16  ? -24.92577 -0.03323  13.81666  1.000 53.85938 ? 44  THR A O    1 
ATOM   10  C  CB   . THR A 1 16  ? -24.38816 1.37726   11.07639  1.000 58.14289 ? 44  THR A CB   1 
ATOM   11  N  N    . VAL A 1 17  ? -26.09174 -1.08660  12.21123  1.000 34.98984 ? 45  VAL A N    1 
ATOM   12  C  CA   . VAL A 1 17  ? -26.18665 -2.37221  12.98177  1.000 60.44769 ? 45  VAL A CA   1 
ATOM   13  C  C    . VAL A 1 17  ? -25.25085 -3.47854  12.50817  1.000 42.91594 ? 45  VAL A C    1 
ATOM   14  O  O    . VAL A 1 17  ? -24.08758 -3.21986  12.36788  1.000 41.10362 ? 45  VAL A O    1 
ATOM   15  C  CB   . VAL A 1 17  ? -27.58151 -2.95129  13.39940  1.000 70.21811 ? 45  VAL A CB   1 
ATOM   16  N  N    . MET A 1 18  ? -25.86220 -4.62543  12.21262  1.000 44.66367 ? 46  MET A N    1 
ATOM   17  C  CA   . MET A 1 18  ? -25.19718 -5.95813  12.22362  1.000 41.21102 ? 46  MET A CA   1 
ATOM   18  C  C    . MET A 1 18  ? -24.57031 -6.50739  10.95041  1.000 50.06498 ? 46  MET A C    1 
ATOM   19  O  O    . MET A 1 18  ? -25.23848 -6.63915  9.94791   1.000 39.61350 ? 46  MET A O    1 
ATOM   20  C  CB   . MET A 1 18  ? -26.15953 -7.00680  12.78560  1.000 41.60603 ? 46  MET A CB   1 
ATOM   21  C  CG   . MET A 1 18  ? -26.83784 -6.55577  14.03375  1.000 43.01688 ? 46  MET A CG   1 
ATOM   22  S  SD   . MET A 1 18  ? -27.89434 -7.85208  14.70975  0.611 31.97296 ? 46  MET A SD   1 
ATOM   23  C  CE   . MET A 1 18  ? -29.38478 -7.55293  13.76642  0.698 38.83805 ? 46  MET A CE   1 
ATOM   24  N  N    . VAL A 1 19  ? -23.36801 -7.03626  11.16527  1.000 44.89367 ? 47  VAL A N    1 
ATOM   25  C  CA   . VAL A 1 19  ? -22.52767 -7.68296  10.14296  1.000 40.67494 ? 47  VAL A CA   1 
ATOM   26  C  C    . VAL A 1 19  ? -21.87439 -8.92736  10.75591  1.000 36.95337 ? 47  VAL A C    1 
ATOM   27  O  O    . VAL A 1 19  ? -21.63253 -8.90177  11.92902  1.000 44.51860 ? 47  VAL A O    1 
ATOM   28  C  CB   . VAL A 1 19  ? -21.48180 -6.63597  9.73744   1.000 53.70431 ? 47  VAL A CB   1 
ATOM   29  C  CG1  . VAL A 1 19  ? -20.08688 -7.19824  9.61506   1.000 44.64992 ? 47  VAL A CG1  1 
ATOM   30  C  CG2  . VAL A 1 19  ? -21.94070 -5.83107  8.53763   1.000 56.21812 ? 47  VAL A CG2  1 
ATOM   31  N  N    . ASN A 1 20  ? -21.65519 -9.98445  9.97747   1.000 40.86295 ? 48  ASN A N    1 
ATOM   32  C  CA   . ASN A 1 20  ? -20.91867 -11.19315 10.43455  1.000 45.53977 ? 48  ASN A CA   1 
ATOM   33  C  C    . ASN A 1 20  ? -19.43171 -11.15287 10.00456  1.000 50.08262 ? 48  ASN A C    1 
ATOM   34  O  O    . ASN A 1 20  ? -19.15236 -11.15473 8.81739   1.000 47.39340 ? 48  ASN A O    1 
ATOM   35  C  CB   . ASN A 1 20  ? -21.60882 -12.47763 9.97775   1.000 44.47495 ? 48  ASN A CB   1 
ATOM   36  C  CG   . ASN A 1 20  ? -22.73429 -12.87737 10.90393  1.000 54.90325 ? 48  ASN A CG   1 
ATOM   37  O  OD1  . ASN A 1 20  ? -23.03925 -14.04910 11.07020  1.000 59.10511 ? 48  ASN A OD1  1 
ATOM   38  N  ND2  . ASN A 1 20  ? -23.33641 -11.89621 11.53804  1.000 53.70855 ? 48  ASN A ND2  1 
ATOM   39  N  N    . LEU A 1 21  ? -18.51986 -11.10990 10.97411  1.000 47.56217 ? 49  LEU A N    1 
ATOM   40  C  CA   . LEU A 1 21  ? -17.06467 -11.13469 10.73879  1.000 42.71546 ? 49  LEU A CA   1 
ATOM   41  C  C    . LEU A 1 21  ? -16.70490 -12.59609 10.48749  1.000 46.01656 ? 49  LEU A C    1 
ATOM   42  O  O    . LEU A 1 21  ? -16.82916 -13.38218 11.43121  1.000 46.44170 ? 49  LEU A O    1 
ATOM   43  C  CB   . LEU A 1 21  ? -16.38852 -10.63184 12.01354  1.000 43.31551 ? 49  LEU A CB   1 
ATOM   44  C  CG   . LEU A 1 21  ? -16.77120 -9.22792  12.48259  1.000 44.29935 ? 49  LEU A CG   1 
ATOM   45  C  CD1  . LEU A 1 21  ? -15.70680 -8.69122  13.41498  1.000 46.09717 ? 49  LEU A CD1  1 
ATOM   46  C  CD2  . LEU A 1 21  ? -16.89591 -8.28851  11.31099  1.000 48.87106 ? 49  LEU A CD2  1 
ATOM   47  N  N    . ASN A 1 22  ? -16.31100 -12.93683 9.26964   1.000 45.40753 ? 50  ASN A N    1 
ATOM   48  C  CA   . ASN A 1 22  ? -15.97096 -14.34284 8.93523   1.000 55.70831 ? 50  ASN A CA   1 
ATOM   49  C  C    . ASN A 1 22  ? -14.93832 -14.35085 7.80049   1.000 51.51225 ? 50  ASN A C    1 
ATOM   50  O  O    . ASN A 1 22  ? -14.32874 -13.30834 7.55131   1.000 47.11882 ? 50  ASN A O    1 
ATOM   51  C  CB   . ASN A 1 22  ? -17.22679 -15.12704 8.55195   1.000 45.33209 ? 50  ASN A CB   1 
ATOM   52  C  CG   . ASN A 1 22  ? -18.06490 -14.40829 7.52291   1.000 57.89196 ? 50  ASN A CG   1 
ATOM   53  O  OD1  . ASN A 1 22  ? -17.52788 -13.80263 6.60190   1.000 59.37125 ? 50  ASN A OD1  1 
ATOM   54  N  ND2  . ASN A 1 22  ? -19.37621 -14.46827 7.66449   1.000 55.35091 ? 50  ASN A ND2  1 
ATOM   55  N  N    . ILE A 1 23  ? -14.86083 -15.45944 7.07052   1.000 50.16121 ? 51  ILE A N    1 
ATOM   56  C  CA   . ILE A 1 23  ? -13.91361 -15.65825 5.93371   1.000 49.55761 ? 51  ILE A CA   1 
ATOM   57  C  C    . ILE A 1 23  ? -14.21051 -14.74797 4.74362   1.000 51.31390 ? 51  ILE A C    1 
ATOM   58  O  O    . ILE A 1 23  ? -13.28857 -14.47691 3.99318   1.000 50.96378 ? 51  ILE A O    1 
ATOM   59  C  CB   . ILE A 1 23  ? -13.91983 -17.11384 5.46181   1.000 59.01573 ? 51  ILE A CB   1 
ATOM   60  C  CG1  . ILE A 1 23  ? -13.15969 -18.00396 6.43924   1.000 58.33540 ? 51  ILE A CG1  1 
ATOM   61  C  CG2  . ILE A 1 23  ? -13.30839 -17.18255 4.07912   1.000 57.33955 ? 51  ILE A CG2  1 
ATOM   62  C  CD1  . ILE A 1 23  ? -11.72540 -18.15815 6.08402   1.000 54.68329 ? 51  ILE A CD1  1 
ATOM   63  N  N    . HIS A 1 24  ? -15.42996 -14.23566 4.61600   0.829 42.39269 ? 52  HIS A N    1 
ATOM   64  C  CA   . HIS A 1 24  ? -15.80773 -13.32622 3.50688   0.829 41.68726 ? 52  HIS A CA   1 
ATOM   65  C  C    . HIS A 1 24  ? -15.31227 -11.88762 3.74342   0.829 42.36134 ? 52  HIS A C    1 
ATOM   66  O  O    . HIS A 1 24  ? -15.53203 -11.06805 2.85319   0.829 40.39644 ? 52  HIS A O    1 
ATOM   67  C  CB   . HIS A 1 24  ? -17.31901 -13.39626 3.29734   0.829 44.67819 ? 52  HIS A CB   1 
ATOM   68  N  N    . ASN A 1 25  ? -14.70414 -11.59890 4.89585   1.000 39.31926 ? 53  ASN A N    1 
ATOM   69  C  CA   . ASN A 1 25  ? -14.14424 -10.26692 5.20929   1.000 38.83164 ? 53  ASN A CA   1 
ATOM   70  C  C    . ASN A 1 25  ? -12.76299 -10.35396 5.88042   1.000 39.81533 ? 53  ASN A C    1 
ATOM   71  O  O    . ASN A 1 25  ? -12.44378 -9.45991  6.61375   1.000 35.18963 ? 53  ASN A O    1 
ATOM   72  C  CB   . ASN A 1 25  ? -15.13757 -9.40220  5.96898   1.000 34.69441 ? 53  ASN A CB   1 
ATOM   73  C  CG   . ASN A 1 25  ? -15.84799 -10.15427 7.06095   1.000 42.21714 ? 53  ASN A CG   1 
ATOM   74  O  OD1  . ASN A 1 25  ? -15.25920 -10.45499 8.07776   1.000 43.66970 ? 53  ASN A OD1  1 
ATOM   75  N  ND2  . ASN A 1 25  ? -17.12446 -10.41497 6.87328   1.000 34.28096 ? 53  ASN A ND2  1 
ATOM   76  N  N    . ARG A 1 26  ? -11.97868 -11.37948 5.57730   1.000 38.44998 ? 54  ARG A N    1 
ATOM   77  C  CA   . ARG A 1 26  ? -10.60556 -11.49771 6.11837   1.000 37.84195 ? 54  ARG A CA   1 
ATOM   78  C  C    . ARG A 1 26  ? -9.70858  -12.10200 5.04221   1.000 38.97935 ? 54  ARG A C    1 
ATOM   79  O  O    . ARG A 1 26  ? -10.21879 -12.71274 4.14134   1.000 37.69979 ? 54  ARG A O    1 
ATOM   80  C  CB   . ARG A 1 26  ? -10.58173 -12.28835 7.42114   1.000 40.46170 ? 54  ARG A CB   1 
ATOM   81  C  CG   . ARG A 1 26  ? -10.69958 -13.79036 7.25282   0.884 47.87939 ? 54  ARG A CG   1 
ATOM   82  C  CD   . ARG A 1 26  ? -10.04746 -14.34996 8.49810   1.000 58.70712 ? 54  ARG A CD   1 
ATOM   83  N  NE   . ARG A 1 26  ? -10.23756 -15.77165 8.70570   0.614 52.97263 ? 54  ARG A NE   1 
ATOM   84  C  CZ   . ARG A 1 26  ? -11.27047 -16.30522 9.34014   0.198 55.30189 ? 54  ARG A CZ   1 
ATOM   85  N  NH1  . ARG A 1 26  ? -12.23112 -15.53749 9.82723   1.000 53.76573 ? 54  ARG A NH1  1 
ATOM   86  N  NH2  . ARG A 1 26  ? -11.33218 -17.61483 9.48043   0.571 58.24946 ? 54  ARG A NH2  1 
ATOM   87  N  N    . ASN A 1 27  ? -8.40432  -11.90358 5.16605   1.000 34.37026 ? 55  ASN A N    1 
ATOM   88  C  CA   . ASN A 1 27  ? -7.45118  -12.34406 4.12537   1.000 37.16059 ? 55  ASN A CA   1 
ATOM   89  C  C    . ASN A 1 27  ? -7.43382  -13.86544 3.92160   1.000 34.82658 ? 55  ASN A C    1 
ATOM   90  O  O    . ASN A 1 27  ? -7.23865  -14.59567 4.86189   1.000 34.99807 ? 55  ASN A O    1 
ATOM   91  C  CB   . ASN A 1 27  ? -6.05813  -11.81230 4.44002   1.000 29.68958 ? 55  ASN A CB   1 
ATOM   92  C  CG   . ASN A 1 27  ? -5.07645  -12.07254 3.32804   1.000 39.29641 ? 55  ASN A CG   1 
ATOM   93  O  OD1  . ASN A 1 27  ? -5.46475  -12.37265 2.21430   1.000 33.58705 ? 55  ASN A OD1  1 
ATOM   94  N  ND2  . ASN A 1 27  ? -3.80819  -11.87579 3.62622   1.000 43.67215 ? 55  ASN A ND2  1 
ATOM   95  N  N    . THR A 1 28  ? -7.59751  -14.30010 2.68299   1.000 35.11775 ? 56  THR A N    1 
ATOM   96  C  CA   . THR A 1 28  ? -7.47016  -15.74831 2.38446   1.000 34.42257 ? 56  THR A CA   1 
ATOM   97  C  C    . THR A 1 28  ? -6.38370  -15.93576 1.33779   1.000 38.22089 ? 56  THR A C    1 
ATOM   98  O  O    . THR A 1 28  ? -6.27265  -17.02116 0.83104   1.000 35.80846 ? 56  THR A O    1 
ATOM   99  C  CB   . THR A 1 28  ? -8.77818  -16.38479 1.91464   1.000 36.98007 ? 56  THR A CB   1 
ATOM   100 O  OG1  . THR A 1 28  ? -9.22329  -15.73043 0.73620   1.000 39.28533 ? 56  THR A OG1  1 
ATOM   101 C  CG2  . THR A 1 28  ? -9.85205  -16.36063 2.97391   1.000 44.48781 ? 56  THR A CG2  1 
ATOM   102 N  N    . ASN A 1 29  ? -5.63303  -14.88221 1.03861   1.000 33.22573 ? 57  ASN A N    1 
ATOM   103 C  CA   . ASN A 1 29  ? -4.56988  -14.98957 0.01450   1.000 30.22790 ? 57  ASN A CA   1 
ATOM   104 C  C    . ASN A 1 29  ? -3.34514  -15.60229 0.67243   1.000 31.97101 ? 57  ASN A C    1 
ATOM   105 O  O    . ASN A 1 29  ? -2.83123  -15.01676 1.59041   1.000 30.11441 ? 57  ASN A O    1 
ATOM   106 C  CB   . ASN A 1 29  ? -4.27045  -13.64037 -0.61795  1.000 28.90904 ? 57  ASN A CB   1 
ATOM   107 C  CG   . ASN A 1 29  ? -3.32695  -13.69337 -1.79763  1.000 36.06634 ? 57  ASN A CG   1 
ATOM   108 O  OD1  . ASN A 1 29  ? -2.61548  -14.65758 -1.99482  1.000 38.62708 ? 57  ASN A OD1  1 
ATOM   109 N  ND2  . ASN A 1 29  ? -3.29110  -12.62035 -2.55929  1.000 34.89630 ? 57  ASN A ND2  1 
ATOM   110 N  N    . THR A 1 30  ? -2.94911  -16.77721 0.20162   1.000 32.91723 ? 58  THR A N    1 
ATOM   111 C  CA   . THR A 1 30  ? -1.76767  -17.46262 0.77384   1.000 32.91541 ? 58  THR A CA   1 
ATOM   112 C  C    . THR A 1 30  ? -0.58711  -17.36941 -0.19555  1.000 37.14313 ? 58  THR A C    1 
ATOM   113 O  O    . THR A 1 30  ? 0.41342   -17.99613 0.07415   1.000 37.14349 ? 58  THR A O    1 
ATOM   114 C  CB   . THR A 1 30  ? -2.11627  -18.88999 1.21244   1.000 39.07340 ? 58  THR A CB   1 
ATOM   115 O  OG1  . THR A 1 30  ? -2.60664  -19.57072 0.06585   1.000 43.49509 ? 58  THR A OG1  1 
ATOM   116 C  CG2  . THR A 1 30  ? -3.16737  -18.90607 2.29365   1.000 36.17405 ? 58  THR A CG2  1 
ATOM   117 N  N    . ASN A 1 31  ? -0.71570  -16.57507 -1.25675  1.000 28.78550 ? 59  ASN A N    1 
ATOM   118 C  CA   . ASN A 1 31  ? 0.36868   -16.46721 -2.25979  1.000 28.36662 ? 59  ASN A CA   1 
ATOM   119 C  C    . ASN A 1 31  ? 0.69565   -14.99276 -2.54735  1.000 24.52390 ? 59  ASN A C    1 
ATOM   120 O  O    . ASN A 1 31  ? 0.60098   -14.58456 -3.68010  1.000 27.81632 ? 59  ASN A O    1 
ATOM   121 C  CB   . ASN A 1 31  ? 0.01878   -17.28924 -3.49811  1.000 30.56564 ? 59  ASN A CB   1 
ATOM   122 C  CG   . ASN A 1 31  ? 1.19687   -17.58478 -4.39937  1.000 49.45481 ? 59  ASN A CG   1 
ATOM   123 O  OD1  . ASN A 1 31  ? 2.33968   -17.31663 -4.05765  1.000 45.94124 ? 59  ASN A OD1  1 
ATOM   124 N  ND2  . ASN A 1 31  ? 0.90712   -18.14016 -5.56140  1.000 46.93888 ? 59  ASN A ND2  1 
ATOM   125 N  N    . PRO A 1 32  ? 1.16782   -14.19763 -1.57457  1.000 22.11649 ? 60  PRO A N    1 
ATOM   126 C  CA   . PRO A 1 32  ? 1.52143   -12.81177 -1.83587  1.000 19.54080 ? 60  PRO A CA   1 
ATOM   127 C  C    . PRO A 1 32  ? 2.70181   -12.64670 -2.80889  1.000 24.61192 ? 60  PRO A C    1 
ATOM   128 O  O    . PRO A 1 32  ? 2.74527   -11.68425 -3.45589  1.000 25.35365 ? 60  PRO A O    1 
ATOM   129 C  CB   . PRO A 1 32  ? 1.85154   -12.25257 -0.45397  1.000 20.95642 ? 60  PRO A CB   1 
ATOM   130 C  CG   . PRO A 1 32  ? 2.25912   -13.45619 0.32915   1.000 24.31081 ? 60  PRO A CG   1 
ATOM   131 C  CD   . PRO A 1 32  ? 1.34731   -14.54361 -0.17544  1.000 22.22116 ? 60  PRO A CD   1 
ATOM   132 N  N    . LYS A 1 33  ? 3.58108   -13.64054 -2.92205  1.000 22.37221 ? 61  LYS A N    1 
ATOM   133 C  CA   . LYS A 1 33  ? 4.74770   -13.58168 -3.83464  1.000 22.42894 ? 61  LYS A CA   1 
ATOM   134 C  C    . LYS A 1 33  ? 4.29668   -13.57268 -5.29285  1.000 25.87276 ? 61  LYS A C    1 
ATOM   135 O  O    . LYS A 1 33  ? 4.99991   -13.02616 -6.06761  1.000 27.47250 ? 61  LYS A O    1 
ATOM   136 C  CB   . LYS A 1 33  ? 5.71974   -14.73231 -3.57472  1.000 24.06487 ? 61  LYS A CB   1 
ATOM   137 C  CG   . LYS A 1 33  ? 6.51696   -14.59959 -2.30163  1.000 30.54691 ? 61  LYS A CG   1 
ATOM   138 C  CD   . LYS A 1 33  ? 7.39313   -13.39056 -2.24508  1.000 35.49470 ? 61  LYS A CD   1 
ATOM   139 C  CE   . LYS A 1 33  ? 8.71774   -13.55050 -2.94611  0.742 39.97513 ? 61  LYS A CE   1 
ATOM   140 N  NZ   . LYS A 1 33  ? 9.63226   -12.43644 -2.61273  1.000 47.08455 ? 61  LYS A NZ   1 
ATOM   141 N  N    . ARG A 1 34  ? 3.14878   -14.15052 -5.62270  1.000 26.01317 ? 62  ARG A N    1 
ATOM   142 C  CA   . ARG A 1 34  ? 2.63400   -14.08399 -7.01357  1.000 27.52967 ? 62  ARG A CA   1 
ATOM   143 C  C    . ARG A 1 34  ? 2.48979   -12.60949 -7.39827  1.000 29.03919 ? 62  ARG A C    1 
ATOM   144 O  O    . ARG A 1 34  ? 2.95553   -12.22467 -8.43928  1.000 27.61761 ? 62  ARG A O    1 
ATOM   145 C  CB   . ARG A 1 34  ? 1.28668   -14.80134 -7.11710  1.000 29.09691 ? 62  ARG A CB   1 
ATOM   146 N  N    . SER A 1 35  ? 1.87051   -11.82555 -6.53690  1.000 23.94560 ? 63  SER A N    1 
ATOM   147 C  CA   . SER A 1 35  ? 1.66659   -10.38572 -6.79816  1.000 25.22604 ? 63  SER A CA   1 
ATOM   148 C  C    . SER A 1 35  ? 2.98509   -9.63005  -6.72493  1.000 26.27270 ? 63  SER A C    1 
ATOM   149 O  O    . SER A 1 35  ? 3.20712   -8.82618  -7.57671  1.000 25.12030 ? 63  SER A O    1 
ATOM   150 C  CB   . SER A 1 35  ? 0.69552   -9.79179  -5.81363  1.000 29.32090 ? 63  SER A CB   1 
ATOM   151 O  OG   . SER A 1 35  ? -0.55765  -10.39748 -5.92482  1.000 36.00883 ? 63  SER A OG   1 
ATOM   152 N  N    . SER A 1 36  ? 3.79798   -9.88357  -5.70554  1.000 24.03457 ? 64  SER A N    1 
ATOM   153 C  CA   . SER A 1 36  ? 5.05519   -9.11116  -5.57512  1.000 22.10616 ? 64  SER A CA   1 
ATOM   154 C  C    . SER A 1 36  ? 6.01718   -9.42233  -6.72176  1.000 26.84185 ? 64  SER A C    1 
ATOM   155 O  O    . SER A 1 36  ? 6.64628   -8.49327  -7.17273  1.000 27.00913 ? 64  SER A O    1 
ATOM   156 C  CB   . SER A 1 36  ? 5.70511   -9.23969  -4.23742  1.000 28.04192 ? 64  SER A CB   1 
ATOM   157 O  OG   . SER A 1 36  ? 6.16972   -10.54435 -4.05555  1.000 34.87281 ? 64  SER A OG   1 
ATOM   158 N  N    . ASP A 1 37  ? 6.11814   -10.67899 -7.15022  1.000 25.15859 ? 65  ASP A N    1 
ATOM   159 C  CA   . ASP A 1 37  ? 6.99463   -10.97473 -8.30861  1.000 24.99587 ? 65  ASP A CA   1 
ATOM   160 C  C    . ASP A 1 37  ? 6.49547   -10.16913 -9.51408  1.000 27.47335 ? 65  ASP A C    1 
ATOM   161 O  O    . ASP A 1 37  ? 7.31058   -9.66023  -10.24106 1.000 27.98685 ? 65  ASP A O    1 
ATOM   162 C  CB   . ASP A 1 37  ? 7.00135   -12.45935 -8.68202  1.000 26.81836 ? 65  ASP A CB   1 
ATOM   163 C  CG   . ASP A 1 37  ? 7.71373   -13.38934 -7.71910  1.000 39.87829 ? 65  ASP A CG   1 
ATOM   164 O  OD1  . ASP A 1 37  ? 8.45669   -12.91510 -6.90091  1.000 36.17002 ? 65  ASP A OD1  1 
ATOM   165 O  OD2  . ASP A 1 37  ? 7.43693   -14.56467 -7.79151  1.000 42.44038 ? 65  ASP A OD2  1 
ATOM   166 N  N    . TYR A 1 38  ? 5.18922   -10.12569 -9.72244  1.000 24.17308 ? 66  TYR A N    1 
ATOM   167 C  CA   . TYR A 1 38  ? 4.61489   -9.37842  -10.86504 1.000 24.86065 ? 66  TYR A CA   1 
ATOM   168 C  C    . TYR A 1 38  ? 4.90273   -7.87887  -10.74142 1.000 27.99793 ? 66  TYR A C    1 
ATOM   169 O  O    . TYR A 1 38  ? 5.46419   -7.30940  -11.65697 1.000 25.45587 ? 66  TYR A O    1 
ATOM   170 C  CB   . TYR A 1 38  ? 3.10937   -9.60357  -10.91048 1.000 26.87053 ? 66  TYR A CB   1 
ATOM   171 C  CG   . TYR A 1 38  ? 2.41192   -8.90541  -12.04047 1.000 32.05673 ? 66  TYR A CG   1 
ATOM   172 C  CD1  . TYR A 1 38  ? 2.66125   -9.26544  -13.34567 1.000 38.64494 ? 66  TYR A CD1  1 
ATOM   173 C  CD2  . TYR A 1 38  ? 1.53348   -7.87237  -11.80458 1.000 30.46821 ? 66  TYR A CD2  1 
ATOM   174 C  CE1  . TYR A 1 38  ? 2.03794   -8.62938  -14.39993 1.000 40.63381 ? 66  TYR A CE1  1 
ATOM   175 C  CE2  . TYR A 1 38  ? 0.88919   -7.23609  -12.84410 1.000 33.02799 ? 66  TYR A CE2  1 
ATOM   176 C  CZ   . TYR A 1 38  ? 1.14122   -7.62360  -14.14268 1.000 34.04955 ? 66  TYR A CZ   1 
ATOM   177 O  OH   . TYR A 1 38  ? 0.54255   -7.04661  -15.20565 1.000 37.17154 ? 66  TYR A OH   1 
ATOM   178 N  N    . TYR A 1 39  ? 4.57785   -7.27573  -9.60309  1.000 22.15645 ? 67  TYR A N    1 
ATOM   179 C  CA   . TYR A 1 39  ? 4.85286   -5.82343  -9.41275  1.000 22.51426 ? 67  TYR A CA   1 
ATOM   180 C  C    . TYR A 1 39  ? 6.35779   -5.56106  -9.29095  1.000 25.61671 ? 67  TYR A C    1 
ATOM   181 O  O    . TYR A 1 39  ? 6.75593   -4.48305  -9.49458  1.000 23.56869 ? 67  TYR A O    1 
ATOM   182 C  CB   . TYR A 1 39  ? 4.00319   -5.19374  -8.30385  1.000 26.25874 ? 67  TYR A CB   1 
ATOM   183 C  CG   . TYR A 1 39  ? 2.50968   -5.30490  -8.48811  1.000 24.97977 ? 67  TYR A CG   1 
ATOM   184 C  CD1  . TYR A 1 39  ? 1.87510   -4.81701  -9.61660  1.000 30.52033 ? 67  TYR A CD1  1 
ATOM   185 C  CD2  . TYR A 1 39  ? 1.72340   -5.89666  -7.52111  1.000 28.78920 ? 67  TYR A CD2  1 
ATOM   186 C  CE1  . TYR A 1 39  ? 0.50634   -4.93806  -9.78451  1.000 31.89711 ? 67  TYR A CE1  1 
ATOM   187 C  CE2  . TYR A 1 39  ? 0.35626   -6.01777  -7.67104  1.000 28.52355 ? 67  TYR A CE2  1 
ATOM   188 C  CZ   . TYR A 1 39  ? -0.25940  -5.53725  -8.80337  1.000 34.69784 ? 67  TYR A CZ   1 
ATOM   189 O  OH   . TYR A 1 39  ? -1.61221  -5.68923  -8.90109  1.000 38.15705 ? 67  TYR A OH   1 
ATOM   190 N  N    . ASN A 1 40  ? 7.17020   -6.56358  -9.00094  1.000 23.44993 ? 68  ASN A N    1 
ATOM   191 C  CA   . ASN A 1 40  ? 8.64115   -6.36100  -8.94296  1.000 22.59403 ? 68  ASN A CA   1 
ATOM   192 C  C    . ASN A 1 40  ? 9.22072   -6.10510  -10.33623 1.000 24.49444 ? 68  ASN A C    1 
ATOM   193 O  O    . ASN A 1 40  ? 10.34616  -5.74511  -10.40659 1.000 26.19042 ? 68  ASN A O    1 
ATOM   194 C  CB   . ASN A 1 40  ? 9.36552   -7.49671  -8.24307  1.000 25.34590 ? 68  ASN A CB   1 
ATOM   195 C  CG   . ASN A 1 40  ? 9.48159   -7.24329  -6.75693  1.000 37.15406 ? 68  ASN A CG   1 
ATOM   196 O  OD1  . ASN A 1 40  ? 9.19164   -6.16072  -6.28133  1.000 28.36916 ? 68  ASN A OD1  1 
ATOM   197 N  ND2  . ASN A 1 40  ? 9.83437   -8.26056  -6.01540  1.000 32.76883 ? 68  ASN A ND2  1 
ATOM   198 N  N    . ARG A 1 41  ? 8.36567   -6.23819  -11.34101 1.000 20.25898 ? 69  ARG A N    1 
ATOM   199 C  CA   . ARG A 1 41  ? 8.75037   -5.92895  -12.73193 1.000 19.73356 ? 69  ARG A CA   1 
ATOM   200 C  C    . ARG A 1 41  ? 8.39067   -4.47784  -13.06735 1.000 16.38582 ? 69  ARG A C    1 
ATOM   201 O  O    . ARG A 1 41  ? 8.63714   -4.05511  -14.14156 1.000 17.88843 ? 69  ARG A O    1 
ATOM   202 C  CB   . ARG A 1 41  ? 8.13274   -6.94870  -13.67372 1.000 25.80773 ? 69  ARG A CB   1 
ATOM   203 C  CG   . ARG A 1 41  ? 8.64817   -8.34154  -13.36877 1.000 34.76125 ? 69  ARG A CG   1 
ATOM   204 C  CD   . ARG A 1 41  ? 8.04967   -9.39030  -14.25578 1.000 40.13204 ? 69  ARG A CD   1 
ATOM   205 N  NE   . ARG A 1 41  ? 8.47155   -9.19140  -15.62629 1.000 36.85967 ? 69  ARG A NE   1 
ATOM   206 C  CZ   . ARG A 1 41  ? 9.54135   -9.72737  -16.20196 0.301 30.58195 ? 69  ARG A CZ   1 
ATOM   207 N  NH1  . ARG A 1 41  ? 10.37650  -10.48760 -15.51741 0.563 31.91309 ? 69  ARG A NH1  1 
ATOM   208 N  NH2  . ARG A 1 41  ? 9.77636   -9.48964  -17.47485 0.802 32.94999 ? 69  ARG A NH2  1 
ATOM   209 N  N    . SER A 1 42  ? 7.89909   -3.75371  -12.07424 1.000 15.98402 ? 70  SER A N    1 
ATOM   210 C  CA   . SER A 1 42  ? 7.57922   -2.31971  -12.23236 1.000 14.65821 ? 70  SER A CA   1 
ATOM   211 C  C    . SER A 1 42  ? 8.86553   -1.49620  -12.27617 1.000 16.33914 ? 70  SER A C    1 
ATOM   212 O  O    . SER A 1 42  ? 9.84198   -1.92786  -11.72185 1.000 17.69287 ? 70  SER A O    1 
ATOM   213 C  CB   . SER A 1 42  ? 6.75975   -1.84787  -11.06716 1.000 15.79676 ? 70  SER A CB   1 
ATOM   214 O  OG   . SER A 1 42  ? 6.49331   -0.47193  -11.20166 1.000 17.00301 ? 70  SER A OG   1 
ATOM   215 N  N    . THR A 1 43  ? 8.80203   -0.35478  -12.93471 1.000 13.14671 ? 71  THR A N    1 
ATOM   216 C  CA   . THR A 1 43  ? 9.93836   0.58662   -12.90698 1.000 12.62859 ? 71  THR A CA   1 
ATOM   217 C  C    . THR A 1 43  ? 9.93721   1.31581   -11.55390 1.000 13.58508 ? 71  THR A C    1 
ATOM   218 O  O    . THR A 1 43  ? 10.89889  1.91497   -11.26751 1.000 14.82008 ? 71  THR A O    1 
ATOM   219 C  CB   . THR A 1 43  ? 9.89469   1.58025   -14.06519 1.000 15.03449 ? 71  THR A CB   1 
ATOM   220 O  OG1  . THR A 1 43  ? 8.75842   2.41031   -13.89926 1.000 16.24235 ? 71  THR A OG1  1 
ATOM   221 C  CG2  . THR A 1 43  ? 9.87493   0.91219   -15.41989 1.000 15.99016 ? 71  THR A CG2  1 
ATOM   222 N  N    . SER A 1 44  ? 8.84508   1.24288   -10.79478 1.000 13.76366 ? 72  SER A N    1 
ATOM   223 C  CA   . SER A 1 44  ? 8.73434   1.82251   -9.44328  1.000 11.53745 ? 72  SER A CA   1 
ATOM   224 C  C    . SER A 1 44  ? 8.26009   0.70925   -8.50803  1.000 12.89226 ? 72  SER A C    1 
ATOM   225 O  O    . SER A 1 44  ? 7.17368   0.78320   -8.02853  1.000 15.24700 ? 72  SER A O    1 
ATOM   226 C  CB   . SER A 1 44  ? 7.77812   2.96278   -9.44035  1.000 12.68489 ? 72  SER A CB   1 
ATOM   227 O  OG   . SER A 1 44  ? 6.52862   2.53983   -9.90166  1.000 13.47947 ? 72  SER A OG   1 
ATOM   228 N  N    . PRO A 1 45  ? 9.07775   -0.32352  -8.24635  1.000 11.62318 ? 73  PRO A N    1 
ATOM   229 C  CA   . PRO A 1 45  ? 8.65039   -1.40767  -7.39626  1.000 12.47031 ? 73  PRO A CA   1 
ATOM   230 C  C    . PRO A 1 45  ? 8.60421   -1.03470  -5.90893  1.000 13.41142 ? 73  PRO A C    1 
ATOM   231 O  O    . PRO A 1 45  ? 9.10338   -0.05958  -5.53133  1.000 14.88526 ? 73  PRO A O    1 
ATOM   232 C  CB   . PRO A 1 45  ? 9.69983   -2.48493  -7.65918  1.000 13.88800 ? 73  PRO A CB   1 
ATOM   233 C  CG   . PRO A 1 45  ? 10.93160  -1.71267  -7.95823  1.000 16.07240 ? 73  PRO A CG   1 
ATOM   234 C  CD   . PRO A 1 45  ? 10.44815  -0.49773  -8.70982  1.000 13.93497 ? 73  PRO A CD   1 
ATOM   235 N  N    . TRP A 1 46  ? 8.02255   -1.91361  -5.12474  1.000 13.28417 ? 74  TRP A N    1 
ATOM   236 C  CA   . TRP A 1 46  ? 7.84416   -1.57892  -3.69991  1.000 12.65967 ? 74  TRP A CA   1 
ATOM   237 C  C    . TRP A 1 46  ? 8.03222   -2.74444  -2.74016  1.000 14.01817 ? 74  TRP A C    1 
ATOM   238 O  O    . TRP A 1 46  ? 7.82066   -3.87217  -3.08088  1.000 16.07977 ? 74  TRP A O    1 
ATOM   239 C  CB   . TRP A 1 46  ? 6.46751   -0.93520  -3.47490  1.000 12.44552 ? 74  TRP A CB   1 
ATOM   240 C  CG   . TRP A 1 46  ? 5.24190   -1.71298  -3.86149  1.000 13.93802 ? 74  TRP A CG   1 
ATOM   241 C  CD1  . TRP A 1 46  ? 4.45793   -2.46798  -3.04518  1.000 16.18550 ? 74  TRP A CD1  1 
ATOM   242 C  CD2  . TRP A 1 46  ? 4.55109   -1.67019  -5.11978  1.000 13.45783 ? 74  TRP A CD2  1 
ATOM   243 N  NE1  . TRP A 1 46  ? 3.36774   -2.93924  -3.71410  1.000 15.45472 ? 74  TRP A NE1  1 
ATOM   244 C  CE2  . TRP A 1 46  ? 3.40701   -2.47045  -4.98868  1.000 15.48103 ? 74  TRP A CE2  1 
ATOM   245 C  CE3  . TRP A 1 46  ? 4.81907   -1.07710  -6.34911  1.000 14.45511 ? 74  TRP A CE3  1 
ATOM   246 C  CZ2  . TRP A 1 46  ? 2.52393   -2.67857  -6.03834  1.000 14.58567 ? 74  TRP A CZ2  1 
ATOM   247 C  CZ3  . TRP A 1 46  ? 3.93418   -1.26266  -7.37752  1.000 16.06173 ? 74  TRP A CZ3  1 
ATOM   248 C  CH2  . TRP A 1 46  ? 2.80658   -2.05333  -7.22067  1.000 16.52536 ? 74  TRP A CH2  1 
ATOM   249 N  N    . ASN A 1 47  ? 8.44977   -2.35399  -1.55290  1.000 12.18388 ? 75  ASN A N    1 
ATOM   250 C  CA   . ASN A 1 47  ? 8.49043   -3.25424  -0.38876  1.000 13.10685 ? 75  ASN A CA   1 
ATOM   251 C  C    . ASN A 1 47  ? 7.15363   -3.09574  0.34483   1.000 13.65872 ? 75  ASN A C    1 
ATOM   252 O  O    . ASN A 1 47  ? 6.32878   -2.34557  -0.05752  1.000 14.27237 ? 75  ASN A O    1 
ATOM   253 C  CB   . ASN A 1 47  ? 9.69190   -2.93957  0.49842   1.000 12.03976 ? 75  ASN A CB   1 
ATOM   254 C  CG   . ASN A 1 47  ? 10.99095  -3.33489  -0.15768  1.000 15.51296 ? 75  ASN A CG   1 
ATOM   255 O  OD1  . ASN A 1 47  ? 11.06363  -4.32348  -0.84320  1.000 16.31520 ? 75  ASN A OD1  1 
ATOM   256 N  ND2  . ASN A 1 47  ? 11.99719  -2.51588  0.01739   1.000 20.83585 ? 75  ASN A ND2  1 
ATOM   257 N  N    . LEU A 1 48  ? 6.97350   -3.82703  1.40801   1.000 14.74676 ? 76  LEU A N    1 
ATOM   258 C  CA   . LEU A 1 48  ? 5.66599   -3.80656  2.09223   1.000 13.54659 ? 76  LEU A CA   1 
ATOM   259 C  C    . LEU A 1 48  ? 5.79469   -3.55470  3.58550   1.000 18.93261 ? 76  LEU A C    1 
ATOM   260 O  O    . LEU A 1 48  ? 6.55576   -4.21490  4.22125   1.000 20.50819 ? 76  LEU A O    1 
ATOM   261 C  CB   . LEU A 1 48  ? 4.95912   -5.14428  1.87705   1.000 15.23719 ? 76  LEU A CB   1 
ATOM   262 C  CG   . LEU A 1 48  ? 4.52794   -5.45833  0.45104   1.000 16.21364 ? 76  LEU A CG   1 
ATOM   263 C  CD1  . LEU A 1 48  ? 4.26122   -6.93723  0.29272   1.000 20.69412 ? 76  LEU A CD1  1 
ATOM   264 C  CD2  . LEU A 1 48  ? 3.31186   -4.64311  0.05812   1.000 17.28392 ? 76  LEU A CD2  1 
ATOM   265 N  N    . HIS A 1 49  ? 4.96042   -2.66734  4.08780   1.000 14.80751 ? 77  HIS A N    1 
ATOM   266 C  CA   . HIS A 1 49  ? 4.92809   -2.40207  5.53881   1.000 18.02884 ? 77  HIS A CA   1 
ATOM   267 C  C    . HIS A 1 49  ? 3.71290   -3.11172  6.13681   1.000 17.77450 ? 77  HIS A C    1 
ATOM   268 O  O    . HIS A 1 49  ? 2.62724   -2.84150  5.71603   1.000 16.07368 ? 77  HIS A O    1 
ATOM   269 C  CB   . HIS A 1 49  ? 4.86982   -0.90477  5.80719   1.000 20.43142 ? 77  HIS A CB   1 
ATOM   270 C  CG   . HIS A 1 49  ? 4.59461   -0.57635  7.23556   1.000 25.31739 ? 77  HIS A CG   1 
ATOM   271 N  ND1  . HIS A 1 49  ? 5.35067   -1.04997  8.24960   1.000 27.00836 ? 77  HIS A ND1  1 
ATOM   272 C  CD2  . HIS A 1 49  ? 3.63645   0.16612   7.80798   1.000 28.16536 ? 77  HIS A CD2  1 
ATOM   273 C  CE1  . HIS A 1 49  ? 4.88516   -0.60655  9.37604   1.000 27.99111 ? 77  HIS A CE1  1 
ATOM   274 N  NE2  . HIS A 1 49  ? 3.84914   0.12586   9.13543   1.000 29.14619 ? 77  HIS A NE2  1 
ATOM   275 N  N    . ARG A 1 50  ? 3.95254   -3.98222  7.09658   1.000 14.94613 ? 78  ARG A N    1 
ATOM   276 C  CA   . ARG A 1 50  ? 2.88298   -4.70534  7.80625   1.000 15.27620 ? 78  ARG A CA   1 
ATOM   277 C  C    . ARG A 1 50  ? 2.36843   -3.78006  8.90761   1.000 20.16767 ? 78  ARG A C    1 
ATOM   278 O  O    . ARG A 1 50  ? 3.01384   -3.61869  9.90782   1.000 21.25807 ? 78  ARG A O    1 
ATOM   279 C  CB   . ARG A 1 50  ? 3.43862   -6.01416  8.36055   1.000 15.16003 ? 78  ARG A CB   1 
ATOM   280 C  CG   . ARG A 1 50  ? 2.36669   -6.95200  8.88146   1.000 17.51855 ? 78  ARG A CG   1 
ATOM   281 C  CD   . ARG A 1 50  ? 2.98767   -8.17684  9.52246   1.000 18.64770 ? 78  ARG A CD   1 
ATOM   282 N  NE   . ARG A 1 50  ? 1.98657   -8.99299  10.16569  1.000 23.86801 ? 78  ARG A NE   1 
ATOM   283 C  CZ   . ARG A 1 50  ? 1.63892   -8.87788  11.42580  1.000 26.37692 ? 78  ARG A CZ   1 
ATOM   284 N  NH1  . ARG A 1 50  ? 2.22700   -7.99544  12.19223  1.000 27.45575 ? 78  ARG A NH1  1 
ATOM   285 N  NH2  . ARG A 1 50  ? 0.71079   -9.65493  11.91933  1.000 28.78374 ? 78  ARG A NH2  1 
ATOM   286 N  N    . ASN A 1 51  ? 1.26940   -3.10432  8.62188   1.000 16.96103 ? 79  ASN A N    1 
ATOM   287 C  CA   . ASN A 1 51  ? 0.67145   -2.12188  9.55807   1.000 17.47616 ? 79  ASN A CA   1 
ATOM   288 C  C    . ASN A 1 51  ? -0.32177  -2.87468  10.43053  1.000 20.82993 ? 79  ASN A C    1 
ATOM   289 O  O    . ASN A 1 51  ? -1.32533  -3.24133  9.93361   1.000 21.25550 ? 79  ASN A O    1 
ATOM   290 C  CB   . ASN A 1 51  ? 0.06567   -0.98425  8.74362   1.000 19.67377 ? 79  ASN A CB   1 
ATOM   291 C  CG   . ASN A 1 51  ? -0.70619  0.03051   9.55591   1.000 29.47235 ? 79  ASN A CG   1 
ATOM   292 O  OD1  . ASN A 1 51  ? -1.14932  -0.23694  10.65362  1.000 23.61598 ? 79  ASN A OD1  1 
ATOM   293 N  ND2  . ASN A 1 51  ? -0.92312  1.17625   8.95421   1.000 28.24565 ? 79  ASN A ND2  1 
ATOM   294 N  N    . GLU A 1 52  ? 0.06005   -3.13324  11.67380  1.000 21.47740 ? 80  GLU A N    1 
ATOM   295 C  CA   . GLU A 1 52  ? -0.78523  -3.92960  12.58214  1.000 22.23421 ? 80  GLU A CA   1 
ATOM   296 C  C    . GLU A 1 52  ? -1.35253  -3.05719  13.69459  1.000 26.88070 ? 80  GLU A C    1 
ATOM   297 O  O    . GLU A 1 52  ? -0.64208  -2.27234  14.24962  1.000 28.15738 ? 80  GLU A O    1 
ATOM   298 C  CB   . GLU A 1 52  ? 0.00084   -5.08532  13.19192  1.000 25.31237 ? 80  GLU A CB   1 
ATOM   299 C  CG   . GLU A 1 52  ? -0.84752  -5.96134  14.08376  1.000 27.32511 ? 80  GLU A CG   1 
ATOM   300 C  CD   . GLU A 1 52  ? -0.26004  -7.31051  14.46399  0.519 36.06058 ? 80  GLU A CD   1 
ATOM   301 O  OE1  . GLU A 1 52  ? 0.94610   -7.39869  14.63946  0.830 38.21021 ? 80  GLU A OE1  1 
ATOM   302 O  OE2  . GLU A 1 52  ? -1.02836  -8.26591  14.60083  0.824 48.85311 ? 80  GLU A OE2  1 
ATOM   303 N  N    . ASP A 1 53  ? -2.63217  -3.14148  13.91432  1.000 26.47054 ? 81  ASP A N    1 
ATOM   304 C  CA   . ASP A 1 53  ? -3.19309  -2.34453  15.01838  1.000 27.04894 ? 81  ASP A CA   1 
ATOM   305 C  C    . ASP A 1 53  ? -4.26157  -3.25198  15.53546  1.000 29.55521 ? 81  ASP A C    1 
ATOM   306 O  O    . ASP A 1 53  ? -5.22383  -3.48037  14.87012  1.000 29.99206 ? 81  ASP A O    1 
ATOM   307 C  CB   . ASP A 1 53  ? -3.88998  -1.10208  14.49911  1.000 28.59782 ? 81  ASP A CB   1 
ATOM   308 C  CG   . ASP A 1 53  ? -4.49535  -0.29162  15.62129  1.000 37.11463 ? 81  ASP A CG   1 
ATOM   309 O  OD1  . ASP A 1 53  ? -4.74126  -0.85163  16.68380  1.000 38.24814 ? 81  ASP A OD1  1 
ATOM   310 O  OD2  . ASP A 1 53  ? -4.65745  0.87634   15.42050  1.000 39.27361 ? 81  ASP A OD2  1 
ATOM   311 N  N    . PRO A 1 54  ? -4.22582  -3.97774  16.82064  1.000 29.55291 ? 82  PRO A N    1 
ATOM   312 C  CA   . PRO A 1 54  ? -5.17812  -4.92183  17.38145  1.000 32.30338 ? 82  PRO A CA   1 
ATOM   313 C  C    . PRO A 1 54  ? -6.55544  -4.32761  17.72402  1.000 36.04931 ? 82  PRO A C    1 
ATOM   314 O  O    . PRO A 1 54  ? -7.45219  -5.07602  17.87909  1.000 33.89369 ? 82  PRO A O    1 
ATOM   315 C  CB   . PRO A 1 54  ? -4.42802  -5.40223  18.61977  1.000 33.63927 ? 82  PRO A CB   1 
ATOM   316 C  CG   . PRO A 1 54  ? -3.68356  -4.18605  19.03802  1.000 40.01020 ? 82  PRO A CG   1 
ATOM   317 C  CD   . PRO A 1 54  ? -3.15193  -3.65719  17.72446  1.000 33.68671 ? 82  PRO A CD   1 
ATOM   318 N  N    . GLU A 1 55  ? -6.65117  -3.00744  17.69550  1.000 32.50789 ? 83  GLU A N    1 
ATOM   319 C  CA   . GLU A 1 55  ? -7.89022  -2.24019  17.95745  1.000 32.55123 ? 83  GLU A CA   1 
ATOM   320 C  C    . GLU A 1 55  ? -8.60983  -1.95589  16.63635  1.000 37.65970 ? 83  GLU A C    1 
ATOM   321 O  O    . GLU A 1 55  ? -9.57505  -1.22697  16.65510  1.000 36.05615 ? 83  GLU A O    1 
ATOM   322 C  CB   . GLU A 1 55  ? -7.51734  -0.89604  18.57498  1.000 32.91860 ? 83  GLU A CB   1 
ATOM   323 C  CG   . GLU A 1 55  ? -6.95320  -1.01872  19.95452  1.000 45.30582 ? 83  GLU A CG   1 
ATOM   324 C  CD   . GLU A 1 55  ? -7.88023  -1.82925  20.82431  1.000 59.61729 ? 83  GLU A CD   1 
ATOM   325 O  OE1  . GLU A 1 55  ? -9.04659  -1.43856  20.92806  1.000 66.11864 ? 83  GLU A OE1  1 
ATOM   326 O  OE2  . GLU A 1 55  ? -7.45198  -2.85918  21.32499  1.000 60.79962 ? 83  GLU A OE2  1 
ATOM   327 N  N    . ARG A 1 56  ? -8.14687  -2.55481  15.54231  1.000 30.10352 ? 84  ARG A N    1 
ATOM   328 C  CA   . ARG A 1 56  ? -8.69655  -2.30604  14.19069  1.000 25.24272 ? 84  ARG A CA   1 
ATOM   329 C  C    . ARG A 1 56  ? -9.10985  -3.61268  13.50371  1.000 28.00340 ? 84  ARG A C    1 
ATOM   330 O  O    . ARG A 1 56  ? -8.53649  -4.62433  13.77253  1.000 27.71179 ? 84  ARG A O    1 
ATOM   331 C  CB   . ARG A 1 56  ? -7.60945  -1.58197  13.38453  1.000 25.71846 ? 84  ARG A CB   1 
ATOM   332 C  CG   . ARG A 1 56  ? -8.04165  -1.02975  12.04142  1.000 25.87409 ? 84  ARG A CG   1 
ATOM   333 C  CD   . ARG A 1 56  ? -6.89218  -0.37396  11.31326  1.000 28.95607 ? 84  ARG A CD   1 
ATOM   334 N  NE   . ARG A 1 56  ? -5.86346  -1.32958  10.97765  1.000 26.25825 ? 84  ARG A NE   1 
ATOM   335 C  CZ   . ARG A 1 56  ? -4.59505  -1.04095  10.79511  1.000 24.86396 ? 84  ARG A CZ   1 
ATOM   336 N  NH1  . ARG A 1 56  ? -4.18010  0.19720   10.87418  1.000 27.93728 ? 84  ARG A NH1  1 
ATOM   337 N  NH2  . ARG A 1 56  ? -3.73601  -1.99646  10.52319  1.000 23.93357 ? 84  ARG A NH2  1 
ATOM   338 N  N    . TYR A 1 57  ? -10.14238 -3.53629  12.66974  1.000 23.15165 ? 85  TYR A N    1 
ATOM   339 C  CA   . TYR A 1 57  ? -10.58964 -4.63863  11.79605  1.000 26.32818 ? 85  TYR A CA   1 
ATOM   340 C  C    . TYR A 1 57  ? -10.66870 -4.07833  10.37474  1.000 29.65611 ? 85  TYR A C    1 
ATOM   341 O  O    . TYR A 1 57  ? -11.44228 -3.21318  10.09745  1.000 28.64630 ? 85  TYR A O    1 
ATOM   342 C  CB   . TYR A 1 57  ? -11.90956 -5.27759  12.23162  1.000 28.25354 ? 85  TYR A CB   1 
ATOM   343 C  CG   . TYR A 1 57  ? -12.23311 -6.57537  11.53568  1.000 29.28170 ? 85  TYR A CG   1 
ATOM   344 C  CD1  . TYR A 1 57  ? -12.94499 -6.61677  10.35458  1.000 31.93197 ? 85  TYR A CD1  1 
ATOM   345 C  CD2  . TYR A 1 57  ? -11.81552 -7.78413  12.04861  1.000 32.85782 ? 85  TYR A CD2  1 
ATOM   346 C  CE1  . TYR A 1 57  ? -13.24626 -7.80126  9.70956   1.000 32.99108 ? 85  TYR A CE1  1 
ATOM   347 C  CE2  . TYR A 1 57  ? -12.10989 -8.97740  11.42657  1.000 34.35732 ? 85  TYR A CE2  1 
ATOM   348 C  CZ   . TYR A 1 57  ? -12.83151 -8.99936  10.25309  1.000 37.90445 ? 85  TYR A CZ   1 
ATOM   349 O  OH   . TYR A 1 57  ? -13.09133 -10.17946 9.63694   1.000 37.59663 ? 85  TYR A OH   1 
ATOM   350 N  N    . PRO A 1 58  ? -9.71032  -4.59420  9.41619   1.000 28.47776 ? 86  PRO A N    1 
ATOM   351 C  CA   . PRO A 1 58  ? -8.50605  -5.74627  9.40642   1.000 29.90689 ? 86  PRO A CA   1 
ATOM   352 C  C    . PRO A 1 58  ? -7.52474  -5.19293  10.44084  1.000 24.48286 ? 86  PRO A C    1 
ATOM   353 O  O    . PRO A 1 58  ? -7.22261  -4.04825  10.47660  1.000 23.63863 ? 86  PRO A O    1 
ATOM   354 C  CB   . PRO A 1 58  ? -8.13241  -5.78722  7.93879   1.000 28.37358 ? 86  PRO A CB   1 
ATOM   355 C  CG   . PRO A 1 58  ? -8.37480  -4.41216  7.48052   1.000 31.46073 ? 86  PRO A CG   1 
ATOM   356 C  CD   . PRO A 1 58  ? -9.70180  -4.03514  8.08180   1.000 27.49582 ? 86  PRO A CD   1 
ATOM   357 N  N    . SER A 1 59  ? -6.98996  -6.08154  11.26777  1.000 22.35597 ? 87  SER A N    1 
ATOM   358 C  CA   . SER A 1 59  ? -5.93754  -5.65704  12.20926  1.000 22.12049 ? 87  SER A CA   1 
ATOM   359 C  C    . SER A 1 59  ? -4.65373  -5.42580  11.41242  1.000 22.03248 ? 87  SER A C    1 
ATOM   360 O  O    . SER A 1 59  ? -3.89061  -4.61155  11.80270  1.000 23.22750 ? 87  SER A O    1 
ATOM   361 C  CB   . SER A 1 59  ? -5.73119  -6.62411  13.35155  1.000 27.14710 ? 87  SER A CB   1 
ATOM   362 O  OG   . SER A 1 59  ? -5.28623  -7.87707  12.90069  1.000 32.91440 ? 87  SER A OG   1 
ATOM   363 N  N    . VAL A 1 60  ? -4.49274  -6.15126  10.31303  1.000 20.08831 ? 88  VAL A N    1 
ATOM   364 C  CA   . VAL A 1 60  ? -3.29534  -5.98459  9.46204   1.000 19.26943 ? 88  VAL A CA   1 
ATOM   365 C  C    . VAL A 1 60  ? -3.65366  -5.38736  8.10181   1.000 18.12078 ? 88  VAL A C    1 
ATOM   366 O  O    . VAL A 1 60  ? -4.48295  -5.91101  7.42403   1.000 18.59187 ? 88  VAL A O    1 
ATOM   367 C  CB   . VAL A 1 60  ? -2.54807  -7.31870  9.29685   1.000 20.66142 ? 88  VAL A CB   1 
ATOM   368 C  CG1  . VAL A 1 60  ? -1.37831  -7.17286  8.35969   1.000 22.37823 ? 88  VAL A CG1  1 
ATOM   369 C  CG2  . VAL A 1 60  ? -2.05616  -7.85354  10.62478  1.000 23.88866 ? 88  VAL A CG2  1 
ATOM   370 N  N    . ILE A 1 61  ? -2.96449  -4.31497  7.76247   1.000 17.80781 ? 89  ILE A N    1 
ATOM   371 C  CA   . ILE A 1 61  ? -3.07599  -3.67171  6.43018   1.000 17.82506 ? 89  ILE A CA   1 
ATOM   372 C  C    . ILE A 1 61  ? -1.65481  -3.61837  5.87126   1.000 17.52791 ? 89  ILE A C    1 
ATOM   373 O  O    . ILE A 1 61  ? -0.79096  -3.19324  6.56505   1.000 17.97033 ? 89  ILE A O    1 
ATOM   374 C  CB   . ILE A 1 61  ? -3.72515  -2.28544  6.53471   1.000 19.31874 ? 89  ILE A CB   1 
ATOM   375 C  CG1  . ILE A 1 61  ? -5.17888  -2.41482  6.98453   1.000 20.79404 ? 89  ILE A CG1  1 
ATOM   376 C  CG2  . ILE A 1 61  ? -3.62095  -1.55833  5.20783   1.000 21.79196 ? 89  ILE A CG2  1 
ATOM   377 C  CD1  . ILE A 1 61  ? -5.82905  -1.12021  7.19762   1.000 29.40766 ? 89  ILE A CD1  1 
ATOM   378 N  N    . TRP A 1 62  ? -1.48267  -4.08938  4.64962   1.000 14.61626 ? 90  TRP A N    1 
ATOM   379 C  CA   . TRP A 1 62  ? -0.14552  -4.11724  4.03360   1.000 13.77179 ? 90  TRP A CA   1 
ATOM   380 C  C    . TRP A 1 62  ? 0.00316   -2.88237  3.16011   1.000 16.98183 ? 90  TRP A C    1 
ATOM   381 O  O    . TRP A 1 62  ? -0.73430  -2.78336  2.24444   1.000 18.43888 ? 90  TRP A O    1 
ATOM   382 C  CB   . TRP A 1 62  ? -0.00866  -5.39143  3.21897   1.000 15.18899 ? 90  TRP A CB   1 
ATOM   383 C  CG   . TRP A 1 62  ? 0.09017   -6.63990  4.03284   1.000 15.45413 ? 90  TRP A CG   1 
ATOM   384 C  CD1  . TRP A 1 62  ? -0.93725  -7.43836  4.42008   1.000 17.82408 ? 90  TRP A CD1  1 
ATOM   385 C  CD2  . TRP A 1 62  ? 1.28719   -7.23100  4.57773   1.000 15.01643 ? 90  TRP A CD2  1 
ATOM   386 N  NE1  . TRP A 1 62  ? -0.46543  -8.46632  5.18059   1.000 17.10609 ? 90  TRP A NE1  1 
ATOM   387 C  CE2  . TRP A 1 62  ? 0.88182   -8.35856  5.30763   1.000 17.48039 ? 90  TRP A CE2  1 
ATOM   388 C  CE3  . TRP A 1 62  ? 2.64292   -6.90084  4.56162   1.000 15.08006 ? 90  TRP A CE3  1 
ATOM   389 C  CZ2  . TRP A 1 62  ? 1.79046   -9.19197  5.93587   1.000 18.81843 ? 90  TRP A CZ2  1 
ATOM   390 C  CZ3  . TRP A 1 62  ? 3.54309   -7.72151  5.18984   1.000 16.72083 ? 90  TRP A CZ3  1 
ATOM   391 C  CH2  . TRP A 1 62  ? 3.11167   -8.84300  5.87723   1.000 17.33356 ? 90  TRP A CH2  1 
ATOM   392 N  N    . GLU A 1 63  ? 0.96047   -2.02856  3.47200   1.000 14.29308 ? 91  GLU A N    1 
ATOM   393 C  CA   . GLU A 1 63  ? 1.12792   -0.77005  2.71734   1.000 16.45696 ? 91  GLU A CA   1 
ATOM   394 C  C    . GLU A 1 63  ? 2.39934   -0.79962  1.87274   1.000 17.55082 ? 91  GLU A C    1 
ATOM   395 O  O    . GLU A 1 63  ? 3.37371   -1.35372  2.28002   1.000 18.49855 ? 91  GLU A O    1 
ATOM   396 C  CB   . GLU A 1 63  ? 1.13156   0.40430   3.68696   1.000 15.47151 ? 91  GLU A CB   1 
ATOM   397 C  CG   . GLU A 1 63  ? -0.20581  0.65669   4.33896   1.000 18.51769 ? 91  GLU A CG   1 
ATOM   398 C  CD   . GLU A 1 63  ? -0.22969  2.00956   5.01749   1.000 31.75826 ? 91  GLU A CD   1 
ATOM   399 O  OE1  . GLU A 1 63  ? -0.21334  2.99296   4.31267   1.000 21.47308 ? 91  GLU A OE1  1 
ATOM   400 O  OE2  . GLU A 1 63  ? -0.18592  2.02501   6.25119   1.000 28.81647 ? 91  GLU A OE2  1 
ATOM   401 N  N    . ALA A 1 64  ? 2.31562   -0.19196  0.70343   1.000 14.40289 ? 92  ALA A N    1 
ATOM   402 C  CA   . ALA A 1 64  ? 3.45459   -0.12867  -0.19163  1.000 13.75383 ? 92  ALA A CA   1 
ATOM   403 C  C    . ALA A 1 64  ? 4.47432   0.90155   0.28673   1.000 17.04260 ? 92  ALA A C    1 
ATOM   404 O  O    . ALA A 1 64  ? 4.10920   2.00349   0.70335   1.000 17.88034 ? 92  ALA A O    1 
ATOM   405 C  CB   . ALA A 1 64  ? 2.96791   0.24063   -1.59373  1.000 16.88564 ? 92  ALA A CB   1 
ATOM   406 N  N    . LYS A 1 65  ? 5.76480   0.54582   0.18726   1.000 13.44102 ? 93  LYS A N    1 
ATOM   407 C  CA   . LYS A 1 65  ? 6.87660   1.43955   0.49698   1.000 13.10880 ? 93  LYS A CA   1 
ATOM   408 C  C    . LYS A 1 65  ? 7.80624   1.37806   -0.70244  1.000 15.19818 ? 93  LYS A C    1 
ATOM   409 O  O    . LYS A 1 65  ? 8.40641   0.33381   -0.97212  1.000 15.05806 ? 93  LYS A O    1 
ATOM   410 C  CB   . LYS A 1 65  ? 7.60763   0.98373   1.76236   1.000 16.35660 ? 93  LYS A CB   1 
ATOM   411 C  CG   . LYS A 1 65  ? 6.73083   0.98905   3.00298   0.652 23.40785 ? 93  LYS A CG   1 
ATOM   412 C  CD   . LYS A 1 65  ? 6.28990   2.38941   3.35894   0.603 23.53005 ? 93  LYS A CD   1 
ATOM   413 C  CE   . LYS A 1 65  ? 5.24313   2.39754   4.39140   0.419 27.71569 ? 93  LYS A CE   1 
ATOM   414 N  NZ   . LYS A 1 65  ? 4.91800   3.77814   4.87314   0.725 46.18256 ? 93  LYS A NZ   1 
ATOM   415 N  N    . CYS A 1 66  ? 7.92118   2.46981   -1.44059  1.000 13.92916 ? 94  CYS A N    1 
ATOM   416 C  CA   . CYS A 1 66  ? 8.75096   2.46246   -2.66808  1.000 15.86072 ? 94  CYS A CA   1 
ATOM   417 C  C    . CYS A 1 66  ? 10.18587  2.01934   -2.37315  1.000 14.91544 ? 94  CYS A C    1 
ATOM   418 O  O    . CYS A 1 66  ? 10.74571  2.43196   -1.40057  1.000 16.21128 ? 94  CYS A O    1 
ATOM   419 C  CB   . CYS A 1 66  ? 8.70079   3.80286   -3.37113  1.000 18.80674 ? 94  CYS A CB   1 
ATOM   420 S  SG   . CYS A 1 66  ? 7.01113   4.37620   -3.72073  0.912 20.06015 ? 94  CYS A SG   1 
ATOM   421 N  N    . ARG A 1 67  ? 10.70056  1.14797   -3.22916  1.000 15.23728 ? 95  ARG A N    1 
ATOM   422 C  CA   . ARG A 1 67  ? 12.05008  0.57668   -3.03067  1.000 15.96885 ? 95  ARG A CA   1 
ATOM   423 C  C    . ARG A 1 67  ? 13.14134  1.57235   -3.44168  1.000 17.44835 ? 95  ARG A C    1 
ATOM   424 O  O    . ARG A 1 67  ? 14.15350  1.60327   -2.81661  1.000 20.05054 ? 95  ARG A O    1 
ATOM   425 C  CB   . ARG A 1 67  ? 12.14588  -0.72796  -3.81345  1.000 15.89987 ? 95  ARG A CB   1 
ATOM   426 C  CG   . ARG A 1 67  ? 13.44682  -1.46731  -3.58424  1.000 22.99913 ? 95  ARG A CG   1 
ATOM   427 C  CD   . ARG A 1 67  ? 13.44185  -2.85067  -4.18687  1.000 28.08794 ? 95  ARG A CD   1 
ATOM   428 N  NE   . ARG A 1 67  ? 12.34265  -3.65737  -3.72556  1.000 25.87120 ? 95  ARG A NE   1 
ATOM   429 C  CZ   . ARG A 1 67  ? 11.64749  -4.48121  -4.47340  1.000 34.09433 ? 95  ARG A CZ   1 
ATOM   430 N  NH1  . ARG A 1 67  ? 11.98201  -4.65482  -5.73493  1.000 29.04274 ? 95  ARG A NH1  1 
ATOM   431 N  NH2  . ARG A 1 67  ? 10.64097  -5.15646  -3.95444  1.000 29.63597 ? 95  ARG A NH2  1 
ATOM   432 N  N    . HIS A 1 68  ? 12.87020  2.38698   -4.43506  1.000 15.46679 ? 96  HIS A N    1 
ATOM   433 C  CA   . HIS A 1 68  ? 13.89426  3.32435   -4.94042  1.000 15.26833 ? 96  HIS A CA   1 
ATOM   434 C  C    . HIS A 1 68  ? 13.41899  4.77238   -4.91426  1.000 15.68106 ? 96  HIS A C    1 
ATOM   435 O  O    . HIS A 1 68  ? 12.26444  5.00957   -4.86443  1.000 15.70118 ? 96  HIS A O    1 
ATOM   436 C  CB   . HIS A 1 68  ? 14.20220  2.96529   -6.39164  1.000 16.75742 ? 96  HIS A CB   1 
ATOM   437 C  CG   . HIS A 1 68  ? 14.64954  1.56133   -6.56562  1.000 19.37669 ? 96  HIS A CG   1 
ATOM   438 N  ND1  . HIS A 1 68  ? 15.86821  1.12972   -6.16055  1.000 25.41801 ? 96  HIS A ND1  1 
ATOM   439 C  CD2  . HIS A 1 68  ? 14.02017  0.48698   -7.06261  1.000 19.35633 ? 96  HIS A CD2  1 
ATOM   440 C  CE1  . HIS A 1 68  ? 15.97408  -0.15478  -6.40854  1.000 24.64877 ? 96  HIS A CE1  1 
ATOM   441 N  NE2  . HIS A 1 68  ? 14.88151  -0.55051  -6.95976  1.000 24.81682 ? 96  HIS A NE2  1 
ATOM   442 N  N    . LEU A 1 69  ? 14.35724  5.69923   -4.94384  1.000 14.96518 ? 97  LEU A N    1 
ATOM   443 C  CA   . LEU A 1 69  ? 14.02958  7.14328   -4.99540  1.000 14.98306 ? 97  LEU A CA   1 
ATOM   444 C  C    . LEU A 1 69  ? 13.72353  7.50257   -6.45342  1.000 16.38947 ? 97  LEU A C    1 
ATOM   445 O  O    . LEU A 1 69  ? 12.75592  8.13313   -6.71679  1.000 13.79875 ? 97  LEU A O    1 
ATOM   446 C  CB   . LEU A 1 69  ? 15.24201  7.92177   -4.46881  1.000 14.51320 ? 97  LEU A CB   1 
ATOM   447 C  CG   . LEU A 1 69  ? 15.22396  9.43001   -4.69350  1.000 19.19222 ? 97  LEU A CG   1 
ATOM   448 C  CD1  . LEU A 1 69  ? 14.07750  10.06101  -3.93981  1.000 19.17124 ? 97  LEU A CD1  1 
ATOM   449 C  CD2  . LEU A 1 69  ? 16.54270  10.06504  -4.27475  1.000 21.28956 ? 97  LEU A CD2  1 
ATOM   450 N  N    . GLY A 1 70  ? 14.50642  6.94288   -7.36058  1.000 14.30961 ? 98  GLY A N    1 
ATOM   451 C  CA   . GLY A 1 70  ? 14.27160  7.12473   -8.79883  1.000 15.60171 ? 98  GLY A CA   1 
ATOM   452 C  C    . GLY A 1 70  ? 13.44678  5.96211   -9.33254  1.000 16.59281 ? 98  GLY A C    1 
ATOM   453 O  O    . GLY A 1 70  ? 12.77945  5.32027   -8.57063  1.000 17.10206 ? 98  GLY A O    1 
ATOM   454 N  N    . CYS A 1 71  ? 13.49374  5.75696   -10.63669 1.000 15.27247 ? 99  CYS A N    1 
ATOM   455 C  CA   . CYS A 1 71  ? 12.76974  4.62905   -11.26936 1.000 16.66195 ? 99  CYS A CA   1 
ATOM   456 C  C    . CYS A 1 71  ? 13.78091  3.74416   -11.99569 1.000 20.03040 ? 99  CYS A C    1 
ATOM   457 O  O    . CYS A 1 71  ? 14.74160  4.24927   -12.47706 1.000 21.33398 ? 99  CYS A O    1 
ATOM   458 C  CB   . CYS A 1 71  ? 11.75120  5.15176   -12.26222 1.000 17.15056 ? 99  CYS A CB   1 
ATOM   459 S  SG   . CYS A 1 71  ? 10.46554  6.14815   -11.45775 1.000 18.94969 ? 99  CYS A SG   1 
ATOM   460 N  N    . ILE A 1 72  ? 13.50619  2.45604   -12.07968 1.000 19.53487 ? 100 ILE A N    1 
ATOM   461 C  CA   . ILE A 1 72  ? 14.42743  1.51200   -12.72058 1.000 22.30948 ? 100 ILE A CA   1 
ATOM   462 C  C    . ILE A 1 72  ? 14.27825  1.58930   -14.23491 1.000 32.00043 ? 100 ILE A C    1 
ATOM   463 O  O    . ILE A 1 72  ? 13.16437  1.48837   -14.76307 1.000 32.54968 ? 100 ILE A O    1 
ATOM   464 C  CB   . ILE A 1 72  ? 14.16245  0.07633   -12.24240 1.000 29.47126 ? 100 ILE A CB   1 
ATOM   465 C  CG1  . ILE A 1 72  ? 14.53638  -0.08496  -10.77703 1.000 29.63575 ? 100 ILE A CG1  1 
ATOM   466 C  CG2  . ILE A 1 72  ? 14.92071  -0.92504  -13.09996 1.000 32.81006 ? 100 ILE A CG2  1 
ATOM   467 C  CD1  . ILE A 1 72  ? 15.94868  -0.52055  -10.54871 1.000 39.37293 ? 100 ILE A CD1  1 
ATOM   468 N  N    . ASN A 1 73  ? 15.41027  1.71567   -14.92694 1.000 28.86206 ? 101 ASN A N    1 
ATOM   469 C  CA   . ASN A 1 73  ? 15.40968  1.85755   -16.40680 1.000 34.95978 ? 101 ASN A CA   1 
ATOM   470 C  C    . ASN A 1 73  ? 15.50860  0.49451   -17.08935 1.000 37.19379 ? 101 ASN A C    1 
ATOM   471 O  O    . ASN A 1 73  ? 15.62883  -0.51313  -16.40933 1.000 38.39369 ? 101 ASN A O    1 
ATOM   472 C  CB   . ASN A 1 73  ? 16.47102  2.83279   -16.92406 1.000 36.76597 ? 101 ASN A CB   1 
ATOM   473 C  CG   . ASN A 1 73  ? 17.90418  2.37239   -16.76088 1.000 41.63819 ? 101 ASN A CG   1 
ATOM   474 O  OD1  . ASN A 1 73  ? 18.19076  1.19291   -16.63170 1.000 35.87102 ? 101 ASN A OD1  1 
ATOM   475 N  ND2  . ASN A 1 73  ? 18.80462  3.33163   -16.71637 1.000 43.06005 ? 101 ASN A ND2  1 
ATOM   476 N  N    . ALA A 1 74  ? 15.54725  0.52698   -18.42213 1.000 41.14147 ? 102 ALA A N    1 
ATOM   477 C  CA   . ALA A 1 74  ? 15.63033  -0.66025  -19.30263 1.000 45.65406 ? 102 ALA A CA   1 
ATOM   478 C  C    . ALA A 1 74  ? 16.91313  -1.45964  -19.04502 1.000 54.75362 ? 102 ALA A C    1 
ATOM   479 O  O    . ALA A 1 74  ? 16.87447  -2.66835  -19.23467 1.000 49.94213 ? 102 ALA A O    1 
ATOM   480 C  CB   . ALA A 1 74  ? 15.54493  -0.22587  -20.73876 1.000 44.56879 ? 102 ALA A CB   1 
ATOM   481 N  N    . ASP A 1 75  ? 17.99105  -0.78985  -18.64319 1.000 44.90996 ? 103 ASP A N    1 
ATOM   482 C  CA   . ASP A 1 75  ? 19.29160  -1.42173  -18.32644 1.000 48.96262 ? 103 ASP A CA   1 
ATOM   483 C  C    . ASP A 1 75  ? 19.34703  -1.98194  -16.89622 1.000 50.97060 ? 103 ASP A C    1 
ATOM   484 O  O    . ASP A 1 75  ? 20.32842  -2.60099  -16.59029 1.000 44.63447 ? 103 ASP A O    1 
ATOM   485 C  CB   . ASP A 1 75  ? 20.40771  -0.41384  -18.58678 1.000 45.85330 ? 103 ASP A CB   1 
ATOM   486 C  CG   . ASP A 1 75  ? 20.52183  -0.03880  -20.05283 0.520 53.56609 ? 103 ASP A CG   1 
ATOM   487 O  OD1  . ASP A 1 75  ? 20.69211  -0.95274  -20.87403 0.914 55.05400 ? 103 ASP A OD1  1 
ATOM   488 O  OD2  . ASP A 1 75  ? 20.44691  1.15700   -20.35837 1.000 59.21230 ? 103 ASP A OD2  1 
ATOM   489 N  N    . GLY A 1 76  ? 18.35431  -1.72737  -16.03551 1.000 45.88082 ? 104 GLY A N    1 
ATOM   490 C  CA   . GLY A 1 76  ? 18.40904  -2.24836  -14.65430 1.000 36.10463 ? 104 GLY A CA   1 
ATOM   491 C  C    . GLY A 1 76  ? 19.00661  -1.25945  -13.67171 1.000 39.78749 ? 104 GLY A C    1 
ATOM   492 O  O    . GLY A 1 76  ? 19.21988  -1.62473  -12.52977 1.000 41.37691 ? 104 GLY A O    1 
ATOM   493 N  N    . ASN A 1 77  ? 19.26563  -0.04280  -14.12752 1.000 30.77631 ? 105 ASN A N    1 
ATOM   494 C  CA   . ASN A 1 77  ? 19.87667  1.00940   -13.28996 1.000 28.16564 ? 105 ASN A CA   1 
ATOM   495 C  C    . ASN A 1 77  ? 18.79818  2.02121   -12.90352 1.000 28.40951 ? 105 ASN A C    1 
ATOM   496 O  O    . ASN A 1 77  ? 17.80949  2.10551   -13.57358 1.000 24.02133 ? 105 ASN A O    1 
ATOM   497 C  CB   . ASN A 1 77  ? 20.99483  1.70042   -14.05477 1.000 32.68391 ? 105 ASN A CB   1 
ATOM   498 C  CG   . ASN A 1 77  ? 22.17137  0.78465   -14.33162 1.000 44.13833 ? 105 ASN A CG   1 
ATOM   499 O  OD1  . ASN A 1 77  ? 22.56059  0.00782   -13.47727 1.000 46.48355 ? 105 ASN A OD1  1 
ATOM   500 N  ND2  . ASN A 1 77  ? 22.73252  0.88877   -15.51320 1.000 41.44392 ? 105 ASN A ND2  1 
ATOM   501 N  N    . VAL A 1 78  ? 19.05431  2.79537   -11.86667 1.000 21.90586 ? 106 VAL A N    1 
ATOM   502 C  CA   . VAL A 1 78  ? 18.08196  3.78402   -11.40696 1.000 22.18186 ? 106 VAL A CA   1 
ATOM   503 C  C    . VAL A 1 78  ? 18.26480  5.09635   -12.15599 1.000 22.11155 ? 106 VAL A C    1 
ATOM   504 O  O    . VAL A 1 78  ? 19.38001  5.62830   -12.26393 1.000 25.78486 ? 106 VAL A O    1 
ATOM   505 C  CB   . VAL A 1 78  ? 18.16081  4.00262   -9.89184  1.000 22.72992 ? 106 VAL A CB   1 
ATOM   506 C  CG1  . VAL A 1 78  ? 17.05814  4.97268   -9.47311  1.000 21.04615 ? 106 VAL A CG1  1 
ATOM   507 C  CG2  . VAL A 1 78  ? 18.01978  2.69413   -9.15069  1.000 25.55811 ? 106 VAL A CG2  1 
ATOM   508 N  N    . ASP A 1 79  ? 17.16095  5.62221   -12.64116 1.000 20.41920 ? 107 ASP A N    1 
ATOM   509 C  CA   . ASP A 1 79  ? 17.09470  6.93165   -13.31845 1.000 17.41980 ? 107 ASP A CA   1 
ATOM   510 C  C    . ASP A 1 79  ? 16.58272  7.95652   -12.29544 1.000 21.94553 ? 107 ASP A C    1 
ATOM   511 O  O    . ASP A 1 79  ? 15.45019  7.88467   -11.91482 1.000 17.73193 ? 107 ASP A O    1 
ATOM   512 C  CB   . ASP A 1 79  ? 16.19013  6.80756   -14.54384 1.000 21.08807 ? 107 ASP A CB   1 
ATOM   513 C  CG   . ASP A 1 79  ? 15.85301  8.11981   -15.21705 0.699 24.33934 ? 107 ASP A CG   1 
ATOM   514 O  OD1  . ASP A 1 79  ? 16.49478  9.11875   -14.89216 0.894 25.91710 ? 107 ASP A OD1  1 
ATOM   515 O  OD2  . ASP A 1 79  ? 14.94766  8.11658   -16.06510 0.674 30.39442 ? 107 ASP A OD2  1 
ATOM   516 N  N    . TYR A 1 80  ? 17.44192  8.89708   -11.90873 1.000 18.41862 ? 108 TYR A N    1 
ATOM   517 C  CA   . TYR A 1 80  ? 17.07607  9.90670   -10.88933 1.000 18.49961 ? 108 TYR A CA   1 
ATOM   518 C  C    . TYR A 1 80  ? 16.43413  11.13581  -11.49835 1.000 21.61569 ? 108 TYR A C    1 
ATOM   519 O  O    . TYR A 1 80  ? 16.10040  11.99065  -10.79857 1.000 20.69896 ? 108 TYR A O    1 
ATOM   520 C  CB   . TYR A 1 80  ? 18.25546  10.25321  -9.98247  1.000 18.63838 ? 108 TYR A CB   1 
ATOM   521 C  CG   . TYR A 1 80  ? 18.66436  9.10119   -9.11750  1.000 17.57662 ? 108 TYR A CG   1 
ATOM   522 C  CD1  . TYR A 1 80  ? 17.87639  8.68699   -8.07411  1.000 19.40878 ? 108 TYR A CD1  1 
ATOM   523 C  CD2  . TYR A 1 80  ? 19.77935  8.35842   -9.39749  1.000 20.30397 ? 108 TYR A CD2  1 
ATOM   524 C  CE1  . TYR A 1 80  ? 18.22065  7.59921   -7.29941  1.000 18.83037 ? 108 TYR A CE1  1 
ATOM   525 C  CE2  . TYR A 1 80  ? 20.14000  7.26587   -8.64202  1.000 20.63807 ? 108 TYR A CE2  1 
ATOM   526 C  CZ   . TYR A 1 80  ? 19.35485  6.87053   -7.58369  1.000 18.47822 ? 108 TYR A CZ   1 
ATOM   527 O  OH   . TYR A 1 80  ? 19.68583  5.79551   -6.83928  1.000 23.17660 ? 108 TYR A OH   1 
ATOM   528 N  N    . HIS A 1 81  ? 16.15430  11.12992  -12.79437 1.000 18.89919 ? 109 HIS A N    1 
ATOM   529 C  CA   . HIS A 1 81  ? 15.35774  12.20129  -13.42523 1.000 19.45238 ? 109 HIS A CA   1 
ATOM   530 C  C    . HIS A 1 81  ? 13.88078  11.94498  -13.09275 1.000 19.45847 ? 109 HIS A C    1 
ATOM   531 O  O    . HIS A 1 81  ? 13.09460  12.82294  -13.22356 1.000 22.51595 ? 109 HIS A O    1 
ATOM   532 C  CB   . HIS A 1 81  ? 15.52193  12.18573  -14.94968 1.000 24.04315 ? 109 HIS A CB   1 
ATOM   533 C  CG   . HIS A 1 81  ? 16.80674  12.73246  -15.47288 1.000 29.91088 ? 109 HIS A CG   1 
ATOM   534 N  ND1  . HIS A 1 81  ? 17.93231  11.96988  -15.63839 1.000 35.12941 ? 109 HIS A ND1  1 
ATOM   535 C  CD2  . HIS A 1 81  ? 17.12988  13.96014  -15.91259 1.000 40.36826 ? 109 HIS A CD2  1 
ATOM   536 C  CE1  . HIS A 1 81  ? 18.88820  12.71416  -16.15021 1.000 29.56361 ? 109 HIS A CE1  1 
ATOM   537 N  NE2  . HIS A 1 81  ? 18.42472  13.92531  -16.32083 1.000 33.92119 ? 109 HIS A NE2  1 
ATOM   538 N  N    . MET A 1 82  ? 13.55618  10.71315  -12.74436 1.000 19.12032 ? 110 MET A N    1 
ATOM   539 C  CA   . MET A 1 82  ? 12.19868  10.30293  -12.38842 1.000 16.80288 ? 110 MET A CA   1 
ATOM   540 C  C    . MET A 1 82  ? 12.14171  9.99141   -10.88332 1.000 16.53052 ? 110 MET A C    1 
ATOM   541 O  O    . MET A 1 82  ? 13.15274  9.95988   -10.25079 1.000 16.49428 ? 110 MET A O    1 
ATOM   542 C  CB   . MET A 1 82  ? 11.81737  9.10079   -13.25150 1.000 20.10537 ? 110 MET A CB   1 
ATOM   543 C  CG   . MET A 1 82  ? 11.88878  9.42563   -14.74101 1.000 22.31369 ? 110 MET A CG   1 
ATOM   544 S  SD   . MET A 1 82  ? 10.70925  10.65491  -15.25293 1.000 26.65157 ? 110 MET A SD   1 
ATOM   545 C  CE   . MET A 1 82  ? 9.21791   9.66813   -15.21638 1.000 23.49046 ? 110 MET A CE   1 
ATOM   546 N  N    . ASN A 1 83  ? 10.95331  9.73843   -10.38967 1.000 14.55294 ? 111 ASN A N    1 
ATOM   547 C  CA   . ASN A 1 83  ? 10.73293  9.51910   -8.94147  1.000 13.31056 ? 111 ASN A CA   1 
ATOM   548 C  C    . ASN A 1 83  ? 9.68963   8.41432   -8.71873  1.000 14.11191 ? 111 ASN A C    1 
ATOM   549 O  O    . ASN A 1 83  ? 8.64266   8.51959   -9.24600  1.000 14.38545 ? 111 ASN A O    1 
ATOM   550 C  CB   . ASN A 1 83  ? 10.25734  10.85605  -8.36690  1.000 14.76091 ? 111 ASN A CB   1 
ATOM   551 C  CG   . ASN A 1 83  ? 10.02860  10.98359  -6.87528  1.000 13.00969 ? 111 ASN A CG   1 
ATOM   552 O  OD1  . ASN A 1 83  ? 9.26378   11.81784  -6.47464  1.000 13.63741 ? 111 ASN A OD1  1 
ATOM   553 N  ND2  . ASN A 1 83  ? 10.70025  10.21792  -6.05966  1.000 13.55662 ? 111 ASN A ND2  1 
ATOM   554 N  N    . SER A 1 84  ? 10.03170  7.41342   -7.92991  1.000 12.12344 ? 112 SER A N    1 
ATOM   555 C  CA   . SER A 1 84  ? 9.03363   6.40103   -7.52591  1.000 11.93509 ? 112 SER A CA   1 
ATOM   556 C  C    . SER A 1 84  ? 8.22970   7.06287   -6.41686  1.000 14.29458 ? 112 SER A C    1 
ATOM   557 O  O    . SER A 1 84  ? 8.83457   7.55047   -5.52483  1.000 15.55526 ? 112 SER A O    1 
ATOM   558 C  CB   . SER A 1 84  ? 9.68126   5.18805   -6.94838  1.000 13.98441 ? 112 SER A CB   1 
ATOM   559 O  OG   . SER A 1 84  ? 10.28454  4.40097   -7.93994  1.000 16.20099 ? 112 SER A OG   1 
ATOM   560 N  N    . VAL A 1 85  ? 6.91609   7.09570   -6.54534  1.000 12.34058 ? 113 VAL A N    1 
ATOM   561 C  CA   . VAL A 1 85  ? 6.04269   7.74027   -5.52762  1.000 13.08806 ? 113 VAL A CA   1 
ATOM   562 C  C    . VAL A 1 85  ? 4.91912   6.79713   -5.12503  1.000 14.55556 ? 113 VAL A C    1 
ATOM   563 O  O    . VAL A 1 85  ? 4.43631   6.06458   -5.93876  1.000 13.62131 ? 113 VAL A O    1 
ATOM   564 C  CB   . VAL A 1 85  ? 5.46716   9.08762   -6.00209  1.000 14.78446 ? 113 VAL A CB   1 
ATOM   565 C  CG1  . VAL A 1 85  ? 6.56225   10.08779  -6.30588  1.000 17.29785 ? 113 VAL A CG1  1 
ATOM   566 C  CG2  . VAL A 1 85  ? 4.53286   8.92799   -7.18628  1.000 15.58833 ? 113 VAL A CG2  1 
ATOM   567 N  N    . PRO A 1 86  ? 4.46103   6.71420   -3.79474  1.000 14.54477 ? 114 PRO A N    1 
ATOM   568 C  CA   . PRO A 1 86  ? 3.26579   5.83732   -3.08555  1.000 17.45359 ? 114 PRO A CA   1 
ATOM   569 C  C    . PRO A 1 86  ? 2.04562   6.51667   -3.70485  1.000 19.96636 ? 114 PRO A C    1 
ATOM   570 O  O    . PRO A 1 86  ? 1.95640   7.67945   -3.76725  1.000 25.01822 ? 114 PRO A O    1 
ATOM   571 C  CB   . PRO A 1 86  ? 3.58225   5.96093   -1.62761  1.000 18.03461 ? 114 PRO A CB   1 
ATOM   572 C  CG   . PRO A 1 86  ? 4.33871   7.21968   -1.48963  1.000 19.03563 ? 114 PRO A CG   1 
ATOM   573 C  CD   . PRO A 1 86  ? 5.13778   7.46921   -2.74128  1.000 16.57230 ? 114 PRO A CD   1 
ATOM   574 N  N    . ILE A 1 87  ? 1.20120   5.68892   -4.25139  1.000 15.45736 ? 115 ILE A N    1 
ATOM   575 C  CA   . ILE A 1 87  ? -0.15021  6.15997   -4.59580  1.000 16.77848 ? 115 ILE A CA   1 
ATOM   576 C  C    . ILE A 1 87  ? -0.94608  6.07065   -3.28300  1.000 19.19728 ? 115 ILE A C    1 
ATOM   577 O  O    . ILE A 1 87  ? -0.83413  5.09473   -2.59529  1.000 17.04513 ? 115 ILE A O    1 
ATOM   578 C  CB   . ILE A 1 87  ? -0.72195  5.24283   -5.67569  1.000 17.43608 ? 115 ILE A CB   1 
ATOM   579 C  CG1  . ILE A 1 87  ? 0.16993   5.19195   -6.91271  1.000 19.08478 ? 115 ILE A CG1  1 
ATOM   580 C  CG2  . ILE A 1 87  ? -2.13972  5.64736   -6.02824  1.000 18.33001 ? 115 ILE A CG2  1 
ATOM   581 C  CD1  . ILE A 1 87  ? -0.16895  4.07647   -7.83704  1.000 19.68303 ? 115 ILE A CD1  1 
ATOM   582 N  N    . GLN A 1 88  ? -1.71860  7.10234   -2.98214  1.000 18.51998 ? 116 GLN A N    1 
ATOM   583 C  CA   . GLN A 1 88  ? -2.52965  7.14163   -1.75072  1.000 18.82112 ? 116 GLN A CA   1 
ATOM   584 C  C    . GLN A 1 88  ? -4.01444  6.92177   -2.06427  1.000 21.38292 ? 116 GLN A C    1 
ATOM   585 O  O    . GLN A 1 88  ? -4.49269  7.32641   -3.10276  1.000 23.39306 ? 116 GLN A O    1 
ATOM   586 C  CB   . GLN A 1 88  ? -2.38412  8.47757   -1.01891  1.000 21.19871 ? 116 GLN A CB   1 
ATOM   587 C  CG   . GLN A 1 88  ? -0.95166  8.90385   -0.72174  1.000 31.09634 ? 116 GLN A CG   1 
ATOM   588 C  CD   . GLN A 1 88  ? -0.25497  8.22078   0.43179   0.694 30.87485 ? 116 GLN A CD   1 
ATOM   589 O  OE1  . GLN A 1 88  ? -0.85662  7.85712   1.42952   0.570 26.89107 ? 116 GLN A OE1  1 
ATOM   590 N  NE2  . GLN A 1 88  ? 1.05057   8.06200   0.30544   0.450 30.55113 ? 116 GLN A NE2  1 
ATOM   591 N  N    . GLN A 1 89  ? -4.67332  6.19542   -1.19091  1.000 16.40951 ? 117 GLN A N    1 
ATOM   592 C  CA   . GLN A 1 89  ? -6.13782  6.02874   -1.29406  1.000 15.40988 ? 117 GLN A CA   1 
ATOM   593 C  C    . GLN A 1 89  ? -6.71429  6.12972   0.11878   1.000 20.40463 ? 117 GLN A C    1 
ATOM   594 O  O    . GLN A 1 89  ? -5.99288  5.88129   1.05690   1.000 18.91389 ? 117 GLN A O    1 
ATOM   595 C  CB   . GLN A 1 89  ? -6.53871  4.69383   -1.91548  1.000 17.77113 ? 117 GLN A CB   1 
ATOM   596 C  CG   . GLN A 1 89  ? -6.17970  4.54226   -3.38383  1.000 23.22625 ? 117 GLN A CG   1 
ATOM   597 C  CD   . GLN A 1 89  ? -7.04462  5.31682   -4.34660  1.000 27.05941 ? 117 GLN A CD   1 
ATOM   598 O  OE1  . GLN A 1 89  ? -7.92426  6.07262   -3.97151  1.000 24.33540 ? 117 GLN A OE1  1 
ATOM   599 N  NE2  . GLN A 1 89  ? -6.76825  5.13506   -5.61569  1.000 23.78377 ? 117 GLN A NE2  1 
ATOM   600 N  N    . GLU A 1 90  ? -7.98138  6.51394   0.21446   1.000 17.09246 ? 118 GLU A N    1 
ATOM   601 C  CA   . GLU A 1 90  ? -8.67708  6.54560   1.51491   1.000 18.23077 ? 118 GLU A CA   1 
ATOM   602 C  C    . GLU A 1 90  ? -9.65457  5.37433   1.53870   1.000 17.24213 ? 118 GLU A C    1 
ATOM   603 O  O    . GLU A 1 90  ? -10.37428 5.20840   0.61964   1.000 17.49169 ? 118 GLU A O    1 
ATOM   604 C  CB   . GLU A 1 90  ? -9.44333  7.84637   1.71257   1.000 20.02678 ? 118 GLU A CB   1 
ATOM   605 C  CG   . GLU A 1 90  ? -8.61253  8.96061   2.25137   0.869 35.45431 ? 118 GLU A CG   1 
ATOM   606 C  CD   . GLU A 1 90  ? -9.44390  10.22235  2.39554   0.347 39.08590 ? 118 GLU A CD   1 
ATOM   607 O  OE1  . GLU A 1 90  ? -9.90097  10.75556  1.36759   1.000 48.32741 ? 118 GLU A OE1  1 
ATOM   608 O  OE2  . GLU A 1 90  ? -9.64387  10.64886  3.53251   0.943 44.20727 ? 118 GLU A OE2  1 
ATOM   609 N  N    . ILE A 1 91  ? -9.58803  4.58040   2.58875   1.000 16.01388 ? 119 ILE A N    1 
ATOM   610 C  CA   . ILE A 1 91  ? -10.47608 3.40176   2.74580   1.000 16.24262 ? 119 ILE A CA   1 
ATOM   611 C  C    . ILE A 1 91  ? -11.10418 3.44528   4.13874   1.000 18.28311 ? 119 ILE A C    1 
ATOM   612 O  O    . ILE A 1 91  ? -10.73019 4.25527   4.92195   1.000 18.71570 ? 119 ILE A O    1 
ATOM   613 C  CB   . ILE A 1 91  ? -9.71304  2.08456   2.54226   1.000 18.32833 ? 119 ILE A CB   1 
ATOM   614 C  CG1  . ILE A 1 91  ? -8.63012  1.87595   3.59773   1.000 20.25783 ? 119 ILE A CG1  1 
ATOM   615 C  CG2  . ILE A 1 91  ? -9.14363  1.98873   1.14387   1.000 18.26179 ? 119 ILE A CG2  1 
ATOM   616 C  CD1  . ILE A 1 91  ? -8.05618  0.48996   3.59819   1.000 23.40433 ? 119 ILE A CD1  1 
ATOM   617 N  N    . LEU A 1 92  ? -12.04869 2.54804   4.35962   1.000 24.10566 ? 120 LEU A N    1 
ATOM   618 C  CA   . LEU A 1 92  ? -12.75944 2.44085   5.65212   1.000 24.24553 ? 120 LEU A CA   1 
ATOM   619 C  C    . LEU A 1 92  ? -12.25213 1.24548   6.45007   1.000 27.24228 ? 120 LEU A C    1 
ATOM   620 O  O    . LEU A 1 92  ? -12.00254 0.20710   5.89039   1.000 29.55870 ? 120 LEU A O    1 
ATOM   621 C  CB   . LEU A 1 92  ? -14.24769 2.25268   5.37653   1.000 27.18474 ? 120 LEU A CB   1 
ATOM   622 C  CG   . LEU A 1 92  ? -14.99752 3.45095   4.80811   1.000 29.06456 ? 120 LEU A CG   1 
ATOM   623 C  CD1  . LEU A 1 92  ? -16.48634 3.20800   4.90781   1.000 32.85027 ? 120 LEU A CD1  1 
ATOM   624 C  CD2  . LEU A 1 92  ? -14.63288 4.72686   5.52029   1.000 28.17461 ? 120 LEU A CD2  1 
ATOM   625 N  N    . VAL A 1 93  ? -12.10189 1.46523   7.74254   1.000 21.79603 ? 121 VAL A N    1 
ATOM   626 C  CA   . VAL A 1 93  ? -11.71583 0.37185   8.65354   1.000 24.71991 ? 121 VAL A CA   1 
ATOM   627 C  C    . VAL A 1 93  ? -12.63820 0.46292   9.86632   1.000 28.70303 ? 121 VAL A C    1 
ATOM   628 O  O    . VAL A 1 93  ? -13.14393 1.55200   10.14364  1.000 26.49268 ? 121 VAL A O    1 
ATOM   629 C  CB   . VAL A 1 93  ? -10.24078 0.47838   9.07446   1.000 25.71365 ? 121 VAL A CB   1 
ATOM   630 C  CG1  . VAL A 1 93  ? -9.30538  0.22696   7.90357   1.000 28.45264 ? 121 VAL A CG1  1 
ATOM   631 C  CG2  . VAL A 1 93  ? -9.92709  1.80439   9.74008   1.000 26.41706 ? 121 VAL A CG2  1 
ATOM   632 N  N    . LEU A 1 94  ? -12.82338 -0.65738  10.53623  1.000 27.55636 ? 122 LEU A N    1 
ATOM   633 C  CA   . LEU A 1 94  ? -13.61025 -0.66700  11.78160  1.000 34.12312 ? 122 LEU A CA   1 
ATOM   634 C  C    . LEU A 1 94  ? -12.66439 -0.46149  12.94621  1.000 35.47305 ? 122 LEU A C    1 
ATOM   635 O  O    . LEU A 1 94  ? -11.63019 -1.13554  12.99033  1.000 29.94838 ? 122 LEU A O    1 
ATOM   636 C  CB   . LEU A 1 94  ? -14.29239 -2.02297  11.90491  1.000 30.34251 ? 122 LEU A CB   1 
ATOM   637 C  CG   . LEU A 1 94  ? -15.61346 -2.17867  11.16546  1.000 36.66187 ? 122 LEU A CG   1 
ATOM   638 C  CD1  . LEU A 1 94  ? -15.99193 -3.64686  11.08171  1.000 35.23335 ? 122 LEU A CD1  1 
ATOM   639 C  CD2  . LEU A 1 94  ? -16.70136 -1.38511  11.87110  1.000 44.92746 ? 122 LEU A CD2  1 
ATOM   640 N  N    . ARG A 1 95  ? -12.95769 0.41070   13.81296  1.000 31.66743 ? 123 ARG A N    1 
ATOM   641 C  CA   . ARG A 1 95  ? -12.12553 0.42357   15.02782  1.000 30.43813 ? 123 ARG A CA   1 
ATOM   642 C  C    . ARG A 1 95  ? -13.06741 0.15445   16.20576  1.000 43.56769 ? 123 ARG A C    1 
ATOM   643 O  O    . ARG A 1 95  ? -14.20216 0.64401   16.18198  1.000 38.47410 ? 123 ARG A O    1 
ATOM   644 C  CB   . ARG A 1 95  ? -11.44034 1.77436   15.20830  1.000 41.39058 ? 123 ARG A CB   1 
ATOM   645 C  CG   . ARG A 1 95  ? -10.46940 1.82737   16.37474  1.000 50.60232 ? 123 ARG A CG   1 
ATOM   646 C  CD   . ARG A 1 95  ? -9.84508  3.19107   16.55425  1.000 51.81084 ? 123 ARG A CD   1 
ATOM   647 N  NE   . ARG A 1 95  ? -9.03832  3.43142   15.37366  1.000 55.61565 ? 123 ARG A NE   1 
ATOM   648 C  CZ   . ARG A 1 95  ? -7.79795  2.99828   15.21266  1.000 58.64988 ? 123 ARG A CZ   1 
ATOM   649 N  NH1  . ARG A 1 95  ? -7.19923  2.31567   16.17188  1.000 48.32091 ? 123 ARG A NH1  1 
ATOM   650 N  NH2  . ARG A 1 95  ? -7.15803  3.25530   14.08944  1.000 58.32300 ? 123 ARG A NH2  1 
ATOM   651 N  N    . ARG A 1 96  ? -12.42926 -0.30027  17.19513  1.000 41.52261 ? 124 ARG A N    1 
ATOM   652 C  CA   . ARG A 1 96  ? -13.20754 -0.86274  18.32561  1.000 48.11540 ? 124 ARG A CA   1 
ATOM   653 C  C    . ARG A 1 96  ? -13.93577 0.26824   19.05396  1.000 55.31806 ? 124 ARG A C    1 
ATOM   654 O  O    . ARG A 1 96  ? -13.26808 1.26562   19.36755  1.000 50.36310 ? 124 ARG A O    1 
ATOM   655 C  CB   . ARG A 1 96  ? -12.27610 -1.72642  19.18236  1.000 43.13787 ? 124 ARG A CB   1 
ATOM   656 C  CG   . ARG A 1 96  ? -12.23472 -3.17406  18.71564  1.000 44.38315 ? 124 ARG A CG   1 
ATOM   657 C  CD   . ARG A 1 96  ? -11.04217 -3.99799  19.15543  1.000 52.02283 ? 124 ARG A CD   1 
ATOM   658 N  NE   . ARG A 1 96  ? -10.70074 -4.99673  18.15262  1.000 62.55332 ? 124 ARG A NE   1 
ATOM   659 C  CZ   . ARG A 1 96  ? -11.41261 -6.08641  17.89708  1.000 64.34937 ? 124 ARG A CZ   1 
ATOM   660 N  NH1  . ARG A 1 96  ? -12.51589 -6.33437  18.57859  1.000 62.89731 ? 124 ARG A NH1  1 
ATOM   661 N  NH2  . ARG A 1 96  ? -11.01969 -6.93026  16.96111  1.000 62.40485 ? 124 ARG A NH2  1 
ATOM   662 N  N    . GLU A 1 97  ? -15.24515 0.10777   19.29179  1.000 56.03862 ? 125 GLU A N    1 
ATOM   663 C  CA   . GLU A 1 97  ? -16.12966 1.11230   19.94783  1.000 52.06093 ? 125 GLU A CA   1 
ATOM   664 C  C    . GLU A 1 97  ? -17.11879 0.43862   20.90282  1.000 55.76507 ? 125 GLU A C    1 
ATOM   665 O  O    . GLU A 1 97  ? -18.06955 -0.16743  20.49324  1.000 62.22535 ? 125 GLU A O    1 
ATOM   666 C  CB   . GLU A 1 97  ? -16.91478 1.90341   18.91263  1.000 54.77495 ? 125 GLU A CB   1 
ATOM   667 N  N    . PRO A 1 98  ? -16.74395 0.62603   22.33019  1.000 62.29686 ? 126 PRO A N    1 
ATOM   668 C  CA   . PRO A 1 98  ? -15.60922 1.31517   22.96719  1.000 62.38137 ? 126 PRO A CA   1 
ATOM   669 C  C    . PRO A 1 98  ? -14.29513 0.56753   22.74536  1.000 58.92155 ? 126 PRO A C    1 
ATOM   670 O  O    . PRO A 1 98  ? -14.29689 -0.59887  22.34771  1.000 63.21320 ? 126 PRO A O    1 
ATOM   671 C  CB   . PRO A 1 98  ? -16.01404 1.34853   24.45012  1.000 57.63859 ? 126 PRO A CB   1 
ATOM   672 C  CG   . PRO A 1 98  ? -16.90066 0.15085   24.61743  1.000 60.18839 ? 126 PRO A CG   1 
ATOM   673 C  CD   . PRO A 1 98  ? -17.67369 0.06541   23.32670  1.000 58.83074 ? 126 PRO A CD   1 
ATOM   674 N  N    . PRO A 1 99  ? -13.14889 1.21688   22.99892  1.000 60.63368 ? 127 PRO A N    1 
ATOM   675 C  CA   . PRO A 1 99  ? -11.83024 0.61457   22.76805  1.000 61.08889 ? 127 PRO A CA   1 
ATOM   676 C  C    . PRO A 1 99  ? -11.62482 -0.69274  23.53023  1.000 65.49060 ? 127 PRO A C    1 
ATOM   677 O  O    . PRO A 1 99  ? -11.86310 -0.74086  24.73722  1.000 69.96174 ? 127 PRO A O    1 
ATOM   678 C  CB   . PRO A 1 99  ? -10.86053 1.69510   23.26745  1.000 56.39033 ? 127 PRO A CB   1 
ATOM   679 C  CG   . PRO A 1 99  ? -11.64779 2.96699   23.20949  1.000 53.50833 ? 127 PRO A CG   1 
ATOM   680 C  CD   . PRO A 1 99  ? -13.03871 2.56730   23.57532  1.000 59.22366 ? 127 PRO A CD   1 
ATOM   681 N  N    . ARG A 1 106 ? -16.98331 1.28007   15.30671  1.000 42.35626 ? 134 ARG A N    1 
ATOM   682 C  CA   . ARG A 1 106 ? -16.84099 2.67260   14.81348  1.000 49.69448 ? 134 ARG A CA   1 
ATOM   683 C  C    . ARG A 1 106 ? -16.08260 2.64975   13.48415  1.000 49.77407 ? 134 ARG A C    1 
ATOM   684 O  O    . ARG A 1 106 ? -15.03554 2.05278   13.45397  1.000 37.97517 ? 134 ARG A O    1 
ATOM   685 C  CB   . ARG A 1 106 ? -16.05126 3.50434   15.81024  1.000 41.49802 ? 134 ARG A CB   1 
ATOM   686 C  CG   . ARG A 1 106 ? -15.66577 4.85015   15.24775  1.000 50.57266 ? 134 ARG A CG   1 
ATOM   687 C  CD   . ARG A 1 106 ? -15.01982 5.73089   16.27649  1.000 58.31128 ? 134 ARG A CD   1 
ATOM   688 N  NE   . ARG A 1 106 ? -13.56736 5.75300   16.25073  0.478 52.37230 ? 134 ARG A NE   1 
ATOM   689 C  CZ   . ARG A 1 106 ? -12.85412 6.87046   16.25404  0.365 56.66250 ? 134 ARG A CZ   1 
ATOM   690 N  NH1  . ARG A 1 106 ? -13.46938 8.04014   16.24345  0.635 60.28828 ? 134 ARG A NH1  1 
ATOM   691 N  NH2  . ARG A 1 106 ? -11.53464 6.81937   16.25865  0.881 57.07267 ? 134 ARG A NH2  1 
ATOM   692 N  N    . LEU A 1 107 ? -16.58049 3.38152   12.49898  1.000 40.38522 ? 135 LEU A N    1 
ATOM   693 C  CA   . LEU A 1 107 ? -16.05173 3.30433   11.12545  1.000 37.69671 ? 135 LEU A CA   1 
ATOM   694 C  C    . LEU A 1 107 ? -15.13160 4.50311   10.92304  1.000 34.56973 ? 135 LEU A C    1 
ATOM   695 O  O    . LEU A 1 107 ? -15.54908 5.61004   11.15203  1.000 30.67750 ? 135 LEU A O    1 
ATOM   696 C  CB   . LEU A 1 107 ? -17.25238 3.34206   10.19664  1.000 40.63966 ? 135 LEU A CB   1 
ATOM   697 C  CG   . LEU A 1 107 ? -17.14666 2.65281   8.85339   1.000 37.86095 ? 135 LEU A CG   1 
ATOM   698 C  CD1  . LEU A 1 107 ? -16.60401 1.24481   8.94991   1.000 33.60015 ? 135 LEU A CD1  1 
ATOM   699 C  CD2  . LEU A 1 107 ? -18.50873 2.61819   8.20893   1.000 32.92006 ? 135 LEU A CD2  1 
ATOM   700 N  N    . GLU A 1 108 ? -13.90198 4.23489   10.52989  1.000 26.60691 ? 136 GLU A N    1 
ATOM   701 C  CA   . GLU A 1 108 ? -12.90999 5.29836   10.39649  1.000 24.57438 ? 136 GLU A CA   1 
ATOM   702 C  C    . GLU A 1 108 ? -12.35075 5.29521   8.98293   1.000 25.46457 ? 136 GLU A C    1 
ATOM   703 O  O    . GLU A 1 108 ? -12.26368 4.25112   8.41920   1.000 25.82387 ? 136 GLU A O    1 
ATOM   704 C  CB   . GLU A 1 108 ? -11.75689 4.94217   11.32690  1.000 31.12063 ? 136 GLU A CB   1 
ATOM   705 C  CG   . GLU A 1 108 ? -10.91968 6.11933   11.72047  1.000 41.60475 ? 136 GLU A CG   1 
ATOM   706 C  CD   . GLU A 1 108 ? -10.02867 5.86097   12.91792  0.213 45.79006 ? 136 GLU A CD   1 
ATOM   707 O  OE1  . GLU A 1 108 ? -8.97682  5.24018   12.73769  0.817 52.14194 ? 136 GLU A OE1  1 
ATOM   708 O  OE2  . GLU A 1 108 ? -10.39527 6.28172   14.02130  0.846 55.61871 ? 136 GLU A OE2  1 
ATOM   709 N  N    . LYS A 1 109 ? -12.02052 6.46802   8.47100   1.000 24.32095 ? 137 LYS A N    1 
ATOM   710 C  CA   . LYS A 1 109 ? -11.36552 6.52174   7.14631   1.000 24.69615 ? 137 LYS A CA   1 
ATOM   711 C  C    . LYS A 1 109 ? -9.87149  6.73148   7.37702   1.000 27.14901 ? 137 LYS A C    1 
ATOM   712 O  O    . LYS A 1 109 ? -9.50857  7.50308   8.22355   1.000 28.03343 ? 137 LYS A O    1 
ATOM   713 C  CB   . LYS A 1 109 ? -12.03583 7.50869   6.19152   1.000 28.98732 ? 137 LYS A CB   1 
ATOM   714 C  CG   . LYS A 1 109 ? -11.91755 8.96102   6.56433   1.000 36.21317 ? 137 LYS A CG   1 
ATOM   715 C  CD   . LYS A 1 109 ? -12.65744 9.88052   5.61698   0.773 38.37863 ? 137 LYS A CD   1 
ATOM   716 C  CE   . LYS A 1 109 ? -12.99776 11.20177  6.27244   0.570 40.34823 ? 137 LYS A CE   1 
ATOM   717 N  NZ   . LYS A 1 109 ? -13.24910 12.25980  5.27282   0.833 39.08945 ? 137 LYS A NZ   1 
ATOM   718 N  N    . ILE A 1 110 ? -9.05625  5.98949   6.64682   1.000 20.11745 ? 138 ILE A N    1 
ATOM   719 C  CA   . ILE A 1 110 ? -7.58233  6.10966   6.77989   1.000 21.30284 ? 138 ILE A CA   1 
ATOM   720 C  C    . ILE A 1 110 ? -6.94688  6.23306   5.38902   1.000 21.24865 ? 138 ILE A C    1 
ATOM   721 O  O    . ILE A 1 110 ? -7.46975  5.67406   4.46199   1.000 21.43158 ? 138 ILE A O    1 
ATOM   722 C  CB   . ILE A 1 110 ? -7.01916  4.91113   7.56250   1.000 24.15049 ? 138 ILE A CB   1 
ATOM   723 C  CG1  . ILE A 1 110 ? -7.34678  3.56930   6.91821   1.000 23.44959 ? 138 ILE A CG1  1 
ATOM   724 C  CG2  . ILE A 1 110 ? -7.43726  4.95429   9.02036   1.000 29.33465 ? 138 ILE A CG2  1 
ATOM   725 C  CD1  . ILE A 1 110 ? -6.47320  2.45168   7.41719   1.000 27.07474 ? 138 ILE A CD1  1 
ATOM   726 N  N    . LEU A 1 111 ? -5.84397  6.94549   5.32617   1.000 20.43156 ? 139 LEU A N    1 
ATOM   727 C  CA   . LEU A 1 111 ? -5.07031  7.13325   4.08739   1.000 19.11768 ? 139 LEU A CA   1 
ATOM   728 C  C    . LEU A 1 111 ? -4.02044  6.02734   4.06506   1.000 21.88986 ? 139 LEU A C    1 
ATOM   729 O  O    . LEU A 1 111 ? -3.30395  5.91174   5.02694   1.000 23.30905 ? 139 LEU A O    1 
ATOM   730 C  CB   . LEU A 1 111 ? -4.39805  8.49627   4.20084   1.000 21.72444 ? 139 LEU A CB   1 
ATOM   731 C  CG   . LEU A 1 111 ? -4.31755  9.39947   2.97985   1.000 43.26894 ? 139 LEU A CG   1 
ATOM   732 C  CD1  . LEU A 1 111 ? -5.24175  9.00770   1.85119   1.000 33.25444 ? 139 LEU A CD1  1 
ATOM   733 C  CD2  . LEU A 1 111 ? -4.57330  10.82959  3.39489   1.000 40.27505 ? 139 LEU A CD2  1 
ATOM   734 N  N    . VAL A 1 112 ? -3.97235  5.26612   2.99237   1.000 16.04135 ? 140 VAL A N    1 
ATOM   735 C  CA   . VAL A 1 112 ? -2.99847  4.15120   2.89301   1.000 15.63325 ? 140 VAL A CA   1 
ATOM   736 C  C    . VAL A 1 112 ? -2.24135  4.20569   1.56317   1.000 17.54593 ? 140 VAL A C    1 
ATOM   737 O  O    . VAL A 1 112 ? -2.71976  4.79961   0.64990   1.000 18.22313 ? 140 VAL A O    1 
ATOM   738 C  CB   . VAL A 1 112 ? -3.72364  2.79990   2.97611   1.000 19.06591 ? 140 VAL A CB   1 
ATOM   739 C  CG1  . VAL A 1 112 ? -4.25128  2.48871   4.36545   1.000 19.40128 ? 140 VAL A CG1  1 
ATOM   740 C  CG2  . VAL A 1 112 ? -4.81967  2.68284   1.94529   1.000 18.03978 ? 140 VAL A CG2  1 
ATOM   741 N  N    A SER A 1 113 ? -0.99308  3.73490   1.57016   0.771 16.73666 ? 141 SER A N    1 
ATOM   742 N  N    B SER A 1 113 ? -0.98876  3.73992   1.58335   0.229 16.78253 ? 141 SER A N    1 
ATOM   743 C  CA   A SER A 1 113 ? -0.15274  3.65734   0.35181   0.771 14.95913 ? 141 SER A CA   1 
ATOM   744 C  CA   B SER A 1 113 ? -0.15246  3.66092   0.36036   0.229 15.11919 ? 141 SER A CA   1 
ATOM   745 C  C    A SER A 1 113 ? -0.49999  2.32956   -0.32625  0.771 17.76894 ? 141 SER A C    1 
ATOM   746 C  C    B SER A 1 113 ? -0.53200  2.33398   -0.30449  0.229 17.78267 ? 141 SER A C    1 
ATOM   747 O  O    A SER A 1 113 ? -0.30508  1.30616   0.27258   0.771 18.47688 ? 141 SER A O    1 
ATOM   748 O  O    B SER A 1 113 ? -0.29140  1.28799   0.29903   0.229 18.32791 ? 141 SER A O    1 
ATOM   749 C  CB   A SER A 1 113 ? 1.29752   3.77130   0.68307   0.771 18.08762 ? 141 SER A CB   1 
ATOM   750 C  CB   B SER A 1 113 ? 1.30149   3.74562   0.69147   0.229 18.16600 ? 141 SER A CB   1 
ATOM   751 O  OG   A SER A 1 113 ? 1.58878   5.07620   1.12893   0.771 25.13127 ? 141 SER A OG   1 
ATOM   752 O  OG   B SER A 1 113 ? 2.06657   3.38707   -0.44219  0.229 20.20482 ? 141 SER A OG   1 
ATOM   753 N  N    . VAL A 1 114 ? -1.02537  2.38085   -1.53825  1.000 15.93149 ? 142 VAL A N    1 
ATOM   754 C  CA   . VAL A 1 114 ? -1.53044  1.15843   -2.21973  1.000 14.86138 ? 142 VAL A CA   1 
ATOM   755 C  C    . VAL A 1 114 ? -0.61829  0.56467   -3.27575  1.000 17.37513 ? 142 VAL A C    1 
ATOM   756 O  O    . VAL A 1 114 ? -0.93338  -0.46470  -3.77391  1.000 19.48410 ? 142 VAL A O    1 
ATOM   757 C  CB   . VAL A 1 114 ? -2.87096  1.55305   -2.85645  1.000 17.52266 ? 142 VAL A CB   1 
ATOM   758 C  CG1  . VAL A 1 114 ? -3.82169  2.04714   -1.80180  1.000 18.80277 ? 142 VAL A CG1  1 
ATOM   759 C  CG2  . VAL A 1 114 ? -2.68932  2.63535   -3.90761  1.000 19.72841 ? 142 VAL A CG2  1 
ATOM   760 N  N    . GLY A 1 115 ? 0.44067   1.26141   -3.58438  1.000 13.31101 ? 143 GLY A N    1 
ATOM   761 C  CA   . GLY A 1 115 ? 1.38129   0.82753   -4.62051  1.000 15.21214 ? 143 GLY A CA   1 
ATOM   762 C  C    . GLY A 1 115 ? 2.24049   2.00412   -5.03211  1.000 15.04959 ? 143 GLY A C    1 
ATOM   763 O  O    . GLY A 1 115 ? 2.07077   3.05554   -4.49088  1.000 17.64181 ? 143 GLY A O    1 
ATOM   764 N  N    . CYS A 1 116 ? 3.15145   1.79793   -5.97404  1.000 13.91820 ? 144 CYS A N    1 
ATOM   765 C  CA   . CYS A 1 116 ? 4.01244   2.92089   -6.39810  1.000 13.24693 ? 144 CYS A CA   1 
ATOM   766 C  C    . CYS A 1 116 ? 3.92713   3.10120   -7.91000  1.000 15.07313 ? 144 CYS A C    1 
ATOM   767 O  O    . CYS A 1 116 ? 3.70698   2.15615   -8.59316  1.000 13.43351 ? 144 CYS A O    1 
ATOM   768 C  CB   . CYS A 1 116 ? 5.46190   2.73415   -5.97281  1.000 14.72423 ? 144 CYS A CB   1 
ATOM   769 S  SG   . CYS A 1 116 ? 5.66327   2.74922   -4.17220  0.927 17.39357 ? 144 CYS A SG   1 
ATOM   770 N  N    . THR A 1 117 ? 4.13310   4.33113   -8.34358  1.000 13.14831 ? 145 THR A N    1 
ATOM   771 C  CA   . THR A 1 117 ? 4.12208   4.67144   -9.75281  1.000 11.40122 ? 145 THR A CA   1 
ATOM   772 C  C    . THR A 1 117 ? 5.33703   5.55591   -10.01909 1.000 13.98438 ? 145 THR A C    1 
ATOM   773 O  O    . THR A 1 117 ? 5.96896   6.05463   -9.07786  1.000 14.56356 ? 145 THR A O    1 
ATOM   774 C  CB   . THR A 1 117 ? 2.77620   5.31900   -10.14951 1.000 13.78107 ? 145 THR A CB   1 
ATOM   775 O  OG1  . THR A 1 117 ? 2.57288   5.17572   -11.56289 1.000 14.10527 ? 145 THR A OG1  1 
ATOM   776 C  CG2  . THR A 1 117 ? 2.70340   6.80811   -9.77724  1.000 15.59548 ? 145 THR A CG2  1 
ATOM   777 N  N    . CYS A 1 118 ? 5.68329   5.71795   -11.27619 1.000 13.39022 ? 146 CYS A N    1 
ATOM   778 C  CA   . CYS A 1 118 ? 6.87933   6.49519   -11.64902 1.000 13.83479 ? 146 CYS A CA   1 
ATOM   779 C  C    . CYS A 1 118 ? 6.45750   7.84053   -12.24457 1.000 16.71487 ? 146 CYS A C    1 
ATOM   780 O  O    . CYS A 1 118 ? 5.84851   7.84900   -13.24954 1.000 17.28789 ? 146 CYS A O    1 
ATOM   781 C  CB   . CYS A 1 118 ? 7.66058   5.71840   -12.69146 1.000 13.72217 ? 146 CYS A CB   1 
ATOM   782 S  SG   . CYS A 1 118 ? 9.20828   6.54354   -13.11525 1.000 18.77300 ? 146 CYS A SG   1 
ATOM   783 N  N    . VAL A 1 119 ? 6.83302   8.93653   -11.60400 1.000 14.21322 ? 147 VAL A N    1 
ATOM   784 C  CA   . VAL A 1 119 ? 6.42749   10.27227  -12.10613 1.000 13.29371 ? 147 VAL A CA   1 
ATOM   785 C  C    . VAL A 1 119 ? 7.62309   11.18476  -12.34187 1.000 17.21786 ? 147 VAL A C    1 
ATOM   786 O  O    . VAL A 1 119 ? 8.71214   10.80641  -12.03816 1.000 18.56952 ? 147 VAL A O    1 
ATOM   787 C  CB   . VAL A 1 119 ? 5.52856   11.01892  -11.10433 1.000 15.28029 ? 147 VAL A CB   1 
ATOM   788 C  CG1  . VAL A 1 119 ? 4.29922   10.24260  -10.70754 1.000 16.67780 ? 147 VAL A CG1  1 
ATOM   789 C  CG2  . VAL A 1 119 ? 6.29551   11.46405  -9.87561  1.000 17.82587 ? 147 VAL A CG2  1 
ATOM   790 N  N    A THR A 1 120 ? 7.38901   12.16390  -13.20157 0.722 17.78701 ? 148 THR A N    1 
ATOM   791 N  N    B THR A 1 120 ? 7.39125   12.18237  -13.19031 0.278 17.89356 ? 148 THR A N    1 
ATOM   792 C  CA   A THR A 1 120 ? 8.39116   13.21602  -13.47333 0.722 18.47893 ? 148 THR A CA   1 
ATOM   793 C  CA   B THR A 1 120 ? 8.41300   13.21681  -13.47063 0.278 18.61961 ? 148 THR A CA   1 
ATOM   794 C  C    A THR A 1 120 ? 8.15948   14.28795  -12.40576 0.722 21.45778 ? 148 THR A C    1 
ATOM   795 C  C    B THR A 1 120 ? 8.17108   14.30622  -12.42454 0.278 21.55605 ? 148 THR A C    1 
ATOM   796 O  O    A THR A 1 120 ? 7.04084   14.70739  -12.26507 0.722 22.46366 ? 148 THR A O    1 
ATOM   797 O  O    B THR A 1 120 ? 7.01665   14.70946  -12.29030 0.278 22.55771 ? 148 THR A O    1 
ATOM   798 C  CB   A THR A 1 120 ? 8.18689   13.86424  -14.84095 0.722 20.23083 ? 148 THR A CB   1 
ATOM   799 C  CB   B THR A 1 120 ? 8.24109   13.81811  -14.86690 0.278 20.36051 ? 148 THR A CB   1 
ATOM   800 O  OG1  A THR A 1 120 ? 8.36923   12.90526  -15.87910 0.722 22.30907 ? 148 THR A OG1  1 
ATOM   801 O  OG1  B THR A 1 120 ? 6.93934   14.39627  -14.88867 0.278 26.23350 ? 148 THR A OG1  1 
ATOM   802 C  CG2  A THR A 1 120 ? 9.15744   15.00114  -15.05641 0.722 22.28908 ? 148 THR A CG2  1 
ATOM   803 C  CG2  B THR A 1 120 ? 8.37678   12.80065  -15.97462 0.278 22.04224 ? 148 THR A CG2  1 
ATOM   804 N  N    . PRO A 1 121 ? 9.04318   14.41888  -11.40802 1.000 19.38348 ? 149 PRO A N    1 
ATOM   805 C  CA   . PRO A 1 121 ? 8.83545   15.40758  -10.37938 1.000 24.09494 ? 149 PRO A CA   1 
ATOM   806 C  C    . PRO A 1 121 ? 8.72945   16.82347  -10.95352 1.000 33.25826 ? 149 PRO A C    1 
ATOM   807 O  O    . PRO A 1 121 ? 9.55624   17.18463  -11.71542 1.000 39.10140 ? 149 PRO A O    1 
ATOM   808 C  CB   . PRO A 1 121 ? 10.07393  15.31364  -9.50521  1.000 27.06623 ? 149 PRO A CB   1 
ATOM   809 C  CG   . PRO A 1 121 ? 10.88557  14.22038  -10.04704 1.000 27.64870 ? 149 PRO A CG   1 
ATOM   810 C  CD   . PRO A 1 121 ? 10.35264  13.87223  -11.41782 1.000 23.05167 ? 149 PRO A CD   1 
ATOM   811 N  N    . ILE A 1 122 ? 7.69717   17.53472  -10.53251 1.000 36.59510 ? 150 ILE A N    1 
ATOM   812 C  CA   . ILE A 1 122 ? 7.48199   18.93367  -10.99604 1.000 43.64462 ? 150 ILE A CA   1 
ATOM   813 C  C    . ILE A 1 122 ? 8.32715   19.83892  -10.11942 1.000 43.35507 ? 150 ILE A C    1 
ATOM   814 O  O    . ILE A 1 122 ? 8.95419   20.67086  -10.66545 1.000 46.26530 ? 150 ILE A O    1 
ATOM   815 C  CB   . ILE A 1 122 ? 6.01671   19.39533  -10.97709 0.373 39.64607 ? 150 ILE A CB   1 
ATOM   816 C  CG1  . ILE A 1 122 ? 5.08034   18.45084  -10.22636 0.645 40.63000 ? 150 ILE A CG1  1 
ATOM   817 C  CG2  . ILE A 1 122 ? 5.52996   19.73899  -12.37804 0.500 39.48732 ? 150 ILE A CG2  1 
ATOM   818 C  CD1  . ILE A 1 122 ? 4.23607   19.14392  -9.20298  0.790 51.00471 ? 150 ILE A CD1  1 
ATOM   819 N  N    . VAL A 1 123 ? 8.30123   19.64358  -8.80485  1.000 30.23890 ? 151 VAL A N    1 
ATOM   820 C  CA   . VAL A 1 123 ? 9.11458   20.49780  -7.90924  1.000 34.02770 ? 151 VAL A CA   1 
ATOM   821 C  C    . VAL A 1 123 ? 10.22880  19.66485  -7.26200  1.000 38.35351 ? 151 VAL A C    1 
ATOM   822 O  O    . VAL A 1 123 ? 11.36979  19.91135  -7.56944  1.000 41.07988 ? 151 VAL A O    1 
ATOM   823 C  CB   . VAL A 1 123 ? 8.21365   21.10717  -6.82865  1.000 40.43980 ? 151 VAL A CB   1 
ATOM   824 C  CG1  . VAL A 1 123 ? 8.92704   22.19773  -6.07571  1.000 50.95020 ? 151 VAL A CG1  1 
ATOM   825 C  CG2  . VAL A 1 123 ? 6.88641   21.58152  -7.38327  1.000 48.96366 ? 151 VAL A CG2  1 
ATOM   826 N  N    . HIS A 1 124 ? 9.87048   18.72674  -6.39806  1.000 24.32383 ? 152 HIS A N    1 
ATOM   827 C  CA   . HIS A 1 124 ? 10.88264  17.89840  -5.70735  1.000 21.42147 ? 152 HIS A CA   1 
ATOM   828 C  C    . HIS A 1 124 ? 10.56800  16.41382  -5.83812  1.000 19.00045 ? 152 HIS A C    1 
ATOM   829 O  O    . HIS A 1 124 ? 9.49754   16.05175  -6.25714  1.000 20.22621 ? 152 HIS A O    1 
ATOM   830 C  CB   . HIS A 1 124 ? 10.89450  18.21552  -4.21315  1.000 23.61120 ? 152 HIS A CB   1 
ATOM   831 C  CG   . HIS A 1 124 ? 9.54795   18.15758  -3.60409  1.000 26.33795 ? 152 HIS A CG   1 
ATOM   832 N  ND1  . HIS A 1 124 ? 8.87549   19.28200  -3.20856  1.000 34.41110 ? 152 HIS A ND1  1 
ATOM   833 C  CD2  . HIS A 1 124 ? 8.74505   17.12211  -3.32060  1.000 27.62018 ? 152 HIS A CD2  1 
ATOM   834 C  CE1  . HIS A 1 124 ? 7.70828   18.93551  -2.73705  1.000 35.48516 ? 152 HIS A CE1  1 
ATOM   835 N  NE2  . HIS A 1 124 ? 7.60005   17.61826  -2.79156  1.000 32.56930 ? 152 HIS A NE2  1 
ATOM   836 N  N    . HIS A 1 125 ? 11.54391  15.61110  -5.46826  1.000 14.51369 ? 153 HIS A N    1 
ATOM   837 C  CA   . HIS A 1 125 ? 11.31479  14.15979  -5.40393  1.000 13.69538 ? 153 HIS A CA   1 
ATOM   838 C  C    . HIS A 1 125 ? 10.76996  13.82501  -4.01339  1.000 16.74836 ? 153 HIS A C    1 
ATOM   839 O  O    . HIS A 1 125 ? 11.29276  14.32945  -3.03149  1.000 16.92668 ? 153 HIS A O    1 
ATOM   840 C  CB   . HIS A 1 125 ? 12.64084  13.41533  -5.50282  1.000 13.09526 ? 153 HIS A CB   1 
ATOM   841 C  CG   . HIS A 1 125 ? 13.21664  13.29871  -6.86243  1.000 14.52215 ? 153 HIS A CG   1 
ATOM   842 N  ND1  . HIS A 1 125 ? 13.60504  14.36897  -7.63599  1.000 16.02283 ? 153 HIS A ND1  1 
ATOM   843 C  CD2  . HIS A 1 125 ? 13.53037  12.20167  -7.55144  1.000 14.11807 ? 153 HIS A CD2  1 
ATOM   844 C  CE1  . HIS A 1 125 ? 14.11238  13.91728  -8.74805  1.000 15.26590 ? 153 HIS A CE1  1 
ATOM   845 N  NE2  . HIS A 1 125 ? 14.04965  12.61330  -8.70807  1.000 18.13111 ? 153 HIS A NE2  1 
ATOM   846 N  N    . VAL A 1 126 ? 9.71381   13.03066  -3.97228  1.000 14.65458 ? 154 VAL A N    1 
ATOM   847 C  CA   . VAL A 1 126 ? 9.20535   12.50916  -2.71517  1.000 16.35062 ? 154 VAL A CA   1 
ATOM   848 C  C    . VAL A 1 126 ? 10.15350  11.41221  -2.26212  1.000 19.56523 ? 154 VAL A C    1 
ATOM   849 O  O    . VAL A 1 126 ? 10.48023  10.50051  -3.03330  1.000 20.19507 ? 154 VAL A O    1 
ATOM   850 C  CB   . VAL A 1 126 ? 7.78263   11.96381  -2.90636  1.000 19.48179 ? 154 VAL A CB   1 
ATOM   851 C  CG1  . VAL A 1 126 ? 7.30351   11.29284  -1.62883  1.000 20.53091 ? 154 VAL A CG1  1 
ATOM   852 C  CG2  . VAL A 1 126 ? 6.86376   13.07821  -3.35071  1.000 21.80562 ? 154 VAL A CG2  1 
ATOM   853 N  N    . ALA A 1 127 ? 10.63850  11.52564  -1.03423  1.000 19.50593 ? 155 ALA A N    1 
ATOM   854 C  CA   . ALA A 1 127 ? 11.63356  10.59923  -0.50658  1.000 25.27204 ? 155 ALA A CA   1 
ATOM   855 C  C    . ALA A 1 127 ? 11.06247  9.72019   0.60687   1.000 41.59293 ? 155 ALA A C    1 
ATOM   856 O  O    . ALA A 1 127 ? 10.01463  10.02929  1.18390   1.000 44.15775 ? 155 ALA A O    1 
ATOM   857 C  CB   . ALA A 1 127 ? 12.84701  11.38236  0.00002   1.000 25.37711 ? 155 ALA A CB   1 
HETATM 858 C  C1   . XCW B 2 .   ? 0.54241   -7.92032  0.58452   1.000 19.95286 ? 201 XCW A C1   1 
HETATM 859 C  C11  . XCW B 2 .   ? -5.74702  -6.72036  3.18119   1.000 16.13421 ? 201 XCW A C11  1 
HETATM 860 C  C13  . XCW B 2 .   ? -4.55061  -4.77093  2.41449   1.000 19.70160 ? 201 XCW A C13  1 
HETATM 861 C  C15  . XCW B 2 .   ? -4.64287  -3.50050  1.75342   1.000 16.05495 ? 201 XCW A C15  1 
HETATM 862 C  C16  . XCW B 2 .   ? -5.68120  -2.86945  1.08213   1.000 16.20009 ? 201 XCW A C16  1 
HETATM 863 C  C17  . XCW B 2 .   ? -5.18275  -1.62929  0.60697   1.000 14.54034 ? 201 XCW A C17  1 
HETATM 864 C  C19  . XCW B 2 .   ? -3.87925  -1.55247  1.01290   1.000 19.75602 ? 201 XCW A C19  1 
HETATM 865 C  C22  . XCW B 2 .   ? -7.15013  -7.28487  2.98406   1.000 21.51450 ? 201 XCW A C22  1 
HETATM 866 C  C23  . XCW B 2 .   ? -7.37041  -8.69625  3.48899   1.000 28.41964 ? 201 XCW A C23  1 
HETATM 867 C  C24  . XCW B 2 .   ? -8.79958  -9.10808  3.12334   1.000 29.08781 ? 201 XCW A C24  1 
HETATM 868 C  C25  . XCW B 2 .   ? -9.81377  -8.18529  3.78456   1.000 32.97161 ? 201 XCW A C25  1 
HETATM 869 C  C26  . XCW B 2 .   ? -9.58189  -6.72591  3.43073   1.000 30.14890 ? 201 XCW A C26  1 
HETATM 870 C  C27  . XCW B 2 .   ? -8.13778  -6.32596  3.69106   1.000 23.52671 ? 201 XCW A C27  1 
HETATM 871 C  C28  . XCW B 2 .   ? -1.84189  -7.93328  0.95601   1.000 17.40391 ? 201 XCW A C28  1 
HETATM 872 C  C3   . XCW B 2 .   ? -0.49465  -9.91242  1.53407   1.000 18.39521 ? 201 XCW A C3   1 
HETATM 873 C  C30  . XCW B 2 .   ? -1.23441  -12.22965 1.59729   1.000 19.81407 ? 201 XCW A C30  1 
HETATM 874 C  C31  . XCW B 2 .   ? -0.29099  -12.49787 2.58773   1.000 22.00435 ? 201 XCW A C31  1 
HETATM 875 C  C32  . XCW B 2 .   ? 0.55121   -11.49176 3.05200   1.000 20.83396 ? 201 XCW A C32  1 
HETATM 876 C  C33  . XCW B 2 .   ? 0.45614   -10.19960 2.52483   1.000 20.16591 ? 201 XCW A C33  1 
HETATM 877 C  C4   . XCW B 2 .   ? -1.33564  -10.93364 1.08076   1.000 18.42898 ? 201 XCW A C4   1 
HETATM 878 C  C6   . XCW B 2 .   ? -3.39336  -9.88665  0.57941   1.000 18.02716 ? 201 XCW A C6   1 
HETATM 879 C  C7   . XCW B 2 .   ? -3.04218  -8.71382  1.51139   1.000 16.06084 ? 201 XCW A C7   1 
HETATM 880 C  C9   . XCW B 2 .   ? -4.68531  -7.73376  2.94073   1.000 17.62435 ? 201 XCW A C9   1 
HETATM 881 N  N12  . XCW B 2 .   ? -5.57488  -5.63746  2.21475   1.000 16.06136 ? 201 XCW A N12  1 
HETATM 882 N  N2   . XCW B 2 .   ? -0.63023  -8.60970  0.99151   1.000 16.92963 ? 201 XCW A N2   1 
HETATM 883 N  N21  . XCW B 2 .   ? -3.54671  -2.68058  1.70183   1.000 17.11131 ? 201 XCW A N21  1 
HETATM 884 N  N8   . XCW B 2 .   ? -4.11738  -7.77218  1.68770   1.000 16.41415 ? 201 XCW A N8   1 
HETATM 885 O  O10  . XCW B 2 .   ? -4.33340  -8.45919  3.86540   1.000 18.95879 ? 201 XCW A O10  1 
HETATM 886 O  O14  . XCW B 2 .   ? -3.68551  -4.98801  3.24667   1.000 19.25330 ? 201 XCW A O14  1 
HETATM 887 O  O29  . XCW B 2 .   ? -1.92875  -6.81444  0.49058   1.000 18.21695 ? 201 XCW A O29  1 
HETATM 888 O  O5   . XCW B 2 .   ? -2.28287  -10.69930 0.11362   1.000 18.97151 ? 201 XCW A O5   1 
HETATM 889 CL CL18 . XCW B 2 .   ? -6.04752  -0.44337  -0.28339  1.000 18.68126 ? 201 XCW A CL18 1 
HETATM 890 CL CL20 . XCW B 2 .   ? -2.68502  -0.35771  0.81990   1.000 25.05463 ? 201 XCW A CL20 1 
HETATM 891 H  H36  . XCW B 2 .   ? 0.28828   -7.32534  -0.29564  1.000 23.88329 ? 201 XCW A H36  1 
HETATM 892 H  H34  . XCW B 2 .   ? 1.30296   -8.66960  0.35066   1.000 23.88329 ? 201 XCW A H34  1 
HETATM 893 H  H35  . XCW B 2 .   ? 0.85771   -7.28412  1.41593   1.000 23.88329 ? 201 XCW A H35  1 
HETATM 894 H  H41  . XCW B 2 .   ? -5.53359  -6.36867  4.19387   1.000 19.30091 ? 201 XCW A H41  1 
HETATM 895 H  H43  . XCW B 2 .   ? -6.67966  -3.26099  0.95448   1.000 19.37996 ? 201 XCW A H43  1 
HETATM 896 H  H45  . XCW B 2 .   ? -7.29495  -7.34560  1.90273   1.000 25.75726 ? 201 XCW A H45  1 
HETATM 897 H  H47  . XCW B 2 .   ? -6.65301  -9.37713  3.02302   1.000 34.04342 ? 201 XCW A H47  1 
HETATM 898 H  H46  . XCW B 2 .   ? -7.23687  -8.73140  4.57373   1.000 34.04342 ? 201 XCW A H46  1 
HETATM 899 H  H49  . XCW B 2 .   ? -8.92240  -9.06101  2.03806   1.000 34.84523 ? 201 XCW A H49  1 
HETATM 900 H  H48  . XCW B 2 .   ? -8.97593  -10.13475 3.45383   1.000 34.84523 ? 201 XCW A H48  1 
HETATM 901 H  H50  . XCW B 2 .   ? -10.81794 -8.47332  3.46269   1.000 39.50579 ? 201 XCW A H50  1 
HETATM 902 H  H51  . XCW B 2 .   ? -9.74458  -8.30264  4.86988   1.000 39.50579 ? 201 XCW A H51  1 
HETATM 903 H  H53  . XCW B 2 .   ? -10.24496 -6.09977  4.03303   1.000 36.11854 ? 201 XCW A H53  1 
HETATM 904 H  H52  . XCW B 2 .   ? -9.81395  -6.57118  2.37352   1.000 36.11854 ? 201 XCW A H52  1 
HETATM 905 H  H55  . XCW B 2 .   ? -7.94950  -6.34734  4.76780   1.000 28.17191 ? 201 XCW A H55  1 
HETATM 906 H  H54  . XCW B 2 .   ? -7.97614  -5.31001  3.32459   1.000 28.17191 ? 201 XCW A H54  1 
HETATM 907 H  H56  . XCW B 2 .   ? -1.88354  -13.01642 1.23275   1.000 23.71674 ? 201 XCW A H56  1 
HETATM 908 H  H57  . XCW B 2 .   ? -0.21170  -13.49845 2.99808   1.000 26.34508 ? 201 XCW A H57  1 
HETATM 909 H  H58  . XCW B 2 .   ? 1.28209   -11.70975 3.82260   1.000 24.94060 ? 201 XCW A H58  1 
HETATM 910 H  H59  . XCW B 2 .   ? 1.11782   -9.41918  2.88344   1.000 24.13895 ? 201 XCW A H59  1 
HETATM 911 H  H38  . XCW B 2 .   ? -3.89363  -9.49374  -0.30927  1.000 21.57245 ? 201 XCW A H38  1 
HETATM 912 H  H37  . XCW B 2 .   ? -4.08000  -10.55817 1.10211   1.000 21.57245 ? 201 XCW A H37  1 
HETATM 913 H  H39  . XCW B 2 .   ? -2.85752  -9.01663  2.54473   1.000 19.21286 ? 201 XCW A H39  1 
HETATM 914 H  H42  . XCW B 2 .   ? -6.20027  -5.53967  1.42238   1.000 19.21348 ? 201 XCW A H42  1 
HETATM 915 H  H44  . XCW B 2 .   ? -2.64502  -2.87358  2.12012   1.000 20.47342 ? 201 XCW A H44  1 
HETATM 916 H  H40  . XCW B 2 .   ? -4.43549  -7.17276  0.93288   1.000 19.63683 ? 201 XCW A H40  1 
HETATM 917 CL CL   . CL  C 3 .   ? -0.01342  -11.17545 9.29556   0.742 31.69863 ? 202 CL  A CL   1 
HETATM 918 O  O    . HOH D 4 .   ? -8.89246  11.91387  -0.51246  1.000 38.98614 ? 301 HOH A O    1 
HETATM 919 O  O    . HOH D 4 .   ? -0.53383  7.15023   3.90612   1.000 46.75150 ? 302 HOH A O    1 
HETATM 920 O  O    . HOH D 4 .   ? -0.76300  1.10636   12.88289  1.000 49.86302 ? 303 HOH A O    1 
HETATM 921 O  O    . HOH D 4 .   ? -8.12287  -14.47675 -1.31758  1.000 51.51980 ? 304 HOH A O    1 
HETATM 922 O  O    . HOH D 4 .   ? -12.35829 12.26262  2.76500   1.000 41.65361 ? 305 HOH A O    1 
HETATM 923 O  O    . HOH D 4 .   ? -27.66814 -7.52785  9.31063   1.000 38.72002 ? 306 HOH A O    1 
HETATM 924 O  O    . HOH D 4 .   ? -1.09204  -12.63488 -4.57669  1.000 38.02498 ? 307 HOH A O    1 
HETATM 925 O  O    . HOH D 4 .   ? -2.14383  -15.71879 4.09047   1.000 40.35787 ? 308 HOH A O    1 
HETATM 926 O  O    . HOH D 4 .   ? -8.93223  -6.86246  15.20431  1.000 37.90248 ? 309 HOH A O    1 
HETATM 927 O  O    . HOH D 4 .   ? 8.31412   4.08559   -15.98085 0.277 21.09319 ? 310 HOH A O    1 
HETATM 928 O  O    . HOH D 4 .   ? 21.92236  5.42359   -11.34659 1.000 40.94140 ? 311 HOH A O    1 
HETATM 929 O  O    . HOH D 4 .   ? -1.96412  -6.83771  -14.17868 1.000 45.72927 ? 312 HOH A O    1 
HETATM 930 O  O    . HOH D 4 .   ? 11.89190  -3.72384  -11.68992 1.000 31.23195 ? 313 HOH A O    1 
HETATM 931 O  O    . HOH D 4 .   ? -1.98727  4.19649   6.69366   1.000 39.66953 ? 314 HOH A O    1 
HETATM 932 O  O    . HOH D 4 .   ? 9.12870   8.12439   -2.86844  1.000 22.80731 ? 315 HOH A O    1 
HETATM 933 O  O    . HOH D 4 .   ? -5.09049  -8.44742  6.60323   1.000 22.77727 ? 316 HOH A O    1 
HETATM 934 O  O    . HOH D 4 .   ? 7.11068   -4.37019  -6.33278  1.000 22.76981 ? 317 HOH A O    1 
HETATM 935 O  O    . HOH D 4 .   ? 3.93924   -5.37821  11.84313  1.000 30.60209 ? 318 HOH A O    1 
HETATM 936 O  O    . HOH D 4 .   ? 9.76673   21.89964  -2.95566  1.000 37.85820 ? 319 HOH A O    1 
HETATM 937 O  O    . HOH D 4 .   ? -10.54023 1.66808   19.79377  1.000 49.56045 ? 320 HOH A O    1 
HETATM 938 O  O    . HOH D 4 .   ? 10.86243  -14.32844 -6.89570  1.000 48.32565 ? 321 HOH A O    1 
HETATM 939 O  O    . HOH D 4 .   ? -12.07107 -0.52300  3.19077   0.50  43.78605 ? 322 HOH A O    1 
HETATM 940 O  O    . HOH D 4 .   ? 4.61037   -17.56540 -5.68535  1.000 41.18901 ? 323 HOH A O    1 
HETATM 941 O  O    . HOH D 4 .   ? 1.98231   -9.21472  -2.36579  1.000 32.32059 ? 324 HOH A O    1 
HETATM 942 O  O    . HOH D 4 .   ? 10.77627  2.08480   -6.43093  1.000 16.11535 ? 325 HOH A O    1 
HETATM 943 O  O    . HOH D 4 .   ? 6.20196   2.37686   -12.73350 1.000 13.58840 ? 326 HOH A O    1 
HETATM 944 O  O    . HOH D 4 .   ? 7.61412   13.93369  -7.31329  1.000 25.93004 ? 327 HOH A O    1 
HETATM 945 O  O    . HOH D 4 .   ? -21.00660 -10.18647 6.92468   1.000 43.08290 ? 328 HOH A O    1 
HETATM 946 O  O    . HOH D 4 .   ? -9.33905  7.63793   -2.09804  1.000 16.98991 ? 329 HOH A O    1 
HETATM 947 O  O    . HOH D 4 .   ? 12.38957  -5.50965  -8.45239  1.000 42.22442 ? 330 HOH A O    1 
HETATM 948 O  O    . HOH D 4 .   ? 13.66306  17.20840  -7.62104  1.000 18.05236 ? 331 HOH A O    1 
HETATM 949 O  O    . HOH D 4 .   ? 14.54155  0.29804   -0.31829  1.000 41.18170 ? 332 HOH A O    1 
HETATM 950 O  O    . HOH D 4 .   ? -0.44753  -4.48247  -0.29700  1.000 20.41521 ? 333 HOH A O    1 
HETATM 951 O  O    . HOH D 4 .   ? -5.42697  2.73793   11.42988  1.000 32.96340 ? 334 HOH A O    1 
HETATM 952 O  O    . HOH D 4 .   ? 3.12407   -18.98637 0.29965   1.000 50.58450 ? 335 HOH A O    1 
HETATM 953 O  O    . HOH D 4 .   ? 11.55434  -10.51223 -12.87297 1.000 42.05741 ? 336 HOH A O    1 
HETATM 954 O  O    . HOH D 4 .   ? 20.02066  9.55480   -13.05903 1.000 29.21265 ? 337 HOH A O    1 
HETATM 955 O  O    . HOH D 4 .   ? 11.63567  -13.27840 -4.54444  1.000 35.45712 ? 338 HOH A O    1 
HETATM 956 O  O    . HOH D 4 .   ? -7.45181  -9.89162  7.05452   1.000 29.96359 ? 339 HOH A O    1 
HETATM 957 O  O    . HOH D 4 .   ? 4.69645   4.80279   1.39563   1.000 26.58694 ? 340 HOH A O    1 
HETATM 958 O  O    . HOH D 4 .   ? 2.57700   -2.06658  12.77360  1.000 38.46315 ? 341 HOH A O    1 
HETATM 959 O  O    . HOH D 4 .   ? -8.46628  -8.61976  10.98878  1.000 40.07359 ? 342 HOH A O    1 
HETATM 960 O  O    . HOH D 4 .   ? -4.28135  -17.97869 -2.16207  1.000 48.15564 ? 343 HOH A O    1 
HETATM 961 O  O    . HOH D 4 .   ? -1.05354  -9.74024  -2.41386  1.000 31.39671 ? 344 HOH A O    1 
HETATM 962 O  O    . HOH D 4 .   ? -9.84714  -8.85522  7.99641   1.000 32.73991 ? 345 HOH A O    1 
HETATM 963 O  O    . HOH D 4 .   ? 10.52376  -10.66379 -7.71219  1.000 38.51794 ? 346 HOH A O    1 
HETATM 964 O  O    . HOH D 4 .   ? 21.48794  2.57555   -10.07889 1.000 41.21094 ? 347 HOH A O    1 
HETATM 965 O  O    . HOH D 4 .   ? 3.69227   -16.29630 -1.47030  1.000 30.69865 ? 348 HOH A O    1 
HETATM 966 O  O    . HOH D 4 .   ? 7.04157   4.99367   -0.00879  1.000 19.41765 ? 349 HOH A O    1 
HETATM 967 O  O    . HOH D 4 .   ? -6.05213  -8.71843  9.84407   1.000 32.11420 ? 350 HOH A O    1 
HETATM 968 O  O    . HOH D 4 .   ? 14.36395  -3.51376  -7.45168  1.000 26.64237 ? 351 HOH A O    1 
HETATM 969 O  O    . HOH D 4 .   ? 1.04923   -4.71725  -2.84338  1.000 21.16818 ? 352 HOH A O    1 
HETATM 970 O  O    . HOH D 4 .   ? -2.13236  -10.61633 6.55854   1.000 32.79318 ? 353 HOH A O    1 
HETATM 971 O  O    . HOH D 4 .   ? 21.75393  3.41513   -17.53819 1.000 46.94865 ? 354 HOH A O    1 
HETATM 972 O  O    . HOH D 4 .   ? -8.14548  8.33779   10.83957  1.000 50.96784 ? 355 HOH A O    1 
HETATM 973 O  O    . HOH D 4 .   ? 11.35294  0.37404   0.82590   1.000 25.85821 ? 356 HOH A O    1 
HETATM 974 O  O    . HOH D 4 .   ? -8.11944  10.07954  6.14383   1.000 46.98030 ? 357 HOH A O    1 
HETATM 975 O  O    . HOH D 4 .   ? -4.86684  8.08683   8.08777   1.000 40.58617 ? 358 HOH A O    1 
HETATM 976 O  O    . HOH D 4 .   ? 5.47925   -5.65783  -4.19941  1.000 30.27976 ? 359 HOH A O    1 
HETATM 977 O  O    . HOH D 4 .   ? 14.77862  -3.69604  -0.90503  1.000 28.01370 ? 360 HOH A O    1 
HETATM 978 O  O    . HOH D 4 .   ? 6.72122   17.29143  -7.38899  1.000 46.12252 ? 361 HOH A O    1 
HETATM 979 O  O    . HOH D 4 .   ? -16.09001 -18.12578 8.26910   1.000 54.75993 ? 362 HOH A O    1 
HETATM 980 O  O    . HOH D 4 .   ? -28.74661 -5.09407  10.62915  1.000 33.43970 ? 363 HOH A O    1 
HETATM 981 O  O    . HOH D 4 .   ? -1.78164  -7.28023  -3.02126  1.000 43.97680 ? 364 HOH A O    1 
HETATM 982 O  O    . HOH D 4 .   ? -1.93233  -13.49885 6.19075   1.000 40.63524 ? 365 HOH A O    1 
HETATM 983 O  O    . HOH D 4 .   ? 2.18467   0.73479   12.25025  1.000 55.32002 ? 366 HOH A O    1 
HETATM 984 O  O    . HOH D 4 .   ? 8.10622   7.35084   -0.56608  1.000 29.25656 ? 367 HOH A O    1 
HETATM 985 O  O    . HOH D 4 .   ? 2.88052   -6.65832  -3.67792  1.000 28.36275 ? 368 HOH A O    1 
HETATM 986 O  O    . HOH D 4 .   ? 12.28921  -2.21982  -14.55541 1.000 38.64848 ? 369 HOH A O    1 
HETATM 987 O  O    . HOH D 4 .   ? -7.91216  9.97465   -1.97182  1.000 35.16191 ? 370 HOH A O    1 
HETATM 988 O  O    . HOH D 4 .   ? 14.10115  -4.06377  -9.95805  1.000 39.35235 ? 371 HOH A O    1 
HETATM 989 O  O    . HOH D 4 .   ? 2.14550   -21.33708 1.93821   1.000 52.14658 ? 372 HOH A O    1 
# 
